data_5DI9
#
_entry.id   5DI9
#
_cell.length_a   106.692
_cell.length_b   106.692
_cell.length_c   304.497
_cell.angle_alpha   90.000
_cell.angle_beta   90.000
_cell.angle_gamma   90.000
#
_symmetry.space_group_name_H-M   'P 43 21 2'
#
loop_
_entity.id
_entity.type
_entity.pdbx_description
1 polymer 'GTP-binding nuclear protein Ran'
2 polymer 'Ran-specific GTPase-activating protein 1'
3 polymer Exportin-1
4 polymer 'Engineered Nuclear Export Signal Peptide (hRio2 NES reverse mutant)'
5 non-polymer 'PHOSPHOAMINOPHOSPHONIC ACID-GUANYLATE ESTER'
6 non-polymer 'MAGNESIUM ION'
7 non-polymer GLYCEROL
8 non-polymer 'ZINC ION'
9 non-polymer 'CHLORIDE ION'
10 water water
#
loop_
_entity_poly.entity_id
_entity_poly.type
_entity_poly.pdbx_seq_one_letter_code
_entity_poly.pdbx_strand_id
1 'polypeptide(L)'
;METGSSHHHHHHSSGLPRGSHMAAQGEPQVQFKLVLVGDGGTGKTTFVKRHLTGEFEKKYVATLGVEVHPLVFHTNRGPI
KFNVWDTAGQEKFGGLRDGYYIQAQCAIIMFDVTSRVTYKNVPNWHRDLVRVCENIPIVLCGNKVDIKDRKVKAKSIVFH
RKKNLQYYDISAKSNYNFEKPFLWLARKLIGDPNLEFVAMPALAPPEVVMDPALAAQYEHDLEVAQTTALPDEDDDL
;
A
2 'polypeptide(L)'
;GGSDIHFEPVVHLEKVDVKTMEEDEEVLYKVRAKLFRFDADAKEWKERGTGDCKFLKNKKTNKVRILMRRDKTLKICANH
IIAPEYTLKPNVGSDRSWVYACTADIAEGEAEAFTFAIRFGSKENADKFKEEFEKAQEINKKA
;
B
3 'polypeptide(L)'
;GGSMEGILDFSNDLDIALLDQVVSTFYQGSGVQQKQAQEILTKFQDNPDAWQKADQILQFSTNPQSKFIALSILDKLITR
KWKLLPNDHRIGIRNFVVGMIISMCQDDEVFKTQKNLINKSDLTLVQILKQEWPQNWPEFIPELIGSSSSSVNVCENNMI
VLKLLSEEVFDFSAEQMTQAKALHLKNSMSKEFEQIFKLCFQVLEQGSSSSLIVATLESLLRYLHWIPYRYIYETNILEL
LSTKFMTSPDTRAITLKCLTEVSNLKIPQDNDLIKRQTVLFFQNTLQQIATSVMPVTADLKATYANANGNDQSFLQDLAM
FLTTYLARNRALLESDESLRELLLNAHQYLIQLSKIEERELFKTTLDYWHNLVADLFYEPLKKHIYEEICSQLRLVIIEN
MVRPEEDLVVENDEGEIVREFVKESDTIQLYKSEREVLVYLTHLNVIDTEEIMISKLARQIDGSEWSWHNINTLSWAIGS
ISGTMSEDTEKRFVVTVIKDLLGLCEQKRGKDNKAVVASDIMYVVGQYPRFLKAHWNFLRTVILKLFEFMHETHEGVQDM
ACDTFIKIVQKCKYHFVIQQPRESEPFIQTIIRDIQKTTADLQPQQVHTFYKACGIIISEERSVAERNRLLSDLMQLPNM
AWDTIVEQSTANPTLLLDSETVKIIANIIKTNVAVCTSMGADFYPQLGHIYYNMLQLYRAVSSMISAQVAAEGLIATKTP
KVRGLRTIKKEILKLVETYISKARNLDDVVKVLVEPLLNAVLEDYMNNVPDARDAEVLNCMTTVVEKVGHMIPQGVILIL
QSVFECTLDMINKDFTEYPEHRVEFYKLLKVINEKSFAAFLELPPAAFKLFVDAICWAFKHNNRDVEVNGLQIALDLVKN
IERMGNVPFANEFHKNYFFIFVSETFFVLTDSDHKSGFSKQALLLMKLISLVYDNKISVPLYQEAEVPQGTSNQVYLSQY
LANMLSNAFPHLTSEQIASFLSALTKQCKDLVVFKGTLRDFLVQIKEVGGDPTDYLFAEDKENA
;
C
4 'polypeptide(L)' GGSYGKIEELAQNFET(MSE)EFSR D
#
# COMPACT_ATOMS: atom_id res chain seq x y z
N VAL A 30 17.54 24.87 13.74
CA VAL A 30 16.20 24.27 13.73
C VAL A 30 16.19 22.98 12.92
N GLN A 31 16.90 21.96 13.40
CA GLN A 31 16.90 20.66 12.74
C GLN A 31 16.41 19.53 13.66
N PHE A 32 15.70 18.57 13.06
CA PHE A 32 15.12 17.47 13.82
C PHE A 32 15.56 16.12 13.24
N LYS A 33 15.95 15.20 14.13
CA LYS A 33 16.37 13.87 13.67
C LYS A 33 15.13 13.02 13.42
N LEU A 34 15.07 12.46 12.22
CA LEU A 34 13.98 11.56 11.82
C LEU A 34 14.55 10.20 11.47
N VAL A 35 14.01 9.15 12.07
CA VAL A 35 14.40 7.80 11.69
C VAL A 35 13.31 7.19 10.84
N LEU A 36 13.73 6.56 9.75
CA LEU A 36 12.85 5.93 8.80
C LEU A 36 13.10 4.42 8.86
N VAL A 37 12.07 3.65 9.20
CA VAL A 37 12.22 2.21 9.39
C VAL A 37 11.12 1.41 8.71
N GLY A 38 11.39 0.14 8.41
CA GLY A 38 10.42 -0.74 7.77
C GLY A 38 11.10 -1.81 6.97
N ASP A 39 10.33 -2.82 6.56
CA ASP A 39 10.88 -3.98 5.87
C ASP A 39 11.65 -3.59 4.61
N GLY A 40 12.55 -4.48 4.17
CA GLY A 40 13.33 -4.24 2.98
C GLY A 40 12.39 -4.19 1.79
N GLY A 41 12.62 -3.23 0.90
CA GLY A 41 11.90 -3.13 -0.36
C GLY A 41 10.60 -2.37 -0.29
N THR A 42 10.34 -1.76 0.85
CA THR A 42 9.05 -1.07 1.06
C THR A 42 9.05 0.33 0.43
N GLY A 43 10.23 0.88 0.13
CA GLY A 43 10.34 2.14 -0.61
C GLY A 43 10.83 3.32 0.20
N LYS A 44 11.50 3.02 1.32
CA LYS A 44 11.99 4.06 2.22
C LYS A 44 13.00 4.98 1.52
N THR A 45 13.99 4.37 0.86
CA THR A 45 15.05 5.14 0.23
C THR A 45 14.51 5.89 -0.99
N THR A 46 13.67 5.21 -1.76
CA THR A 46 13.05 5.79 -2.95
C THR A 46 12.25 7.02 -2.57
N PHE A 47 11.58 6.93 -1.42
CA PHE A 47 10.72 8.00 -0.90
C PHE A 47 11.55 9.23 -0.56
N VAL A 48 12.64 9.03 0.16
CA VAL A 48 13.50 10.14 0.55
C VAL A 48 14.17 10.76 -0.69
N LYS A 49 14.60 9.91 -1.62
CA LYS A 49 15.23 10.39 -2.87
C LYS A 49 14.31 11.30 -3.64
N ARG A 50 13.03 10.92 -3.71
CA ARG A 50 12.02 11.73 -4.37
C ARG A 50 12.02 13.13 -3.76
N HIS A 51 12.04 13.18 -2.44
CA HIS A 51 12.03 14.46 -1.71
C HIS A 51 13.34 15.23 -1.85
N LEU A 52 14.45 14.51 -2.03
CA LEU A 52 15.76 15.16 -2.09
C LEU A 52 16.08 15.75 -3.45
N THR A 53 15.75 15.03 -4.52
CA THR A 53 16.13 15.42 -5.88
C THR A 53 14.96 15.50 -6.85
N GLY A 54 13.84 14.86 -6.50
CA GLY A 54 12.68 14.82 -7.37
C GLY A 54 12.60 13.58 -8.24
N GLU A 55 13.69 12.79 -8.25
CA GLU A 55 13.75 11.59 -9.08
C GLU A 55 12.95 10.43 -8.50
N PHE A 56 12.59 9.49 -9.38
CA PHE A 56 12.06 8.20 -8.94
C PHE A 56 13.05 7.11 -9.34
N GLU A 57 13.67 6.49 -8.34
CA GLU A 57 14.63 5.41 -8.59
C GLU A 57 13.90 4.09 -8.76
N LYS A 58 14.00 3.51 -9.95
CA LYS A 58 13.33 2.24 -10.27
C LYS A 58 14.05 1.02 -9.68
N LYS A 59 15.37 1.09 -9.59
CA LYS A 59 16.17 -0.04 -9.12
C LYS A 59 16.11 -0.20 -7.59
N TYR A 60 16.22 -1.43 -7.13
CA TYR A 60 16.30 -1.74 -5.71
C TYR A 60 17.75 -2.00 -5.32
N VAL A 61 18.39 -0.98 -4.77
CA VAL A 61 19.71 -1.13 -4.16
C VAL A 61 19.52 -1.04 -2.65
N ALA A 62 19.70 -2.16 -1.97
CA ALA A 62 19.44 -2.25 -0.54
C ALA A 62 20.35 -1.31 0.26
N THR A 63 19.74 -0.52 1.13
CA THR A 63 20.51 0.32 2.04
C THR A 63 21.33 -0.54 2.97
N LEU A 64 22.58 -0.13 3.21
CA LEU A 64 23.48 -0.86 4.10
C LEU A 64 23.66 -0.10 5.40
N GLY A 65 23.02 -0.57 6.46
CA GLY A 65 23.08 0.09 7.74
C GLY A 65 22.16 1.29 7.77
N VAL A 66 22.69 2.45 7.36
CA VAL A 66 21.91 3.68 7.33
C VAL A 66 22.54 4.68 6.37
N GLU A 67 21.71 5.55 5.81
CA GLU A 67 22.18 6.74 5.12
C GLU A 67 21.50 7.97 5.71
N VAL A 68 22.31 8.98 6.03
CA VAL A 68 21.81 10.22 6.58
C VAL A 68 21.70 11.28 5.49
N HIS A 69 20.55 11.94 5.42
CA HIS A 69 20.30 12.97 4.40
C HIS A 69 19.60 14.18 5.00
N PRO A 70 20.25 15.36 4.96
CA PRO A 70 19.52 16.56 5.34
C PRO A 70 18.38 16.88 4.38
N LEU A 71 17.22 17.24 4.92
CA LEU A 71 16.06 17.58 4.10
C LEU A 71 15.34 18.81 4.67
N VAL A 72 15.28 19.87 3.87
CA VAL A 72 14.75 21.15 4.30
C VAL A 72 13.43 21.47 3.63
N PHE A 73 12.46 21.92 4.43
CA PHE A 73 11.18 22.39 3.90
C PHE A 73 10.99 23.84 4.27
N HIS A 74 10.37 24.59 3.38
CA HIS A 74 10.07 25.99 3.63
C HIS A 74 8.63 26.13 4.09
N THR A 75 8.45 26.73 5.26
CA THR A 75 7.14 26.90 5.84
C THR A 75 6.87 28.36 6.16
N ASN A 76 5.61 28.66 6.48
CA ASN A 76 5.23 30.00 6.92
C ASN A 76 5.77 30.32 8.30
N ARG A 77 6.44 29.34 8.93
CA ARG A 77 7.12 29.57 10.19
C ARG A 77 8.64 29.55 10.01
N GLY A 78 9.09 29.67 8.76
CA GLY A 78 10.50 29.60 8.45
C GLY A 78 10.90 28.21 8.03
N PRO A 79 12.17 28.00 7.70
CA PRO A 79 12.62 26.68 7.25
C PRO A 79 12.70 25.66 8.37
N ILE A 80 12.34 24.43 8.07
CA ILE A 80 12.48 23.33 9.02
C ILE A 80 13.39 22.27 8.39
N LYS A 81 14.36 21.80 9.17
CA LYS A 81 15.35 20.86 8.66
C LYS A 81 15.15 19.49 9.30
N PHE A 82 14.99 18.48 8.48
CA PHE A 82 14.96 17.10 8.92
C PHE A 82 16.30 16.44 8.63
N ASN A 83 16.94 15.90 9.65
CA ASN A 83 18.06 14.98 9.43
C ASN A 83 17.53 13.57 9.31
N VAL A 84 17.36 13.11 8.08
CA VAL A 84 16.70 11.84 7.82
C VAL A 84 17.68 10.67 7.90
N TRP A 85 17.48 9.81 8.88
CA TRP A 85 18.23 8.57 9.01
C TRP A 85 17.46 7.45 8.31
N ASP A 86 17.84 7.16 7.07
CA ASP A 86 17.19 6.15 6.26
C ASP A 86 17.85 4.81 6.58
N THR A 87 17.17 3.97 7.36
CA THR A 87 17.78 2.72 7.81
C THR A 87 17.47 1.52 6.91
N ALA A 88 18.28 0.47 7.07
CA ALA A 88 18.13 -0.75 6.31
C ALA A 88 17.01 -1.62 6.88
N GLY A 89 16.16 -2.13 5.99
CA GLY A 89 15.10 -3.03 6.36
C GLY A 89 15.46 -4.51 6.33
N GLN A 90 16.41 -4.89 5.48
CA GLN A 90 16.87 -6.28 5.42
C GLN A 90 17.75 -6.58 6.63
N GLU A 91 17.50 -7.72 7.26
CA GLU A 91 18.20 -8.07 8.49
C GLU A 91 19.70 -8.24 8.27
N LYS A 92 20.09 -8.82 7.14
CA LYS A 92 21.50 -9.05 6.86
C LYS A 92 22.27 -7.74 6.62
N PHE A 93 21.54 -6.64 6.46
CA PHE A 93 22.14 -5.33 6.26
C PHE A 93 21.76 -4.38 7.38
N GLY A 94 21.26 -4.94 8.49
CA GLY A 94 20.69 -4.16 9.56
C GLY A 94 21.63 -3.16 10.21
N GLY A 95 22.91 -3.48 10.27
CA GLY A 95 23.89 -2.62 10.90
C GLY A 95 23.63 -2.49 12.39
N LEU A 96 23.65 -1.26 12.88
CA LEU A 96 23.48 -0.97 14.29
C LEU A 96 22.05 -1.11 14.77
N ARG A 97 21.13 -1.32 13.83
CA ARG A 97 19.72 -1.56 14.13
C ARG A 97 19.14 -0.50 15.05
N ASP A 98 18.71 -0.87 16.26
CA ASP A 98 18.01 0.09 17.09
C ASP A 98 18.96 1.15 17.64
N GLY A 99 20.26 0.98 17.40
CA GLY A 99 21.25 1.99 17.75
C GLY A 99 21.07 3.26 16.93
N TYR A 100 20.43 3.14 15.77
CA TYR A 100 20.17 4.30 14.93
C TYR A 100 19.07 5.18 15.51
N TYR A 101 18.31 4.66 16.48
CA TYR A 101 17.11 5.37 16.94
C TYR A 101 17.42 6.39 18.04
N ILE A 102 18.60 6.27 18.65
CA ILE A 102 18.93 7.09 19.81
C ILE A 102 18.79 8.58 19.50
N GLN A 103 18.04 9.27 20.36
CA GLN A 103 17.82 10.72 20.25
C GLN A 103 17.09 11.14 18.97
N ALA A 104 16.39 10.21 18.32
CA ALA A 104 15.47 10.59 17.25
C ALA A 104 14.33 11.43 17.84
N GLN A 105 13.86 12.42 17.11
CA GLN A 105 12.78 13.28 17.58
C GLN A 105 11.48 13.01 16.82
N CYS A 106 11.56 12.19 15.78
CA CYS A 106 10.37 11.77 15.05
C CYS A 106 10.70 10.55 14.20
N ALA A 107 9.69 9.92 13.62
CA ALA A 107 9.94 8.74 12.83
C ALA A 107 8.83 8.49 11.82
N ILE A 108 9.20 7.75 10.77
CA ILE A 108 8.24 7.21 9.83
C ILE A 108 8.45 5.70 9.81
N ILE A 109 7.36 4.96 10.00
CA ILE A 109 7.36 3.53 9.79
C ILE A 109 6.70 3.26 8.43
N MET A 110 7.36 2.46 7.61
N MET A 110 7.36 2.48 7.58
CA MET A 110 6.94 2.21 6.23
CA MET A 110 6.87 2.25 6.22
C MET A 110 6.59 0.74 6.03
C MET A 110 6.63 0.78 5.94
N PHE A 111 5.52 0.49 5.28
CA PHE A 111 5.25 -0.85 4.79
C PHE A 111 4.72 -0.74 3.36
N ASP A 112 4.44 -1.90 2.77
CA ASP A 112 4.11 -1.98 1.35
C ASP A 112 2.72 -2.61 1.23
N VAL A 113 1.77 -1.87 0.66
CA VAL A 113 0.39 -2.36 0.66
C VAL A 113 0.23 -3.52 -0.33
N THR A 114 1.27 -3.82 -1.09
CA THR A 114 1.22 -4.97 -2.01
C THR A 114 1.89 -6.19 -1.38
N SER A 115 2.33 -6.05 -0.13
CA SER A 115 3.00 -7.13 0.57
C SER A 115 2.54 -7.22 2.02
N ARG A 116 1.70 -8.20 2.31
CA ARG A 116 1.11 -8.38 3.65
C ARG A 116 2.14 -8.57 4.75
N VAL A 117 3.21 -9.31 4.45
CA VAL A 117 4.23 -9.55 5.45
C VAL A 117 4.83 -8.22 5.94
N THR A 118 4.95 -7.22 5.07
CA THR A 118 5.54 -5.95 5.50
C THR A 118 4.61 -5.25 6.50
N TYR A 119 3.30 -5.48 6.40
CA TYR A 119 2.37 -4.89 7.38
C TYR A 119 2.41 -5.68 8.68
N LYS A 120 2.53 -7.00 8.55
CA LYS A 120 2.64 -7.89 9.70
C LYS A 120 3.84 -7.56 10.59
N ASN A 121 4.90 -7.00 9.99
CA ASN A 121 6.10 -6.64 10.73
C ASN A 121 6.09 -5.23 11.30
N VAL A 122 5.06 -4.45 11.00
CA VAL A 122 4.96 -3.07 11.53
C VAL A 122 5.00 -3.04 13.06
N PRO A 123 4.29 -3.96 13.73
CA PRO A 123 4.38 -3.96 15.20
C PRO A 123 5.77 -4.25 15.72
N ASN A 124 6.58 -5.02 14.97
CA ASN A 124 7.93 -5.33 15.38
C ASN A 124 8.85 -4.10 15.24
N TRP A 125 8.72 -3.37 14.14
CA TRP A 125 9.50 -2.13 13.98
C TRP A 125 9.08 -1.10 15.03
N HIS A 126 7.78 -0.94 15.23
CA HIS A 126 7.25 0.03 16.21
C HIS A 126 7.80 -0.27 17.60
N ARG A 127 7.83 -1.55 17.96
CA ARG A 127 8.34 -2.01 19.24
C ARG A 127 9.79 -1.62 19.47
N ASP A 128 10.64 -1.95 18.51
CA ASP A 128 12.06 -1.66 18.62
C ASP A 128 12.27 -0.14 18.66
N LEU A 129 11.36 0.58 18.01
CA LEU A 129 11.49 2.03 17.91
C LEU A 129 11.12 2.72 19.22
N VAL A 130 9.95 2.42 19.76
CA VAL A 130 9.46 3.17 20.93
C VAL A 130 10.12 2.72 22.22
N ARG A 131 10.89 1.63 22.16
CA ARG A 131 11.65 1.21 23.32
C ARG A 131 12.80 2.17 23.53
N VAL A 132 13.36 2.66 22.43
CA VAL A 132 14.43 3.68 22.47
C VAL A 132 13.87 5.10 22.52
N CYS A 133 12.79 5.35 21.77
CA CYS A 133 12.14 6.67 21.67
C CYS A 133 10.72 6.65 22.26
N GLU A 134 10.61 6.91 23.56
CA GLU A 134 9.38 6.62 24.31
C GLU A 134 8.22 7.58 24.01
N ASN A 135 8.54 8.79 23.57
CA ASN A 135 7.52 9.79 23.28
C ASN A 135 7.89 10.70 22.12
N ILE A 136 7.66 10.23 20.90
CA ILE A 136 7.91 11.03 19.71
C ILE A 136 6.77 10.90 18.72
N PRO A 137 6.55 11.94 17.91
CA PRO A 137 5.59 11.81 16.82
C PRO A 137 6.04 10.79 15.77
N ILE A 138 5.16 9.84 15.45
CA ILE A 138 5.42 8.78 14.48
C ILE A 138 4.32 8.74 13.43
N VAL A 139 4.73 8.65 12.16
CA VAL A 139 3.82 8.47 11.04
C VAL A 139 3.96 7.06 10.47
N LEU A 140 2.83 6.40 10.26
CA LEU A 140 2.82 5.09 9.60
C LEU A 140 2.41 5.27 8.14
N CYS A 141 3.24 4.78 7.22
CA CYS A 141 2.99 4.99 5.79
C CYS A 141 2.84 3.67 5.05
N GLY A 142 1.74 3.54 4.31
CA GLY A 142 1.52 2.38 3.46
C GLY A 142 1.85 2.80 2.06
N ASN A 143 3.04 2.40 1.60
CA ASN A 143 3.53 2.84 0.29
C ASN A 143 3.05 1.96 -0.87
N LYS A 144 3.20 2.47 -2.08
CA LYS A 144 2.92 1.77 -3.32
C LYS A 144 1.43 1.61 -3.61
N VAL A 145 0.60 2.57 -3.20
CA VAL A 145 -0.84 2.50 -3.50
C VAL A 145 -1.13 2.75 -4.98
N ASP A 146 -0.08 3.03 -5.75
CA ASP A 146 -0.22 3.18 -7.21
C ASP A 146 -0.47 1.85 -7.89
N ILE A 147 -0.06 0.77 -7.25
CA ILE A 147 -0.18 -0.57 -7.83
C ILE A 147 -1.61 -1.10 -7.70
N LYS A 148 -2.18 -1.51 -8.83
CA LYS A 148 -3.57 -1.97 -8.88
C LYS A 148 -3.90 -3.07 -7.87
N ASP A 149 -3.09 -4.12 -7.87
CA ASP A 149 -3.39 -5.30 -7.05
C ASP A 149 -2.93 -5.11 -5.60
N ARG A 150 -3.66 -4.26 -4.87
CA ARG A 150 -3.40 -4.00 -3.46
C ARG A 150 -3.77 -5.19 -2.56
N LYS A 151 -2.86 -5.57 -1.66
CA LYS A 151 -3.03 -6.78 -0.85
C LYS A 151 -3.42 -6.46 0.59
N VAL A 152 -2.89 -5.37 1.12
CA VAL A 152 -3.23 -4.91 2.45
C VAL A 152 -4.39 -3.92 2.37
N LYS A 153 -5.61 -4.42 2.52
CA LYS A 153 -6.78 -3.57 2.36
C LYS A 153 -6.87 -2.51 3.44
N ALA A 154 -7.42 -1.37 3.07
CA ALA A 154 -7.53 -0.21 3.94
C ALA A 154 -8.16 -0.54 5.28
N LYS A 155 -9.18 -1.38 5.26
CA LYS A 155 -9.90 -1.70 6.47
C LYS A 155 -9.09 -2.60 7.41
N SER A 156 -8.04 -3.22 6.88
CA SER A 156 -7.17 -4.08 7.70
C SER A 156 -6.17 -3.25 8.49
N ILE A 157 -5.93 -2.03 8.03
CA ILE A 157 -4.91 -1.18 8.61
C ILE A 157 -5.47 -0.40 9.80
N VAL A 158 -5.22 -0.91 11.00
CA VAL A 158 -5.74 -0.32 12.23
C VAL A 158 -4.70 -0.24 13.35
N PHE A 159 -3.48 -0.71 13.10
CA PHE A 159 -2.44 -0.78 14.13
C PHE A 159 -2.13 0.58 14.76
N HIS A 160 -2.18 1.62 13.94
CA HIS A 160 -1.88 2.97 14.38
C HIS A 160 -2.82 3.52 15.45
N ARG A 161 -4.01 2.92 15.57
CA ARG A 161 -5.06 3.50 16.40
C ARG A 161 -4.68 3.53 17.87
N LYS A 162 -4.37 2.37 18.43
CA LYS A 162 -4.03 2.33 19.84
C LYS A 162 -2.65 2.92 20.13
N LYS A 163 -1.80 3.05 19.11
CA LYS A 163 -0.44 3.56 19.28
C LYS A 163 -0.30 5.04 18.97
N ASN A 164 -1.42 5.68 18.62
CA ASN A 164 -1.46 7.11 18.35
C ASN A 164 -0.51 7.52 17.24
N LEU A 165 -0.37 6.68 16.23
CA LEU A 165 0.41 7.02 15.06
C LEU A 165 -0.50 7.70 14.05
N GLN A 166 0.04 8.64 13.29
CA GLN A 166 -0.67 9.18 12.13
C GLN A 166 -0.52 8.17 11.01
N TYR A 167 -1.56 8.00 10.19
CA TYR A 167 -1.47 7.06 9.07
C TYR A 167 -1.72 7.76 7.73
N TYR A 168 -0.91 7.41 6.73
CA TYR A 168 -1.16 7.86 5.36
C TYR A 168 -0.91 6.77 4.34
N ASP A 169 -1.87 6.61 3.42
CA ASP A 169 -1.62 5.96 2.14
C ASP A 169 -0.65 6.87 1.38
N ILE A 170 0.47 6.34 0.90
CA ILE A 170 1.35 7.12 0.04
C ILE A 170 1.85 6.31 -1.17
N SER A 171 2.37 7.02 -2.16
CA SER A 171 3.08 6.40 -3.28
C SER A 171 4.24 7.30 -3.69
N ALA A 172 5.46 6.79 -3.54
CA ALA A 172 6.63 7.56 -4.00
C ALA A 172 6.61 7.66 -5.51
N LYS A 173 5.90 6.74 -6.18
CA LYS A 173 5.88 6.74 -7.64
C LYS A 173 4.91 7.77 -8.22
N SER A 174 3.71 7.88 -7.65
CA SER A 174 2.72 8.82 -8.17
C SER A 174 2.70 10.10 -7.36
N ASN A 175 3.53 10.15 -6.31
CA ASN A 175 3.58 11.26 -5.37
C ASN A 175 2.30 11.44 -4.57
N TYR A 176 1.42 10.44 -4.58
CA TYR A 176 0.19 10.49 -3.77
C TYR A 176 0.53 10.67 -2.27
N ASN A 177 0.08 11.77 -1.68
CA ASN A 177 0.31 12.10 -0.27
C ASN A 177 1.78 12.14 0.15
N PHE A 178 2.69 12.28 -0.80
CA PHE A 178 4.11 12.10 -0.49
C PHE A 178 4.62 13.17 0.47
N GLU A 179 3.93 14.31 0.50
CA GLU A 179 4.33 15.43 1.36
C GLU A 179 3.69 15.38 2.75
N LYS A 180 2.63 14.59 2.90
CA LYS A 180 1.83 14.57 4.12
C LYS A 180 2.62 14.18 5.36
N PRO A 181 3.47 13.15 5.26
CA PRO A 181 4.20 12.74 6.47
C PRO A 181 5.05 13.86 7.05
N PHE A 182 5.72 14.62 6.18
CA PHE A 182 6.63 15.66 6.65
C PHE A 182 5.86 16.87 7.13
N LEU A 183 4.73 17.14 6.49
CA LEU A 183 3.88 18.24 6.92
C LEU A 183 3.30 17.99 8.33
N TRP A 184 2.79 16.78 8.55
CA TRP A 184 2.23 16.42 9.86
C TRP A 184 3.31 16.49 10.94
N LEU A 185 4.49 15.96 10.62
CA LEU A 185 5.59 15.93 11.58
C LEU A 185 6.08 17.35 11.87
N ALA A 186 6.14 18.19 10.85
CA ALA A 186 6.54 19.58 11.02
C ALA A 186 5.61 20.27 12.00
N ARG A 187 4.32 19.99 11.87
CA ARG A 187 3.33 20.61 12.73
C ARG A 187 3.49 20.18 14.19
N LYS A 188 3.70 18.89 14.40
CA LYS A 188 3.91 18.36 15.75
C LYS A 188 5.19 18.90 16.40
N LEU A 189 6.26 18.97 15.64
CA LEU A 189 7.58 19.35 16.16
C LEU A 189 7.71 20.85 16.45
N ILE A 190 7.03 21.66 15.65
CA ILE A 190 7.00 23.11 15.82
C ILE A 190 5.90 23.54 16.78
N GLY A 191 4.86 22.72 16.91
CA GLY A 191 3.74 23.04 17.79
C GLY A 191 2.74 24.01 17.20
N ASP A 192 2.62 23.98 15.87
CA ASP A 192 1.71 24.87 15.16
C ASP A 192 0.85 24.05 14.21
N PRO A 193 -0.43 23.83 14.58
CA PRO A 193 -1.28 23.01 13.70
C PRO A 193 -1.58 23.71 12.37
N ASN A 194 -1.33 25.01 12.32
CA ASN A 194 -1.59 25.81 11.12
C ASN A 194 -0.36 26.02 10.23
N LEU A 195 0.75 25.35 10.56
CA LEU A 195 1.94 25.43 9.75
C LEU A 195 1.66 24.91 8.34
N GLU A 196 2.18 25.62 7.33
CA GLU A 196 1.96 25.26 5.94
C GLU A 196 3.27 25.33 5.17
N PHE A 197 3.45 24.45 4.19
CA PHE A 197 4.54 24.60 3.24
C PHE A 197 4.27 25.82 2.35
N VAL A 198 5.29 26.64 2.13
CA VAL A 198 5.16 27.81 1.28
C VAL A 198 6.24 27.82 0.21
N ALA A 199 6.04 28.68 -0.80
CA ALA A 199 6.94 28.75 -1.94
C ALA A 199 8.21 29.51 -1.60
N MET A 200 9.34 28.80 -1.68
CA MET A 200 10.65 29.40 -1.48
C MET A 200 10.86 30.56 -2.45
N PRO A 201 11.64 31.58 -2.04
CA PRO A 201 11.88 32.74 -2.91
C PRO A 201 12.65 32.39 -4.19
N ALA A 202 12.21 32.93 -5.32
CA ALA A 202 12.82 32.64 -6.62
C ALA A 202 13.68 33.79 -7.11
N LEU A 203 14.98 33.73 -6.83
CA LEU A 203 15.90 34.80 -7.23
C LEU A 203 15.98 34.96 -8.74
N ALA A 204 16.42 36.13 -9.19
CA ALA A 204 16.59 36.37 -10.62
C ALA A 204 17.80 35.57 -11.10
N PRO A 205 17.62 34.73 -12.14
CA PRO A 205 18.73 33.93 -12.64
C PRO A 205 19.74 34.74 -13.46
N PRO A 206 21.01 34.31 -13.52
CA PRO A 206 22.07 35.05 -14.20
C PRO A 206 22.01 34.95 -15.72
N GLU A 207 22.66 35.88 -16.41
CA GLU A 207 22.74 35.86 -17.87
C GLU A 207 23.80 34.88 -18.35
N VAL A 208 23.71 34.53 -19.63
CA VAL A 208 24.53 33.47 -20.20
C VAL A 208 25.59 34.02 -21.13
N VAL A 209 26.80 33.49 -21.00
CA VAL A 209 27.90 33.83 -21.89
C VAL A 209 28.83 32.62 -22.03
N MET A 210 28.33 31.57 -22.65
CA MET A 210 29.12 30.35 -22.83
C MET A 210 30.20 30.54 -23.89
N ASP A 211 31.45 30.24 -23.54
CA ASP A 211 32.57 30.41 -24.45
C ASP A 211 32.48 29.39 -25.60
N PRO A 212 32.95 29.78 -26.80
CA PRO A 212 32.90 28.86 -27.94
C PRO A 212 33.76 27.61 -27.72
N ALA A 213 34.65 27.65 -26.72
CA ALA A 213 35.59 26.56 -26.48
C ALA A 213 34.89 25.32 -25.88
N LEU A 214 33.60 25.43 -25.63
CA LEU A 214 32.80 24.30 -25.12
C LEU A 214 31.58 24.05 -26.02
N ALA A 215 31.59 24.68 -27.19
CA ALA A 215 30.48 24.56 -28.14
C ALA A 215 30.39 23.15 -28.72
N ALA A 216 31.55 22.53 -28.91
CA ALA A 216 31.62 21.15 -29.41
C ALA A 216 31.44 20.14 -28.27
N GLN A 217 31.75 20.57 -27.06
CA GLN A 217 31.63 19.71 -25.88
C GLN A 217 30.16 19.49 -25.49
N TYR A 218 29.40 20.58 -25.36
CA TYR A 218 28.00 20.48 -24.98
C TYR A 218 27.18 19.86 -26.10
N GLU A 219 27.66 19.96 -27.34
CA GLU A 219 26.94 19.40 -28.47
C GLU A 219 27.06 17.88 -28.49
N HIS A 220 28.12 17.37 -27.88
CA HIS A 220 28.31 15.93 -27.70
C HIS A 220 27.35 15.39 -26.65
N ASP A 221 27.31 16.06 -25.51
CA ASP A 221 26.47 15.65 -24.38
C ASP A 221 24.98 15.79 -24.73
N LEU A 222 24.68 16.66 -25.69
CA LEU A 222 23.30 16.90 -26.13
C LEU A 222 22.83 15.81 -27.09
N GLU A 223 23.76 15.28 -27.88
CA GLU A 223 23.42 14.25 -28.84
C GLU A 223 23.10 12.94 -28.13
N VAL A 224 23.82 12.65 -27.04
CA VAL A 224 23.56 11.46 -26.23
C VAL A 224 22.20 11.57 -25.53
N ALA A 225 21.93 12.76 -25.01
CA ALA A 225 20.69 13.03 -24.32
C ALA A 225 19.47 12.82 -25.22
N GLN A 226 19.56 13.32 -26.46
CA GLN A 226 18.47 13.19 -27.43
C GLN A 226 18.20 11.74 -27.81
N THR A 227 19.26 10.95 -27.95
CA THR A 227 19.13 9.57 -28.42
C THR A 227 18.87 8.58 -27.28
N THR A 228 18.80 9.09 -26.05
CA THR A 228 18.38 8.28 -24.91
C THR A 228 16.92 8.61 -24.59
N ALA A 229 16.05 7.60 -24.70
CA ALA A 229 14.62 7.80 -24.55
C ALA A 229 14.24 8.24 -23.14
N LEU A 230 13.27 9.14 -23.04
CA LEU A 230 12.72 9.51 -21.74
C LEU A 230 11.99 8.30 -21.16
N PRO A 231 12.03 8.13 -19.83
CA PRO A 231 11.34 7.00 -19.21
C PRO A 231 9.84 7.23 -19.11
N ASP A 232 9.08 6.15 -18.96
CA ASP A 232 7.66 6.20 -18.66
C ASP A 232 6.88 7.10 -19.62
N GLU A 233 7.00 6.81 -20.90
CA GLU A 233 6.40 7.64 -21.94
C GLU A 233 4.87 7.47 -22.00
N ASP A 234 4.33 6.49 -21.28
CA ASP A 234 2.89 6.27 -21.27
C ASP A 234 2.19 7.06 -20.15
N ASP A 235 2.97 7.60 -19.23
CA ASP A 235 2.43 8.39 -18.12
C ASP A 235 1.76 9.66 -18.63
N ASP A 236 0.87 10.22 -17.80
CA ASP A 236 0.15 11.43 -18.17
C ASP A 236 1.08 12.64 -18.28
N LEU A 237 2.33 12.49 -17.84
CA LEU A 237 3.27 13.59 -17.87
C LEU A 237 4.73 13.13 -17.74
N HIS B 6 -16.51 56.47 19.48
CA HIS B 6 -15.40 55.80 18.79
C HIS B 6 -14.90 54.56 19.54
N PHE B 7 -15.00 53.41 18.87
CA PHE B 7 -14.53 52.14 19.41
C PHE B 7 -13.33 51.63 18.62
N GLU B 8 -12.27 51.27 19.34
CA GLU B 8 -11.07 50.71 18.74
C GLU B 8 -11.33 49.27 18.27
N PRO B 9 -10.97 48.95 17.01
CA PRO B 9 -11.18 47.57 16.54
C PRO B 9 -10.24 46.58 17.23
N VAL B 10 -10.51 45.29 17.07
CA VAL B 10 -9.76 44.26 17.80
C VAL B 10 -8.40 44.01 17.15
N THR B 20 6.42 34.10 -2.24
CA THR B 20 7.33 33.91 -3.36
C THR B 20 8.31 35.07 -3.46
N MET B 21 9.03 35.14 -4.58
CA MET B 21 9.81 36.32 -4.94
C MET B 21 9.71 36.53 -6.45
N GLU B 22 8.47 36.65 -6.93
CA GLU B 22 8.19 36.69 -8.36
C GLU B 22 7.00 37.58 -8.66
N GLU B 23 6.64 38.44 -7.72
CA GLU B 23 5.45 39.27 -7.84
C GLU B 23 5.75 40.61 -8.50
N ASP B 24 7.02 40.84 -8.83
CA ASP B 24 7.42 41.97 -9.66
C ASP B 24 7.56 41.52 -11.11
N GLU B 25 6.89 40.42 -11.45
CA GLU B 25 6.98 39.82 -12.79
C GLU B 25 5.61 39.54 -13.38
N GLU B 26 5.60 39.31 -14.70
CA GLU B 26 4.38 39.05 -15.45
C GLU B 26 4.42 37.64 -16.04
N VAL B 27 3.30 36.92 -15.96
CA VAL B 27 3.23 35.56 -16.48
C VAL B 27 2.79 35.54 -17.95
N LEU B 28 3.73 35.20 -18.83
CA LEU B 28 3.44 35.18 -20.27
C LEU B 28 2.82 33.86 -20.70
N TYR B 29 3.31 32.78 -20.12
CA TYR B 29 2.86 31.44 -20.45
C TYR B 29 2.89 30.58 -19.19
N LYS B 30 1.94 29.66 -19.10
CA LYS B 30 1.90 28.69 -18.02
C LYS B 30 1.46 27.34 -18.57
N VAL B 31 2.16 26.28 -18.20
CA VAL B 31 1.79 24.93 -18.61
C VAL B 31 2.28 23.86 -17.63
N ARG B 32 1.45 22.82 -17.44
CA ARG B 32 1.83 21.67 -16.64
C ARG B 32 2.85 20.82 -17.41
N ALA B 33 3.87 20.34 -16.70
CA ALA B 33 4.94 19.59 -17.37
C ALA B 33 5.77 18.81 -16.36
N LYS B 34 6.57 17.88 -16.87
CA LYS B 34 7.49 17.11 -16.07
C LYS B 34 8.91 17.36 -16.58
N LEU B 35 9.80 17.75 -15.67
CA LEU B 35 11.16 18.13 -16.00
C LEU B 35 12.13 17.01 -15.66
N PHE B 36 13.05 16.75 -16.59
CA PHE B 36 14.09 15.75 -16.40
C PHE B 36 15.46 16.38 -16.52
N ARG B 37 16.42 15.84 -15.80
CA ARG B 37 17.82 16.18 -15.99
C ARG B 37 18.54 14.93 -16.48
N PHE B 38 19.53 15.12 -17.35
CA PHE B 38 20.30 14.01 -17.87
C PHE B 38 21.53 13.76 -17.01
N ASP B 39 21.65 12.53 -16.51
CA ASP B 39 22.84 12.07 -15.83
C ASP B 39 23.75 11.41 -16.87
N ALA B 40 24.73 12.16 -17.36
CA ALA B 40 25.62 11.67 -18.42
C ALA B 40 26.52 10.54 -17.94
N ASP B 41 26.76 10.48 -16.63
CA ASP B 41 27.64 9.46 -16.06
C ASP B 41 26.92 8.12 -15.93
N ALA B 42 25.59 8.16 -15.91
CA ALA B 42 24.77 6.95 -15.83
C ALA B 42 24.01 6.70 -17.15
N LYS B 43 24.18 7.62 -18.10
CA LYS B 43 23.43 7.61 -19.35
C LYS B 43 21.94 7.36 -19.08
N GLU B 44 21.36 8.25 -18.26
CA GLU B 44 20.05 8.01 -17.68
C GLU B 44 19.35 9.34 -17.43
N TRP B 45 18.09 9.46 -17.87
CA TRP B 45 17.27 10.60 -17.54
C TRP B 45 16.69 10.45 -16.13
N LYS B 46 16.73 11.53 -15.36
CA LYS B 46 16.17 11.54 -14.01
C LYS B 46 15.20 12.70 -13.82
N GLU B 47 14.04 12.40 -13.21
CA GLU B 47 13.04 13.42 -12.94
C GLU B 47 13.59 14.47 -11.98
N ARG B 48 13.26 15.73 -12.23
CA ARG B 48 13.64 16.81 -11.33
C ARG B 48 12.42 17.45 -10.67
N GLY B 49 11.24 17.26 -11.27
CA GLY B 49 10.04 17.84 -10.74
C GLY B 49 8.87 17.86 -11.69
N THR B 50 7.67 17.84 -11.10
CA THR B 50 6.42 17.94 -11.84
C THR B 50 5.61 19.09 -11.25
N GLY B 51 5.11 19.96 -12.11
CA GLY B 51 4.32 21.09 -11.68
C GLY B 51 4.11 22.09 -12.79
N ASP B 52 3.68 23.31 -12.43
CA ASP B 52 3.47 24.37 -13.40
C ASP B 52 4.79 24.99 -13.84
N CYS B 53 4.99 25.01 -15.16
CA CYS B 53 6.12 25.71 -15.77
C CYS B 53 5.65 27.08 -16.27
N LYS B 54 6.28 28.14 -15.78
CA LYS B 54 5.85 29.50 -16.07
C LYS B 54 6.92 30.31 -16.80
N PHE B 55 6.50 31.12 -17.76
CA PHE B 55 7.40 32.08 -18.39
C PHE B 55 7.18 33.45 -17.74
N LEU B 56 8.14 33.89 -16.93
CA LEU B 56 8.00 35.12 -16.16
C LEU B 56 8.80 36.30 -16.73
N LYS B 57 8.10 37.37 -17.07
CA LYS B 57 8.70 38.57 -17.64
C LYS B 57 8.91 39.66 -16.58
N ASN B 58 10.17 39.97 -16.30
CA ASN B 58 10.50 41.01 -15.33
C ASN B 58 10.10 42.39 -15.83
N LYS B 59 9.33 43.11 -15.03
CA LYS B 59 8.78 44.40 -15.43
C LYS B 59 9.85 45.49 -15.59
N LYS B 60 10.96 45.33 -14.88
CA LYS B 60 12.00 46.35 -14.83
C LYS B 60 13.17 46.08 -15.81
N THR B 61 13.18 44.90 -16.42
CA THR B 61 14.22 44.55 -17.40
C THR B 61 13.65 43.94 -18.66
N ASN B 62 12.36 43.60 -18.61
CA ASN B 62 11.68 42.92 -19.72
C ASN B 62 12.34 41.59 -20.08
N LYS B 63 13.13 41.05 -19.16
CA LYS B 63 13.77 39.74 -19.33
C LYS B 63 12.82 38.61 -18.93
N VAL B 64 12.76 37.57 -19.75
CA VAL B 64 11.89 36.42 -19.51
C VAL B 64 12.68 35.21 -19.01
N ARG B 65 12.15 34.56 -17.97
CA ARG B 65 12.78 33.36 -17.43
C ARG B 65 11.77 32.23 -17.30
N ILE B 66 12.29 31.01 -17.21
CA ILE B 66 11.49 29.86 -16.82
C ILE B 66 11.58 29.73 -15.31
N LEU B 67 10.42 29.68 -14.66
CA LEU B 67 10.35 29.32 -13.25
C LEU B 67 9.34 28.20 -13.10
N MET B 68 9.81 27.09 -12.57
CA MET B 68 8.98 25.91 -12.37
C MET B 68 9.12 25.43 -10.93
N ARG B 69 7.99 25.03 -10.33
CA ARG B 69 7.96 24.54 -8.95
C ARG B 69 7.32 23.17 -8.87
N ARG B 70 7.76 22.34 -7.94
CA ARG B 70 7.11 21.05 -7.69
C ARG B 70 5.75 21.24 -7.00
N ASP B 71 4.77 20.42 -7.35
CA ASP B 71 3.49 20.41 -6.65
C ASP B 71 3.68 20.14 -5.17
N LYS B 72 2.77 20.69 -4.37
CA LYS B 72 2.68 20.41 -2.94
C LYS B 72 3.82 21.03 -2.12
N THR B 73 5.05 20.68 -2.46
CA THR B 73 6.21 21.22 -1.74
C THR B 73 6.60 22.60 -2.28
N LEU B 74 6.21 22.89 -3.53
CA LEU B 74 6.43 24.19 -4.15
C LEU B 74 7.92 24.51 -4.31
N LYS B 75 8.77 23.49 -4.19
CA LYS B 75 10.20 23.69 -4.32
C LYS B 75 10.57 23.92 -5.78
N ILE B 76 11.51 24.85 -5.99
CA ILE B 76 11.93 25.25 -7.31
C ILE B 76 12.77 24.15 -7.96
N CYS B 77 12.36 23.73 -9.16
CA CYS B 77 13.08 22.70 -9.91
C CYS B 77 13.63 23.26 -11.24
N ALA B 78 13.31 24.51 -11.54
CA ALA B 78 13.88 25.18 -12.71
C ALA B 78 13.80 26.69 -12.57
N ASN B 79 14.93 27.35 -12.79
CA ASN B 79 15.02 28.79 -12.68
C ASN B 79 16.19 29.30 -13.53
N HIS B 80 15.88 29.73 -14.75
CA HIS B 80 16.92 30.20 -15.67
C HIS B 80 16.34 31.09 -16.76
N ILE B 81 17.18 31.96 -17.31
CA ILE B 81 16.79 32.81 -18.43
C ILE B 81 16.55 31.95 -19.67
N ILE B 82 15.51 32.30 -20.44
CA ILE B 82 15.31 31.69 -21.74
C ILE B 82 16.27 32.36 -22.74
N ALA B 83 17.52 31.92 -22.72
CA ALA B 83 18.57 32.50 -23.55
C ALA B 83 18.27 32.38 -25.04
N PRO B 84 18.61 33.42 -25.83
CA PRO B 84 18.44 33.35 -27.28
C PRO B 84 19.29 32.24 -27.94
N GLU B 85 20.37 31.84 -27.29
CA GLU B 85 21.29 30.85 -27.86
C GLU B 85 20.82 29.41 -27.67
N TYR B 86 19.91 29.19 -26.74
CA TYR B 86 19.38 27.85 -26.50
C TYR B 86 18.57 27.34 -27.69
N THR B 87 18.50 26.01 -27.82
CA THR B 87 17.80 25.39 -28.93
C THR B 87 17.05 24.14 -28.48
N LEU B 88 15.73 24.13 -28.75
CA LEU B 88 14.88 22.99 -28.41
C LEU B 88 14.94 21.89 -29.46
N LYS B 89 15.32 20.69 -29.03
CA LYS B 89 15.43 19.54 -29.91
C LYS B 89 14.47 18.47 -29.47
N PRO B 90 13.99 17.63 -30.40
CA PRO B 90 13.12 16.53 -30.00
C PRO B 90 13.90 15.37 -29.37
N ASN B 91 13.24 14.61 -28.50
CA ASN B 91 13.79 13.37 -27.94
C ASN B 91 13.31 12.17 -28.77
N VAL B 92 14.19 11.20 -28.97
CA VAL B 92 13.91 10.07 -29.85
C VAL B 92 12.64 9.31 -29.47
N GLY B 93 12.29 9.29 -28.19
CA GLY B 93 11.19 8.47 -27.72
C GLY B 93 9.88 9.19 -27.44
N SER B 94 9.78 10.45 -27.86
CA SER B 94 8.64 11.28 -27.47
C SER B 94 8.28 12.32 -28.53
N ASP B 95 6.98 12.50 -28.73
CA ASP B 95 6.47 13.54 -29.63
C ASP B 95 5.83 14.70 -28.84
N ARG B 96 6.08 14.73 -27.54
CA ARG B 96 5.54 15.77 -26.67
C ARG B 96 6.59 16.28 -25.68
N SER B 97 7.85 16.30 -26.12
CA SER B 97 8.96 16.70 -25.27
C SER B 97 9.98 17.52 -26.05
N TRP B 98 10.77 18.31 -25.32
CA TRP B 98 11.90 19.02 -25.89
C TRP B 98 13.13 18.78 -25.03
N VAL B 99 14.27 18.71 -25.69
CA VAL B 99 15.56 18.61 -25.01
C VAL B 99 16.39 19.85 -25.34
N TYR B 100 17.12 20.36 -24.34
CA TYR B 100 18.03 21.47 -24.59
C TYR B 100 19.03 21.65 -23.45
N ALA B 101 20.17 22.24 -23.79
CA ALA B 101 21.23 22.50 -22.84
C ALA B 101 21.01 23.83 -22.14
N CYS B 102 21.13 23.80 -20.82
CA CYS B 102 21.03 25.01 -20.01
C CYS B 102 22.38 25.25 -19.36
N THR B 103 22.89 26.47 -19.48
CA THR B 103 24.24 26.78 -19.03
C THR B 103 24.28 27.34 -17.61
N ALA B 104 23.15 27.81 -17.11
CA ALA B 104 23.10 28.34 -15.74
C ALA B 104 21.70 28.31 -15.14
N ASP B 105 21.43 27.25 -14.37
CA ASP B 105 20.17 27.10 -13.63
C ASP B 105 20.44 27.16 -12.12
N ILE B 106 19.64 27.94 -11.40
CA ILE B 106 19.86 28.21 -9.99
C ILE B 106 18.75 27.68 -9.08
N ALA B 107 18.14 26.57 -9.49
CA ALA B 107 17.09 25.95 -8.69
C ALA B 107 17.66 25.41 -7.39
N GLU B 108 18.82 24.77 -7.49
CA GLU B 108 19.51 24.18 -6.33
C GLU B 108 20.83 24.88 -6.05
N GLY B 109 20.77 26.06 -5.44
CA GLY B 109 21.97 26.78 -5.05
C GLY B 109 22.67 27.47 -6.21
N GLU B 110 23.99 27.28 -6.28
CA GLU B 110 24.82 27.97 -7.26
C GLU B 110 24.41 27.66 -8.70
N ALA B 111 24.79 28.56 -9.61
CA ALA B 111 24.54 28.36 -11.03
C ALA B 111 25.23 27.10 -11.50
N GLU B 112 24.50 26.27 -12.23
CA GLU B 112 25.01 25.00 -12.71
C GLU B 112 24.45 24.71 -14.08
N ALA B 113 25.22 24.03 -14.91
CA ALA B 113 24.80 23.67 -16.25
C ALA B 113 24.06 22.33 -16.24
N PHE B 114 23.05 22.22 -17.09
CA PHE B 114 22.24 21.01 -17.19
C PHE B 114 21.83 20.73 -18.63
N THR B 115 21.62 19.46 -18.93
CA THR B 115 20.90 19.06 -20.15
C THR B 115 19.48 18.67 -19.74
N PHE B 116 18.53 19.56 -19.98
CA PHE B 116 17.15 19.35 -19.54
C PHE B 116 16.29 18.70 -20.61
N ALA B 117 15.27 17.95 -20.16
CA ALA B 117 14.17 17.54 -21.02
C ALA B 117 12.88 17.89 -20.30
N ILE B 118 11.89 18.34 -21.05
CA ILE B 118 10.62 18.71 -20.46
C ILE B 118 9.49 18.12 -21.30
N ARG B 119 8.59 17.42 -20.64
CA ARG B 119 7.50 16.69 -21.30
C ARG B 119 6.16 17.25 -20.87
N PHE B 120 5.19 17.18 -21.76
CA PHE B 120 3.88 17.83 -21.56
C PHE B 120 2.74 16.83 -21.72
N GLY B 121 1.51 17.29 -21.51
CA GLY B 121 0.36 16.42 -21.57
C GLY B 121 0.05 15.92 -22.98
N SER B 122 0.35 16.76 -23.97
CA SER B 122 0.02 16.47 -25.36
C SER B 122 1.06 17.05 -26.30
N LYS B 123 1.07 16.56 -27.54
CA LYS B 123 1.93 17.14 -28.56
C LYS B 123 1.56 18.60 -28.77
N GLU B 124 0.29 18.91 -28.53
CA GLU B 124 -0.21 20.27 -28.72
C GLU B 124 0.40 21.23 -27.73
N ASN B 125 0.41 20.84 -26.45
CA ASN B 125 1.01 21.66 -25.41
C ASN B 125 2.52 21.79 -25.62
N ALA B 126 3.11 20.76 -26.21
CA ALA B 126 4.55 20.76 -26.46
C ALA B 126 4.89 21.73 -27.59
N ASP B 127 4.11 21.69 -28.66
CA ASP B 127 4.31 22.58 -29.81
C ASP B 127 4.06 24.02 -29.41
N LYS B 128 3.04 24.24 -28.58
CA LYS B 128 2.70 25.57 -28.09
C LYS B 128 3.82 26.12 -27.20
N PHE B 129 4.36 25.25 -26.35
CA PHE B 129 5.52 25.59 -25.51
C PHE B 129 6.68 26.07 -26.38
N LYS B 130 7.00 25.33 -27.43
CA LYS B 130 8.08 25.70 -28.33
C LYS B 130 7.82 27.06 -28.98
N GLU B 131 6.55 27.33 -29.28
CA GLU B 131 6.15 28.61 -29.86
C GLU B 131 6.43 29.73 -28.87
N GLU B 132 5.87 29.59 -27.67
CA GLU B 132 6.07 30.57 -26.59
C GLU B 132 7.54 30.73 -26.22
N PHE B 133 8.25 29.61 -26.20
CA PHE B 133 9.67 29.59 -25.86
C PHE B 133 10.47 30.47 -26.82
N GLU B 134 10.11 30.44 -28.10
CA GLU B 134 10.84 31.18 -29.11
C GLU B 134 10.40 32.65 -29.13
N LYS B 135 9.12 32.90 -28.85
CA LYS B 135 8.66 34.26 -28.68
C LYS B 135 9.45 34.92 -27.56
N ALA B 136 9.59 34.19 -26.46
CA ALA B 136 10.31 34.69 -25.28
C ALA B 136 11.78 34.92 -25.57
N GLN B 137 12.33 34.14 -26.51
CA GLN B 137 13.74 34.29 -26.86
C GLN B 137 13.99 35.63 -27.52
N GLU B 138 13.12 36.02 -28.44
CA GLU B 138 13.30 37.29 -29.14
C GLU B 138 12.99 38.47 -28.23
N ILE B 139 12.30 38.24 -27.12
CA ILE B 139 12.14 39.26 -26.09
C ILE B 139 13.49 39.52 -25.46
N ASN B 140 14.21 38.44 -25.15
CA ASN B 140 15.51 38.54 -24.49
C ASN B 140 16.61 39.00 -25.43
N LYS B 141 16.27 39.19 -26.69
CA LYS B 141 17.17 39.82 -27.67
C LYS B 141 17.05 41.34 -27.57
N LYS B 142 15.81 41.82 -27.49
CA LYS B 142 15.52 43.24 -27.34
C LYS B 142 15.76 43.71 -25.92
N SER C 3 42.33 6.61 10.44
CA SER C 3 42.81 6.60 11.85
C SER C 3 41.74 6.05 12.80
N MET C 4 40.48 6.37 12.53
CA MET C 4 39.37 5.91 13.35
C MET C 4 39.29 4.37 13.36
N GLU C 5 39.90 3.74 12.37
CA GLU C 5 39.79 2.29 12.20
C GLU C 5 40.63 1.49 13.20
N GLY C 6 41.18 2.18 14.19
CA GLY C 6 42.04 1.55 15.18
C GLY C 6 41.29 0.56 16.06
N ILE C 7 40.05 0.90 16.41
CA ILE C 7 39.27 0.06 17.33
C ILE C 7 38.97 -1.31 16.73
N LEU C 8 39.13 -1.41 15.41
CA LEU C 8 38.93 -2.68 14.69
C LEU C 8 40.15 -3.59 14.80
N ASP C 9 41.23 -3.10 15.39
CA ASP C 9 42.44 -3.91 15.62
C ASP C 9 42.40 -4.59 17.00
N PHE C 10 41.97 -5.84 17.02
CA PHE C 10 41.75 -6.57 18.26
C PHE C 10 43.03 -7.17 18.85
N SER C 11 44.13 -7.11 18.10
CA SER C 11 45.41 -7.60 18.59
C SER C 11 45.90 -6.72 19.72
N ASN C 12 45.61 -5.42 19.62
CA ASN C 12 45.93 -4.47 20.67
C ASN C 12 44.75 -4.31 21.63
N ASP C 13 44.97 -3.61 22.73
CA ASP C 13 43.89 -3.31 23.65
C ASP C 13 42.88 -2.37 22.99
N LEU C 14 41.68 -2.31 23.53
CA LEU C 14 40.67 -1.38 23.03
C LEU C 14 40.88 -0.02 23.68
N ASP C 15 41.11 1.00 22.85
CA ASP C 15 41.17 2.38 23.31
C ASP C 15 39.76 2.96 23.47
N ILE C 16 39.28 3.03 24.71
CA ILE C 16 37.94 3.51 24.98
C ILE C 16 37.76 4.96 24.52
N ALA C 17 38.82 5.75 24.65
CA ALA C 17 38.78 7.14 24.23
C ALA C 17 38.59 7.23 22.72
N LEU C 18 39.20 6.31 21.99
CA LEU C 18 39.07 6.28 20.54
C LEU C 18 37.66 5.81 20.16
N LEU C 19 37.11 4.87 20.93
CA LEU C 19 35.76 4.39 20.69
C LEU C 19 34.77 5.53 20.84
N ASP C 20 34.86 6.25 21.96
CA ASP C 20 33.94 7.35 22.24
C ASP C 20 34.01 8.40 21.14
N GLN C 21 35.19 8.57 20.55
CA GLN C 21 35.36 9.53 19.48
C GLN C 21 34.64 9.07 18.22
N VAL C 22 34.79 7.79 17.89
CA VAL C 22 34.12 7.23 16.73
C VAL C 22 32.62 7.33 16.90
N VAL C 23 32.15 7.06 18.12
CA VAL C 23 30.72 7.08 18.40
C VAL C 23 30.17 8.50 18.34
N SER C 24 30.90 9.44 18.93
CA SER C 24 30.51 10.84 18.91
C SER C 24 30.41 11.37 17.47
N THR C 25 31.42 11.04 16.67
CA THR C 25 31.45 11.46 15.26
C THR C 25 30.26 10.93 14.45
N PHE C 26 29.77 9.74 14.82
CA PHE C 26 28.63 9.16 14.12
C PHE C 26 27.32 9.85 14.51
N TYR C 27 27.06 9.92 15.81
CA TYR C 27 25.80 10.45 16.31
C TYR C 27 25.66 11.97 16.22
N GLN C 28 26.75 12.69 16.49
CA GLN C 28 26.74 14.15 16.56
C GLN C 28 27.40 14.82 15.35
N GLY C 29 28.19 14.04 14.62
CA GLY C 29 28.88 14.57 13.46
C GLY C 29 28.01 14.57 12.22
N SER C 30 28.64 14.78 11.07
CA SER C 30 27.93 14.87 9.80
C SER C 30 28.82 14.50 8.62
N GLY C 31 28.21 14.43 7.44
CA GLY C 31 28.92 14.21 6.19
C GLY C 31 29.80 12.98 6.09
N VAL C 32 30.96 13.16 5.47
CA VAL C 32 31.85 12.05 5.16
C VAL C 32 32.38 11.39 6.42
N GLN C 33 32.72 12.20 7.43
CA GLN C 33 33.21 11.66 8.70
C GLN C 33 32.17 10.76 9.36
N GLN C 34 30.91 11.23 9.37
CA GLN C 34 29.83 10.45 9.94
C GLN C 34 29.71 9.11 9.23
N LYS C 35 29.71 9.16 7.91
CA LYS C 35 29.58 7.95 7.10
C LYS C 35 30.71 6.96 7.39
N GLN C 36 31.92 7.48 7.58
CA GLN C 36 33.08 6.63 7.84
C GLN C 36 32.96 5.96 9.20
N ALA C 37 32.62 6.74 10.22
CA ALA C 37 32.43 6.23 11.57
C ALA C 37 31.36 5.14 11.59
N GLN C 38 30.32 5.35 10.80
CA GLN C 38 29.21 4.40 10.72
C GLN C 38 29.69 3.02 10.25
N GLU C 39 30.57 3.02 9.25
CA GLU C 39 31.06 1.76 8.68
C GLU C 39 31.99 1.07 9.66
N ILE C 40 32.74 1.87 10.40
CA ILE C 40 33.63 1.33 11.43
C ILE C 40 32.84 0.69 12.57
N LEU C 41 31.85 1.41 13.09
CA LEU C 41 31.07 0.91 14.21
C LEU C 41 30.35 -0.39 13.85
N THR C 42 29.82 -0.47 12.63
CA THR C 42 29.15 -1.68 12.21
C THR C 42 30.14 -2.83 12.12
N LYS C 43 31.33 -2.57 11.61
CA LYS C 43 32.36 -3.60 11.52
C LYS C 43 32.79 -4.05 12.91
N PHE C 44 32.94 -3.09 13.81
CA PHE C 44 33.25 -3.37 15.20
C PHE C 44 32.18 -4.25 15.81
N GLN C 45 30.94 -3.81 15.71
CA GLN C 45 29.81 -4.49 16.32
C GLN C 45 29.63 -5.91 15.80
N ASP C 46 30.02 -6.15 14.55
CA ASP C 46 29.78 -7.44 13.91
C ASP C 46 30.97 -8.38 14.05
N ASN C 47 32.03 -7.89 14.70
CA ASN C 47 33.13 -8.78 15.07
C ASN C 47 32.62 -9.82 16.08
N PRO C 48 32.83 -11.13 15.78
CA PRO C 48 32.26 -12.12 16.68
C PRO C 48 32.97 -12.20 18.03
N ASP C 49 34.01 -11.39 18.25
CA ASP C 49 34.70 -11.34 19.52
C ASP C 49 34.44 -10.04 20.28
N ALA C 50 33.74 -9.11 19.65
CA ALA C 50 33.46 -7.79 20.24
C ALA C 50 32.78 -7.90 21.61
N TRP C 51 31.96 -8.92 21.79
CA TRP C 51 31.23 -9.10 23.05
C TRP C 51 32.19 -9.27 24.22
N GLN C 52 33.40 -9.75 23.94
CA GLN C 52 34.39 -9.96 24.98
C GLN C 52 34.88 -8.64 25.55
N LYS C 53 34.79 -7.58 24.74
CA LYS C 53 35.28 -6.27 25.15
C LYS C 53 34.13 -5.40 25.62
N ALA C 54 33.01 -6.03 25.93
CA ALA C 54 31.80 -5.34 26.36
C ALA C 54 31.87 -4.88 27.81
N ASP C 55 32.45 -5.71 28.68
CA ASP C 55 32.57 -5.31 30.08
C ASP C 55 33.52 -4.13 30.22
N GLN C 56 34.50 -4.04 29.32
CA GLN C 56 35.44 -2.91 29.33
C GLN C 56 34.71 -1.61 29.07
N ILE C 57 33.87 -1.61 28.03
CA ILE C 57 33.14 -0.42 27.62
C ILE C 57 32.14 0.00 28.69
N LEU C 58 31.40 -0.96 29.23
CA LEU C 58 30.35 -0.66 30.19
C LEU C 58 30.89 -0.14 31.51
N GLN C 59 32.19 -0.31 31.73
CA GLN C 59 32.85 0.14 32.97
C GLN C 59 33.63 1.44 32.79
N PHE C 60 34.35 1.54 31.68
CA PHE C 60 35.34 2.60 31.50
C PHE C 60 34.98 3.63 30.43
N SER C 61 33.81 3.48 29.82
CA SER C 61 33.33 4.48 28.88
C SER C 61 32.59 5.57 29.63
N THR C 62 32.66 6.79 29.08
CA THR C 62 31.90 7.91 29.60
C THR C 62 30.84 8.34 28.58
N ASN C 63 30.60 7.49 27.59
CA ASN C 63 29.66 7.79 26.50
C ASN C 63 28.48 6.81 26.53
N PRO C 64 27.27 7.32 26.77
CA PRO C 64 26.11 6.41 26.85
C PRO C 64 25.84 5.66 25.56
N GLN C 65 26.10 6.30 24.42
CA GLN C 65 25.89 5.65 23.13
C GLN C 65 26.84 4.47 22.96
N SER C 66 28.06 4.59 23.50
CA SER C 66 29.03 3.50 23.45
C SER C 66 28.59 2.31 24.29
N LYS C 67 28.03 2.59 25.46
CA LYS C 67 27.50 1.54 26.32
C LYS C 67 26.28 0.89 25.69
N PHE C 68 25.48 1.68 24.99
CA PHE C 68 24.32 1.17 24.27
C PHE C 68 24.77 0.19 23.21
N ILE C 69 25.77 0.58 22.42
CA ILE C 69 26.31 -0.28 21.38
C ILE C 69 26.90 -1.55 21.98
N ALA C 70 27.50 -1.43 23.16
CA ALA C 70 28.08 -2.59 23.85
C ALA C 70 26.99 -3.59 24.20
N LEU C 71 25.86 -3.08 24.69
CA LEU C 71 24.74 -3.94 25.06
C LEU C 71 24.12 -4.58 23.83
N SER C 72 24.12 -3.87 22.70
CA SER C 72 23.64 -4.44 21.45
C SER C 72 24.52 -5.62 21.04
N ILE C 73 25.83 -5.48 21.24
CA ILE C 73 26.77 -6.56 20.94
C ILE C 73 26.49 -7.76 21.84
N LEU C 74 26.26 -7.50 23.12
CA LEU C 74 25.90 -8.56 24.05
C LEU C 74 24.58 -9.22 23.67
N ASP C 75 23.61 -8.42 23.25
CA ASP C 75 22.30 -8.93 22.86
C ASP C 75 22.43 -10.00 21.78
N LYS C 76 23.20 -9.70 20.73
CA LYS C 76 23.39 -10.66 19.64
C LYS C 76 23.93 -11.98 20.17
N LEU C 77 24.88 -11.86 21.09
CA LEU C 77 25.55 -13.01 21.68
C LEU C 77 24.57 -13.84 22.52
N ILE C 78 23.79 -13.16 23.36
CA ILE C 78 22.83 -13.84 24.23
C ILE C 78 21.70 -14.52 23.45
N THR C 79 21.21 -13.89 22.39
CA THR C 79 20.05 -14.44 21.70
C THR C 79 20.44 -15.54 20.70
N ARG C 80 21.73 -15.64 20.36
CA ARG C 80 22.16 -16.53 19.29
C ARG C 80 23.22 -17.57 19.70
N LYS C 81 24.14 -17.21 20.59
CA LYS C 81 25.26 -18.10 20.91
C LYS C 81 25.44 -18.40 22.40
N TRP C 82 24.44 -18.02 23.19
CA TRP C 82 24.49 -18.16 24.65
C TRP C 82 24.88 -19.57 25.08
N LYS C 83 24.16 -20.57 24.58
CA LYS C 83 24.32 -21.94 25.07
C LYS C 83 25.63 -22.58 24.65
N LEU C 84 26.38 -21.89 23.78
CA LEU C 84 27.67 -22.39 23.31
C LEU C 84 28.82 -21.98 24.24
N LEU C 85 28.61 -20.89 24.99
CA LEU C 85 29.66 -20.36 25.86
C LEU C 85 30.05 -21.32 26.98
N PRO C 86 31.29 -21.18 27.48
CA PRO C 86 31.58 -21.86 28.76
C PRO C 86 30.62 -21.35 29.82
N ASN C 87 30.18 -22.21 30.73
CA ASN C 87 29.19 -21.82 31.72
C ASN C 87 29.63 -20.63 32.59
N ASP C 88 30.94 -20.47 32.76
CA ASP C 88 31.48 -19.36 33.54
C ASP C 88 31.23 -18.02 32.86
N HIS C 89 31.35 -17.98 31.54
CA HIS C 89 31.08 -16.75 30.81
C HIS C 89 29.62 -16.35 30.99
N ARG C 90 28.72 -17.36 30.98
CA ARG C 90 27.29 -17.12 31.16
C ARG C 90 26.98 -16.48 32.52
N ILE C 91 27.62 -17.00 33.58
CA ILE C 91 27.46 -16.46 34.93
C ILE C 91 28.10 -15.08 35.02
N GLY C 92 29.25 -14.91 34.38
CA GLY C 92 29.94 -13.64 34.36
C GLY C 92 29.13 -12.55 33.70
N ILE C 93 28.66 -12.81 32.47
CA ILE C 93 27.83 -11.85 31.74
C ILE C 93 26.59 -11.47 32.53
N ARG C 94 25.92 -12.47 33.11
CA ARG C 94 24.76 -12.24 33.94
C ARG C 94 25.06 -11.35 35.15
N ASN C 95 26.09 -11.70 35.94
CA ASN C 95 26.45 -10.92 37.12
C ASN C 95 26.83 -9.49 36.79
N PHE C 96 27.48 -9.31 35.64
CA PHE C 96 27.88 -7.98 35.19
C PHE C 96 26.67 -7.10 34.82
N VAL C 97 25.69 -7.69 34.15
CA VAL C 97 24.49 -6.95 33.73
C VAL C 97 23.66 -6.57 34.96
N VAL C 98 23.41 -7.54 35.84
CA VAL C 98 22.69 -7.28 37.08
C VAL C 98 23.38 -6.18 37.87
N GLY C 99 24.69 -6.29 38.02
CA GLY C 99 25.45 -5.31 38.78
C GLY C 99 25.39 -3.92 38.17
N MET C 100 25.45 -3.85 36.84
CA MET C 100 25.43 -2.57 36.14
C MET C 100 24.09 -1.87 36.29
N ILE C 101 23.01 -2.65 36.33
CA ILE C 101 21.68 -2.08 36.48
C ILE C 101 21.52 -1.52 37.88
N ILE C 102 21.99 -2.28 38.88
CA ILE C 102 21.85 -1.86 40.27
C ILE C 102 22.54 -0.52 40.50
N SER C 103 23.78 -0.39 40.03
CA SER C 103 24.56 0.82 40.31
C SER C 103 24.03 2.01 39.51
N MET C 104 23.35 1.76 38.40
CA MET C 104 22.72 2.88 37.68
C MET C 104 21.50 3.39 38.42
N CYS C 105 20.78 2.50 39.09
CA CYS C 105 19.57 2.88 39.81
C CYS C 105 19.89 3.61 41.11
N GLN C 106 21.02 3.27 41.72
CA GLN C 106 21.42 3.85 43.01
C GLN C 106 21.92 5.28 42.87
N ASP C 107 22.54 5.59 41.74
CA ASP C 107 22.97 6.95 41.41
C ASP C 107 21.80 7.75 40.81
N ASP C 108 21.19 8.62 41.61
CA ASP C 108 20.00 9.38 41.18
C ASP C 108 20.29 10.21 39.94
N GLU C 109 21.52 10.69 39.82
CA GLU C 109 21.93 11.48 38.66
C GLU C 109 21.85 10.66 37.38
N VAL C 110 22.46 9.47 37.41
CA VAL C 110 22.44 8.57 36.26
C VAL C 110 21.03 8.06 35.98
N PHE C 111 20.28 7.75 37.02
CA PHE C 111 18.93 7.24 36.87
C PHE C 111 18.04 8.25 36.13
N LYS C 112 18.28 9.52 36.42
CA LYS C 112 17.47 10.60 35.87
C LYS C 112 17.84 10.89 34.42
N THR C 113 19.13 10.84 34.13
CA THR C 113 19.66 11.38 32.87
C THR C 113 20.03 10.31 31.83
N GLN C 114 19.89 9.04 32.19
CA GLN C 114 20.27 7.95 31.28
C GLN C 114 19.17 6.90 31.14
N LYS C 115 17.94 7.35 30.88
CA LYS C 115 16.83 6.43 30.75
C LYS C 115 17.05 5.47 29.58
N ASN C 116 17.61 5.98 28.49
CA ASN C 116 17.86 5.17 27.30
C ASN C 116 18.82 4.02 27.59
N LEU C 117 19.94 4.33 28.23
CA LEU C 117 20.92 3.30 28.55
C LEU C 117 20.38 2.28 29.56
N ILE C 118 19.58 2.75 30.51
CA ILE C 118 18.99 1.86 31.51
C ILE C 118 17.94 0.94 30.89
N ASN C 119 17.13 1.47 29.97
CA ASN C 119 16.12 0.67 29.32
C ASN C 119 16.76 -0.41 28.45
N LYS C 120 17.87 -0.06 27.81
CA LYS C 120 18.60 -1.04 27.01
C LYS C 120 19.15 -2.18 27.89
N SER C 121 19.68 -1.81 29.06
CA SER C 121 20.23 -2.76 30.01
C SER C 121 19.16 -3.70 30.53
N ASP C 122 17.99 -3.13 30.79
CA ASP C 122 16.83 -3.92 31.22
C ASP C 122 16.43 -4.91 30.15
N LEU C 123 16.35 -4.45 28.91
CA LEU C 123 16.02 -5.35 27.81
C LEU C 123 17.06 -6.46 27.70
N THR C 124 18.33 -6.12 27.90
CA THR C 124 19.40 -7.12 27.84
C THR C 124 19.24 -8.14 28.95
N LEU C 125 18.86 -7.66 30.14
CA LEU C 125 18.60 -8.55 31.26
C LEU C 125 17.49 -9.53 30.92
N VAL C 126 16.46 -9.03 30.24
CA VAL C 126 15.33 -9.86 29.90
C VAL C 126 15.74 -10.94 28.90
N GLN C 127 16.70 -10.65 28.03
CA GLN C 127 17.17 -11.66 27.09
C GLN C 127 17.83 -12.81 27.86
N ILE C 128 18.56 -12.47 28.92
CA ILE C 128 19.19 -13.47 29.78
C ILE C 128 18.12 -14.32 30.48
N LEU C 129 17.09 -13.65 30.99
CA LEU C 129 15.98 -14.37 31.64
C LEU C 129 15.33 -15.38 30.71
N LYS C 130 15.10 -14.99 29.46
CA LYS C 130 14.52 -15.90 28.47
C LYS C 130 15.39 -17.15 28.27
N GLN C 131 16.69 -17.02 28.53
CA GLN C 131 17.61 -18.15 28.41
C GLN C 131 17.73 -18.94 29.71
N GLU C 132 17.70 -18.22 30.83
CA GLU C 132 18.12 -18.78 32.12
C GLU C 132 17.02 -18.97 33.15
N TRP C 133 15.86 -18.35 32.94
CA TRP C 133 14.83 -18.27 33.98
C TRP C 133 13.57 -19.07 33.62
N PRO C 134 12.97 -19.75 34.60
CA PRO C 134 13.36 -19.89 36.02
C PRO C 134 14.25 -21.07 36.35
N GLN C 135 14.49 -21.95 35.38
CA GLN C 135 15.19 -23.23 35.66
C GLN C 135 16.57 -23.04 36.28
N ASN C 136 17.27 -21.96 35.91
CA ASN C 136 18.60 -21.65 36.45
C ASN C 136 18.62 -20.34 37.23
N TRP C 137 17.44 -19.85 37.60
CA TRP C 137 17.34 -18.56 38.29
C TRP C 137 16.02 -18.46 39.06
N PRO C 138 15.72 -19.49 39.87
CA PRO C 138 14.40 -19.61 40.50
C PRO C 138 14.04 -18.48 41.46
N GLU C 139 15.05 -17.76 41.94
CA GLU C 139 14.86 -16.74 42.96
C GLU C 139 14.74 -15.33 42.36
N PHE C 140 14.67 -15.23 41.04
CA PHE C 140 14.69 -13.94 40.38
C PHE C 140 13.54 -13.06 40.83
N ILE C 141 12.32 -13.60 40.79
CA ILE C 141 11.15 -12.81 41.14
C ILE C 141 11.09 -12.51 42.64
N PRO C 142 11.29 -13.52 43.51
CA PRO C 142 11.35 -13.22 44.94
C PRO C 142 12.37 -12.13 45.33
N GLU C 143 13.55 -12.17 44.71
CA GLU C 143 14.60 -11.18 44.99
C GLU C 143 14.26 -9.82 44.38
N LEU C 144 13.61 -9.84 43.21
CA LEU C 144 13.13 -8.61 42.58
C LEU C 144 12.16 -7.87 43.51
N ILE C 145 11.17 -8.60 44.01
CA ILE C 145 10.17 -8.03 44.92
C ILE C 145 10.83 -7.51 46.20
N GLY C 146 11.84 -8.23 46.66
CA GLY C 146 12.59 -7.83 47.84
C GLY C 146 13.34 -6.53 47.62
N SER C 147 14.12 -6.48 46.55
CA SER C 147 14.92 -5.30 46.25
C SER C 147 14.04 -4.07 46.02
N SER C 148 12.80 -4.30 45.60
CA SER C 148 11.90 -3.19 45.31
C SER C 148 11.59 -2.34 46.54
N SER C 149 11.55 -2.96 47.71
CA SER C 149 11.12 -2.26 48.92
C SER C 149 12.19 -1.33 49.47
N SER C 150 13.44 -1.51 49.02
CA SER C 150 14.57 -0.79 49.59
C SER C 150 14.93 0.48 48.80
N SER C 151 14.26 0.70 47.67
CA SER C 151 14.58 1.84 46.82
C SER C 151 13.50 2.09 45.79
N VAL C 152 13.05 3.34 45.71
CA VAL C 152 12.00 3.74 44.77
C VAL C 152 12.50 3.64 43.33
N ASN C 153 13.78 3.94 43.12
CA ASN C 153 14.38 3.89 41.79
C ASN C 153 14.50 2.46 41.28
N VAL C 154 14.96 1.56 42.14
CA VAL C 154 15.05 0.14 41.79
C VAL C 154 13.64 -0.40 41.57
N CYS C 155 12.72 -0.02 42.43
CA CYS C 155 11.35 -0.48 42.32
C CYS C 155 10.76 -0.09 40.96
N GLU C 156 10.92 1.18 40.61
CA GLU C 156 10.45 1.68 39.32
C GLU C 156 11.09 0.91 38.18
N ASN C 157 12.41 0.66 38.27
CA ASN C 157 13.11 0.00 37.18
C ASN C 157 12.69 -1.43 37.06
N ASN C 158 12.33 -2.04 38.18
CA ASN C 158 11.82 -3.40 38.17
C ASN C 158 10.49 -3.48 37.43
N MET C 159 9.71 -2.40 37.47
CA MET C 159 8.44 -2.37 36.73
C MET C 159 8.71 -2.34 35.24
N ILE C 160 9.80 -1.70 34.84
CA ILE C 160 10.20 -1.67 33.44
C ILE C 160 10.69 -3.04 33.01
N VAL C 161 11.47 -3.69 33.87
CA VAL C 161 11.95 -5.05 33.60
C VAL C 161 10.78 -6.01 33.44
N LEU C 162 9.78 -5.91 34.31
CA LEU C 162 8.67 -6.85 34.24
C LEU C 162 7.84 -6.57 33.00
N LYS C 163 7.68 -5.29 32.66
CA LYS C 163 6.95 -4.89 31.47
C LYS C 163 7.54 -5.51 30.22
N LEU C 164 8.86 -5.37 30.07
CA LEU C 164 9.57 -5.92 28.94
C LEU C 164 9.49 -7.44 28.93
N LEU C 165 9.58 -8.06 30.11
CA LEU C 165 9.48 -9.50 30.23
C LEU C 165 8.13 -10.00 29.73
N SER C 166 7.06 -9.37 30.23
CA SER C 166 5.71 -9.73 29.80
C SER C 166 5.56 -9.59 28.28
N GLU C 167 6.12 -8.51 27.73
CA GLU C 167 6.07 -8.28 26.29
C GLU C 167 6.76 -9.39 25.53
N GLU C 168 7.98 -9.73 25.95
CA GLU C 168 8.77 -10.73 25.26
C GLU C 168 8.13 -12.11 25.36
N VAL C 169 7.46 -12.39 26.47
CA VAL C 169 6.89 -13.72 26.70
C VAL C 169 5.50 -13.92 26.07
N PHE C 170 4.64 -12.89 26.15
CA PHE C 170 3.24 -13.01 25.72
C PHE C 170 2.90 -12.26 24.44
N ASP C 171 3.56 -11.14 24.16
CA ASP C 171 3.17 -10.33 23.01
C ASP C 171 4.01 -10.61 21.77
N PHE C 172 5.28 -10.97 21.95
CA PHE C 172 6.21 -11.07 20.81
C PHE C 172 6.97 -12.41 20.75
N SER C 173 6.40 -13.45 21.35
CA SER C 173 7.07 -14.74 21.41
C SER C 173 6.74 -15.62 20.22
N ALA C 174 5.57 -15.43 19.62
CA ALA C 174 5.07 -16.34 18.58
C ALA C 174 6.07 -16.51 17.42
N GLU C 175 6.72 -15.43 17.03
CA GLU C 175 7.65 -15.47 15.91
C GLU C 175 9.08 -15.80 16.33
N GLN C 176 9.43 -15.47 17.58
CA GLN C 176 10.84 -15.41 17.99
C GLN C 176 11.36 -16.62 18.77
N MET C 177 10.46 -17.48 19.26
CA MET C 177 10.88 -18.68 19.97
C MET C 177 10.02 -19.88 19.62
N THR C 178 10.48 -21.08 19.95
CA THR C 178 9.74 -22.28 19.63
C THR C 178 8.47 -22.34 20.47
N GLN C 179 7.49 -23.13 20.00
CA GLN C 179 6.24 -23.32 20.72
C GLN C 179 6.47 -23.82 22.15
N ALA C 180 7.35 -24.79 22.31
CA ALA C 180 7.70 -25.32 23.63
C ALA C 180 8.31 -24.26 24.55
N LYS C 181 9.25 -23.48 24.04
CA LYS C 181 9.94 -22.47 24.83
C LYS C 181 8.96 -21.38 25.26
N ALA C 182 8.08 -20.99 24.34
CA ALA C 182 7.09 -19.96 24.61
C ALA C 182 6.15 -20.41 25.74
N LEU C 183 5.68 -21.65 25.67
CA LEU C 183 4.77 -22.18 26.69
C LEU C 183 5.47 -22.28 28.04
N HIS C 184 6.73 -22.70 28.03
CA HIS C 184 7.53 -22.79 29.25
C HIS C 184 7.59 -21.45 29.98
N LEU C 185 7.87 -20.38 29.25
CA LEU C 185 7.99 -19.06 29.85
C LEU C 185 6.64 -18.48 30.26
N LYS C 186 5.61 -18.71 29.46
CA LYS C 186 4.25 -18.31 29.81
C LYS C 186 3.77 -18.98 31.11
N ASN C 187 3.97 -20.28 31.24
CA ASN C 187 3.65 -20.98 32.48
C ASN C 187 4.47 -20.48 33.67
N SER C 188 5.74 -20.14 33.42
CA SER C 188 6.62 -19.68 34.49
C SER C 188 6.16 -18.32 35.01
N MET C 189 5.84 -17.41 34.10
CA MET C 189 5.33 -16.11 34.51
C MET C 189 4.02 -16.26 35.23
N SER C 190 3.13 -17.05 34.65
CA SER C 190 1.81 -17.29 35.21
C SER C 190 1.92 -17.89 36.62
N LYS C 191 2.95 -18.71 36.84
CA LYS C 191 3.13 -19.42 38.10
C LYS C 191 3.54 -18.51 39.24
N GLU C 192 4.16 -17.38 38.92
CA GLU C 192 4.62 -16.45 39.94
C GLU C 192 3.95 -15.09 39.86
N PHE C 193 2.88 -14.97 39.09
CA PHE C 193 2.27 -13.67 38.91
C PHE C 193 1.55 -13.18 40.16
N GLU C 194 1.10 -14.11 41.01
CA GLU C 194 0.42 -13.74 42.24
C GLU C 194 1.30 -12.78 43.04
N GLN C 195 2.58 -13.13 43.17
N GLN C 195 2.57 -13.15 43.19
CA GLN C 195 3.53 -12.31 43.91
CA GLN C 195 3.56 -12.33 43.88
C GLN C 195 3.84 -11.00 43.17
C GLN C 195 3.76 -11.00 43.17
N ILE C 196 3.83 -11.05 41.85
CA ILE C 196 4.06 -9.86 41.03
C ILE C 196 2.91 -8.86 41.17
N PHE C 197 1.68 -9.37 41.13
CA PHE C 197 0.52 -8.50 41.22
C PHE C 197 0.47 -7.81 42.57
N LYS C 198 0.83 -8.55 43.63
CA LYS C 198 0.77 -8.01 44.99
C LYS C 198 1.64 -6.75 45.09
N LEU C 199 2.87 -6.83 44.60
CA LEU C 199 3.76 -5.68 44.52
C LEU C 199 3.11 -4.54 43.73
N CYS C 200 2.61 -4.87 42.53
CA CYS C 200 1.99 -3.91 41.63
CA CYS C 200 2.01 -3.88 41.65
C CYS C 200 0.84 -3.15 42.31
N PHE C 201 -0.03 -3.90 42.98
CA PHE C 201 -1.19 -3.30 43.63
C PHE C 201 -0.80 -2.46 44.84
N GLN C 202 0.21 -2.90 45.57
CA GLN C 202 0.66 -2.16 46.73
C GLN C 202 1.22 -0.80 46.31
N VAL C 203 1.99 -0.80 45.23
CA VAL C 203 2.58 0.44 44.73
C VAL C 203 1.51 1.41 44.28
N LEU C 204 0.47 0.90 43.63
CA LEU C 204 -0.61 1.75 43.13
C LEU C 204 -1.42 2.33 44.26
N GLU C 205 -1.61 1.55 45.32
CA GLU C 205 -2.48 1.95 46.41
C GLU C 205 -1.78 2.89 47.38
N GLN C 206 -0.46 2.75 47.52
CA GLN C 206 0.29 3.47 48.54
C GLN C 206 0.93 4.75 48.01
N GLY C 207 0.71 5.08 46.75
CA GLY C 207 1.36 6.23 46.14
C GLY C 207 2.85 6.00 46.06
N SER C 208 3.65 7.05 45.83
CA SER C 208 3.17 8.41 45.53
C SER C 208 3.97 9.02 44.38
N SER C 209 5.20 8.56 44.19
CA SER C 209 6.01 8.98 43.05
C SER C 209 5.26 8.65 41.76
N SER C 210 4.90 9.66 40.99
N SER C 210 4.92 9.67 40.99
CA SER C 210 4.13 9.43 39.76
CA SER C 210 4.16 9.48 39.77
C SER C 210 4.97 8.67 38.73
C SER C 210 4.96 8.68 38.74
N SER C 211 6.27 8.90 38.69
CA SER C 211 7.12 8.19 37.75
C SER C 211 7.05 6.69 38.05
N LEU C 212 7.02 6.35 39.34
CA LEU C 212 6.85 4.96 39.77
C LEU C 212 5.44 4.44 39.49
N ILE C 213 4.44 5.28 39.75
CA ILE C 213 3.05 4.93 39.46
C ILE C 213 2.86 4.66 37.96
N VAL C 214 3.39 5.56 37.13
CA VAL C 214 3.21 5.46 35.69
C VAL C 214 3.89 4.21 35.15
N ALA C 215 5.09 3.90 35.64
CA ALA C 215 5.81 2.71 35.21
C ALA C 215 5.05 1.44 35.61
N THR C 216 4.43 1.48 36.78
CA THR C 216 3.65 0.34 37.27
C THR C 216 2.38 0.16 36.42
N LEU C 217 1.73 1.26 36.06
CA LEU C 217 0.56 1.21 35.21
C LEU C 217 0.92 0.79 33.77
N GLU C 218 2.11 1.18 33.33
N GLU C 218 2.10 1.18 33.31
CA GLU C 218 2.58 0.78 32.01
CA GLU C 218 2.58 0.77 32.00
C GLU C 218 2.79 -0.73 31.95
C GLU C 218 2.72 -0.74 31.97
N SER C 219 3.26 -1.32 33.04
CA SER C 219 3.41 -2.77 33.09
C SER C 219 2.05 -3.44 33.22
N LEU C 220 1.14 -2.84 33.99
CA LEU C 220 -0.21 -3.38 34.14
C LEU C 220 -0.89 -3.52 32.78
N LEU C 221 -0.68 -2.54 31.90
CA LEU C 221 -1.30 -2.58 30.57
C LEU C 221 -0.88 -3.87 29.85
N ARG C 222 0.39 -4.25 30.01
CA ARG C 222 0.88 -5.49 29.42
C ARG C 222 0.27 -6.73 30.08
N TYR C 223 0.12 -6.71 31.40
CA TYR C 223 -0.45 -7.86 32.10
C TYR C 223 -1.88 -8.15 31.61
N LEU C 224 -2.65 -7.11 31.35
CA LEU C 224 -4.06 -7.27 31.01
C LEU C 224 -4.25 -8.03 29.68
N HIS C 225 -3.19 -8.19 28.91
CA HIS C 225 -3.26 -8.98 27.68
C HIS C 225 -3.48 -10.47 27.97
N TRP C 226 -3.03 -10.96 29.13
CA TRP C 226 -3.02 -12.41 29.40
C TRP C 226 -3.51 -12.88 30.78
N ILE C 227 -3.48 -12.03 31.81
CA ILE C 227 -3.83 -12.48 33.16
C ILE C 227 -5.33 -12.78 33.30
N PRO C 228 -5.68 -13.71 34.19
CA PRO C 228 -7.09 -14.04 34.45
C PRO C 228 -7.85 -12.85 35.06
N TYR C 229 -9.12 -12.75 34.70
CA TYR C 229 -9.94 -11.60 35.06
C TYR C 229 -10.05 -11.38 36.57
N ARG C 230 -9.80 -12.43 37.34
CA ARG C 230 -10.01 -12.36 38.79
C ARG C 230 -9.10 -11.34 39.46
N TYR C 231 -7.91 -11.13 38.92
CA TYR C 231 -6.99 -10.15 39.48
C TYR C 231 -7.56 -8.73 39.38
N ILE C 232 -8.43 -8.50 38.40
CA ILE C 232 -9.00 -7.17 38.19
C ILE C 232 -10.31 -6.99 38.93
N TYR C 233 -11.12 -8.05 38.99
CA TYR C 233 -12.46 -7.94 39.55
C TYR C 233 -12.56 -8.31 41.01
N GLU C 234 -11.68 -9.19 41.48
CA GLU C 234 -11.71 -9.60 42.89
C GLU C 234 -10.79 -8.76 43.78
N THR C 235 -10.25 -7.68 43.22
CA THR C 235 -9.48 -6.72 43.99
C THR C 235 -10.11 -5.34 43.85
N ASN C 236 -9.50 -4.33 44.44
CA ASN C 236 -10.06 -2.99 44.39
C ASN C 236 -9.47 -2.17 43.23
N ILE C 237 -8.75 -2.83 42.33
CA ILE C 237 -7.93 -2.12 41.37
C ILE C 237 -8.76 -1.34 40.34
N LEU C 238 -9.96 -1.81 40.00
CA LEU C 238 -10.81 -1.06 39.07
C LEU C 238 -11.15 0.30 39.64
N GLU C 239 -11.42 0.33 40.95
CA GLU C 239 -11.79 1.56 41.64
C GLU C 239 -10.64 2.54 41.53
N LEU C 240 -9.41 2.05 41.72
CA LEU C 240 -8.23 2.92 41.65
C LEU C 240 -8.04 3.45 40.24
N LEU C 241 -8.15 2.56 39.25
CA LEU C 241 -7.99 2.99 37.87
C LEU C 241 -9.03 4.03 37.49
N SER C 242 -10.31 3.75 37.77
CA SER C 242 -11.39 4.56 37.24
C SER C 242 -11.65 5.85 38.01
N THR C 243 -10.91 6.10 39.10
CA THR C 243 -11.11 7.32 39.90
C THR C 243 -9.80 8.05 40.16
N LYS C 244 -9.00 7.51 41.09
CA LYS C 244 -7.73 8.08 41.50
C LYS C 244 -6.83 8.47 40.32
N PHE C 245 -6.61 7.53 39.41
CA PHE C 245 -5.62 7.70 38.36
C PHE C 245 -6.15 8.44 37.13
N MET C 246 -7.46 8.68 37.08
CA MET C 246 -8.04 9.47 35.99
C MET C 246 -7.97 10.97 36.30
N THR C 247 -7.63 11.33 37.54
CA THR C 247 -7.57 12.74 37.95
C THR C 247 -6.25 13.40 37.55
N SER C 248 -5.14 12.67 37.73
CA SER C 248 -3.82 13.15 37.36
C SER C 248 -3.58 12.96 35.85
N PRO C 249 -3.20 14.04 35.14
CA PRO C 249 -2.92 13.87 33.70
C PRO C 249 -1.69 12.98 33.43
N ASP C 250 -0.75 12.93 34.37
CA ASP C 250 0.41 12.03 34.25
C ASP C 250 -0.01 10.57 34.14
N THR C 251 -0.96 10.17 34.96
CA THR C 251 -1.43 8.79 34.96
C THR C 251 -2.64 8.58 34.08
N ARG C 252 -3.30 9.67 33.69
CA ARG C 252 -4.58 9.56 32.99
C ARG C 252 -4.49 8.81 31.66
N ALA C 253 -3.45 9.11 30.88
CA ALA C 253 -3.31 8.50 29.57
C ALA C 253 -3.14 6.99 29.66
N ILE C 254 -2.23 6.53 30.52
CA ILE C 254 -1.96 5.10 30.63
C ILE C 254 -3.16 4.37 31.25
N THR C 255 -3.80 5.00 32.23
CA THR C 255 -4.96 4.42 32.89
C THR C 255 -6.11 4.17 31.94
N LEU C 256 -6.34 5.12 31.06
CA LEU C 256 -7.39 4.99 30.06
C LEU C 256 -7.11 3.79 29.15
N LYS C 257 -5.85 3.63 28.76
CA LYS C 257 -5.45 2.49 27.95
C LYS C 257 -5.67 1.18 28.71
N CYS C 258 -5.40 1.19 30.01
CA CYS C 258 -5.65 0.00 30.83
C CYS C 258 -7.14 -0.36 30.86
N LEU C 259 -7.98 0.65 31.08
CA LEU C 259 -9.41 0.41 31.19
C LEU C 259 -9.99 -0.08 29.86
N THR C 260 -9.43 0.41 28.76
CA THR C 260 -9.81 -0.08 27.44
C THR C 260 -9.54 -1.57 27.33
N GLU C 261 -8.39 -2.02 27.82
CA GLU C 261 -8.07 -3.44 27.77
C GLU C 261 -8.90 -4.22 28.79
N VAL C 262 -9.22 -3.60 29.92
CA VAL C 262 -10.10 -4.22 30.90
C VAL C 262 -11.43 -4.54 30.24
N SER C 263 -11.88 -3.64 29.39
CA SER C 263 -13.14 -3.83 28.68
C SER C 263 -13.08 -5.05 27.76
N ASN C 264 -11.87 -5.51 27.42
CA ASN C 264 -11.72 -6.71 26.58
C ASN C 264 -11.38 -8.00 27.34
N LEU C 265 -11.43 -7.96 28.67
CA LEU C 265 -11.09 -9.14 29.46
C LEU C 265 -12.12 -10.25 29.26
N LYS C 266 -11.66 -11.49 29.38
CA LYS C 266 -12.53 -12.66 29.36
C LYS C 266 -13.30 -12.69 30.67
N ILE C 267 -14.62 -12.51 30.60
CA ILE C 267 -15.47 -12.35 31.77
C ILE C 267 -16.73 -13.24 31.72
N PRO C 268 -17.12 -13.84 32.86
CA PRO C 268 -18.39 -14.59 32.89
C PRO C 268 -19.61 -13.69 32.74
N GLN C 269 -20.54 -14.08 31.86
CA GLN C 269 -21.65 -13.22 31.47
C GLN C 269 -22.93 -13.53 32.23
N ASP C 270 -22.82 -14.29 33.33
CA ASP C 270 -23.99 -14.68 34.11
C ASP C 270 -23.88 -14.26 35.58
N ASN C 271 -22.88 -13.44 35.89
CA ASN C 271 -22.70 -12.94 37.26
C ASN C 271 -23.15 -11.50 37.39
N ASP C 272 -24.14 -11.27 38.24
CA ASP C 272 -24.73 -9.94 38.39
C ASP C 272 -23.80 -8.97 39.11
N LEU C 273 -23.02 -9.48 40.05
CA LEU C 273 -22.08 -8.63 40.78
C LEU C 273 -20.99 -8.07 39.84
N ILE C 274 -20.47 -8.93 38.98
CA ILE C 274 -19.46 -8.53 37.99
C ILE C 274 -20.01 -7.50 37.01
N LYS C 275 -21.28 -7.67 36.65
CA LYS C 275 -21.95 -6.72 35.77
C LYS C 275 -22.01 -5.35 36.44
N ARG C 276 -22.23 -5.35 37.75
CA ARG C 276 -22.25 -4.11 38.51
C ARG C 276 -20.85 -3.50 38.52
N GLN C 277 -19.83 -4.34 38.66
CA GLN C 277 -18.46 -3.85 38.63
C GLN C 277 -18.10 -3.24 37.29
N THR C 278 -18.61 -3.82 36.20
CA THR C 278 -18.33 -3.34 34.84
C THR C 278 -19.06 -2.01 34.58
N VAL C 279 -20.27 -1.89 35.10
CA VAL C 279 -21.01 -0.63 35.03
C VAL C 279 -20.28 0.43 35.84
N LEU C 280 -19.83 0.04 37.03
CA LEU C 280 -19.29 1.00 37.98
C LEU C 280 -18.04 1.68 37.45
N PHE C 281 -17.10 0.93 36.89
CA PHE C 281 -15.84 1.58 36.51
C PHE C 281 -16.07 2.52 35.32
N PHE C 282 -17.04 2.18 34.47
CA PHE C 282 -17.42 3.04 33.37
C PHE C 282 -18.01 4.34 33.91
N GLN C 283 -18.93 4.18 34.84
CA GLN C 283 -19.59 5.30 35.52
C GLN C 283 -18.57 6.23 36.18
N ASN C 284 -17.59 5.64 36.88
CA ASN C 284 -16.53 6.40 37.52
C ASN C 284 -15.67 7.14 36.49
N THR C 285 -15.33 6.45 35.41
CA THR C 285 -14.46 7.02 34.39
C THR C 285 -15.12 8.24 33.74
N LEU C 286 -16.39 8.11 33.35
CA LEU C 286 -17.09 9.19 32.68
C LEU C 286 -17.30 10.36 33.63
N GLN C 287 -17.50 10.06 34.91
CA GLN C 287 -17.61 11.09 35.93
C GLN C 287 -16.34 11.92 36.00
N GLN C 288 -15.19 11.24 36.02
CA GLN C 288 -13.90 11.95 36.11
C GLN C 288 -13.64 12.80 34.87
N ILE C 289 -14.07 12.34 33.72
CA ILE C 289 -13.86 13.10 32.50
C ILE C 289 -14.69 14.38 32.51
N ALA C 290 -15.96 14.27 32.92
CA ALA C 290 -16.86 15.42 32.98
C ALA C 290 -16.40 16.49 33.97
N THR C 291 -15.78 16.07 35.08
CA THR C 291 -15.39 17.02 36.13
C THR C 291 -13.91 17.43 36.06
N SER C 292 -13.03 16.56 35.56
CA SER C 292 -11.61 16.88 35.54
C SER C 292 -11.03 17.24 34.17
N VAL C 293 -11.73 16.87 33.09
CA VAL C 293 -11.19 17.09 31.74
C VAL C 293 -12.02 18.07 30.92
N MET C 294 -13.21 17.65 30.48
CA MET C 294 -14.13 18.58 29.82
C MET C 294 -15.55 18.04 29.90
N PRO C 295 -16.53 18.95 29.98
CA PRO C 295 -17.93 18.52 29.99
C PRO C 295 -18.39 18.02 28.62
N VAL C 296 -19.51 17.30 28.62
CA VAL C 296 -20.03 16.68 27.41
C VAL C 296 -20.41 17.71 26.33
N THR C 297 -20.61 18.97 26.72
CA THR C 297 -20.93 20.03 25.77
C THR C 297 -19.69 20.56 25.03
N ALA C 298 -18.50 20.21 25.50
CA ALA C 298 -17.25 20.80 24.99
C ALA C 298 -17.09 20.59 23.49
N ASP C 299 -16.47 21.55 22.84
CA ASP C 299 -16.21 21.51 21.40
C ASP C 299 -14.92 20.72 21.15
N LEU C 300 -15.05 19.40 21.02
CA LEU C 300 -13.87 18.55 20.87
C LEU C 300 -13.19 18.78 19.51
N LYS C 301 -13.98 19.06 18.48
CA LYS C 301 -13.42 19.45 17.18
C LYS C 301 -12.36 20.54 17.32
N ALA C 302 -12.74 21.63 18.00
CA ALA C 302 -11.86 22.76 18.23
C ALA C 302 -10.65 22.40 19.09
N THR C 303 -10.89 21.63 20.15
CA THR C 303 -9.83 21.23 21.05
C THR C 303 -8.79 20.42 20.30
N TYR C 304 -9.26 19.46 19.51
CA TYR C 304 -8.37 18.59 18.74
C TYR C 304 -7.57 19.41 17.76
N ALA C 305 -8.22 20.35 17.07
CA ALA C 305 -7.54 21.21 16.09
C ALA C 305 -6.44 22.05 16.71
N ASN C 306 -6.65 22.53 17.94
CA ASN C 306 -5.66 23.34 18.65
C ASN C 306 -4.43 22.53 19.02
N ALA C 307 -4.60 21.24 19.20
CA ALA C 307 -3.48 20.32 19.38
C ALA C 307 -2.56 20.70 20.53
N ASN C 308 -3.11 21.19 21.63
CA ASN C 308 -2.31 21.49 22.82
C ASN C 308 -1.80 20.21 23.46
N GLY C 309 -0.55 20.22 23.90
CA GLY C 309 0.02 19.15 24.68
C GLY C 309 -0.29 17.79 24.10
N ASN C 310 -0.94 16.95 24.91
CA ASN C 310 -1.29 15.59 24.49
C ASN C 310 -2.78 15.43 24.26
N ASP C 311 -3.49 16.52 23.98
CA ASP C 311 -4.94 16.46 23.84
C ASP C 311 -5.40 15.54 22.70
N GLN C 312 -4.68 15.55 21.58
CA GLN C 312 -5.07 14.71 20.45
C GLN C 312 -5.00 13.24 20.81
N SER C 313 -3.89 12.82 21.41
CA SER C 313 -3.78 11.43 21.86
C SER C 313 -4.86 11.08 22.86
N PHE C 314 -5.18 12.02 23.74
CA PHE C 314 -6.16 11.73 24.76
C PHE C 314 -7.54 11.51 24.14
N LEU C 315 -7.90 12.36 23.18
CA LEU C 315 -9.21 12.25 22.55
C LEU C 315 -9.27 10.98 21.68
N GLN C 316 -8.17 10.63 21.02
CA GLN C 316 -8.08 9.34 20.33
C GLN C 316 -8.32 8.19 21.32
N ASP C 317 -7.59 8.20 22.45
CA ASP C 317 -7.71 7.14 23.45
C ASP C 317 -9.13 7.12 24.08
N LEU C 318 -9.76 8.28 24.23
CA LEU C 318 -11.12 8.31 24.78
C LEU C 318 -12.10 7.66 23.78
N ALA C 319 -11.91 7.91 22.49
CA ALA C 319 -12.75 7.31 21.45
C ALA C 319 -12.61 5.79 21.49
N MET C 320 -11.37 5.31 21.61
CA MET C 320 -11.11 3.88 21.65
C MET C 320 -11.74 3.25 22.90
N PHE C 321 -11.62 3.92 24.04
CA PHE C 321 -12.23 3.43 25.27
C PHE C 321 -13.76 3.35 25.16
N LEU C 322 -14.37 4.47 24.80
CA LEU C 322 -15.82 4.52 24.69
C LEU C 322 -16.35 3.51 23.70
N THR C 323 -15.78 3.45 22.50
CA THR C 323 -16.29 2.51 21.49
C THR C 323 -16.06 1.04 21.90
N THR C 324 -14.90 0.75 22.47
CA THR C 324 -14.60 -0.62 22.91
C THR C 324 -15.55 -1.08 24.00
N TYR C 325 -15.74 -0.23 25.02
CA TYR C 325 -16.63 -0.60 26.11
C TYR C 325 -18.08 -0.74 25.64
N LEU C 326 -18.57 0.26 24.90
CA LEU C 326 -19.97 0.29 24.51
C LEU C 326 -20.33 -0.80 23.50
N ALA C 327 -19.39 -1.16 22.62
CA ALA C 327 -19.61 -2.26 21.69
C ALA C 327 -19.85 -3.57 22.43
N ARG C 328 -19.22 -3.71 23.59
CA ARG C 328 -19.35 -4.93 24.36
C ARG C 328 -20.44 -4.85 25.43
N ASN C 329 -20.61 -3.68 26.06
CA ASN C 329 -21.37 -3.58 27.30
C ASN C 329 -22.59 -2.66 27.34
N ARG C 330 -22.95 -2.02 26.23
CA ARG C 330 -23.99 -0.99 26.32
C ARG C 330 -25.35 -1.58 26.74
N ALA C 331 -25.58 -2.86 26.48
CA ALA C 331 -26.79 -3.51 26.96
C ALA C 331 -26.92 -3.45 28.49
N LEU C 332 -25.79 -3.46 29.19
CA LEU C 332 -25.79 -3.29 30.65
C LEU C 332 -26.40 -1.96 31.10
N LEU C 333 -26.35 -0.97 30.20
CA LEU C 333 -26.83 0.37 30.51
C LEU C 333 -28.24 0.67 29.98
N GLU C 334 -28.80 -0.24 29.18
CA GLU C 334 -30.03 0.05 28.44
C GLU C 334 -31.34 -0.21 29.17
N SER C 335 -31.36 -1.09 30.17
CA SER C 335 -32.61 -1.43 30.86
C SER C 335 -32.86 -0.65 32.16
N ASP C 336 -31.79 -0.39 32.91
CA ASP C 336 -31.87 0.36 34.16
C ASP C 336 -32.09 1.85 33.87
N GLU C 337 -33.20 2.41 34.36
CA GLU C 337 -33.47 3.83 34.13
C GLU C 337 -32.43 4.73 34.80
N SER C 338 -31.85 4.26 35.90
CA SER C 338 -30.84 5.02 36.62
C SER C 338 -29.52 5.09 35.88
N LEU C 339 -29.38 4.31 34.82
CA LEU C 339 -28.16 4.27 34.02
C LEU C 339 -28.33 4.97 32.67
N ARG C 340 -29.53 5.47 32.40
CA ARG C 340 -29.84 6.07 31.10
C ARG C 340 -28.97 7.31 30.81
N GLU C 341 -28.83 8.18 31.81
CA GLU C 341 -28.05 9.41 31.63
C GLU C 341 -26.60 9.07 31.29
N LEU C 342 -26.06 8.08 32.00
CA LEU C 342 -24.70 7.61 31.72
C LEU C 342 -24.57 7.09 30.28
N LEU C 343 -25.56 6.33 29.85
CA LEU C 343 -25.55 5.76 28.52
C LEU C 343 -25.53 6.84 27.45
N LEU C 344 -26.39 7.84 27.62
CA LEU C 344 -26.54 8.90 26.63
C LEU C 344 -25.39 9.91 26.70
N ASN C 345 -24.86 10.15 27.90
CA ASN C 345 -23.67 10.99 28.03
C ASN C 345 -22.48 10.38 27.33
N ALA C 346 -22.29 9.08 27.50
CA ALA C 346 -21.18 8.40 26.83
C ALA C 346 -21.33 8.55 25.32
N HIS C 347 -22.55 8.39 24.82
CA HIS C 347 -22.76 8.51 23.38
C HIS C 347 -22.67 9.95 22.89
N GLN C 348 -23.00 10.90 23.75
CA GLN C 348 -22.87 12.30 23.39
C GLN C 348 -21.39 12.67 23.26
N TYR C 349 -20.54 12.07 24.08
CA TYR C 349 -19.09 12.29 23.90
C TYR C 349 -18.65 11.78 22.55
N LEU C 350 -19.17 10.63 22.16
CA LEU C 350 -18.84 10.06 20.86
C LEU C 350 -19.36 10.94 19.71
N ILE C 351 -20.54 11.52 19.88
CA ILE C 351 -21.05 12.47 18.90
C ILE C 351 -20.06 13.60 18.76
N GLN C 352 -19.66 14.18 19.89
CA GLN C 352 -18.70 15.28 19.83
C GLN C 352 -17.34 14.85 19.23
N LEU C 353 -16.90 13.63 19.56
CA LEU C 353 -15.65 13.11 19.01
C LEU C 353 -15.74 12.90 17.50
N SER C 354 -16.96 12.65 17.02
CA SER C 354 -17.20 12.33 15.62
C SER C 354 -17.15 13.58 14.74
N LYS C 355 -17.08 14.75 15.37
CA LYS C 355 -17.03 16.00 14.63
C LYS C 355 -15.59 16.47 14.35
N ILE C 356 -14.64 15.84 15.04
CA ILE C 356 -13.22 16.11 14.86
C ILE C 356 -12.81 15.90 13.41
N GLU C 357 -12.02 16.84 12.86
CA GLU C 357 -11.46 16.68 11.52
C GLU C 357 -10.18 15.85 11.61
N GLU C 358 -10.34 14.54 11.50
CA GLU C 358 -9.25 13.57 11.56
C GLU C 358 -9.74 12.24 10.98
N ARG C 359 -9.31 11.95 9.76
CA ARG C 359 -9.84 10.85 8.98
C ARG C 359 -9.83 9.51 9.73
N GLU C 360 -8.67 9.17 10.30
CA GLU C 360 -8.52 7.84 10.89
C GLU C 360 -9.33 7.68 12.15
N LEU C 361 -9.42 8.76 12.92
CA LEU C 361 -10.26 8.76 14.11
C LEU C 361 -11.73 8.67 13.73
N PHE C 362 -12.12 9.40 12.69
CA PHE C 362 -13.51 9.33 12.21
C PHE C 362 -13.86 7.90 11.83
N LYS C 363 -12.93 7.19 11.22
CA LYS C 363 -13.17 5.81 10.83
C LYS C 363 -13.40 4.93 12.06
N THR C 364 -12.74 5.28 13.16
CA THR C 364 -12.88 4.49 14.39
C THR C 364 -14.26 4.69 14.98
N THR C 365 -14.70 5.93 15.05
CA THR C 365 -16.02 6.22 15.57
C THR C 365 -17.09 5.69 14.61
N LEU C 366 -16.83 5.80 13.32
CA LEU C 366 -17.82 5.36 12.33
C LEU C 366 -18.05 3.85 12.44
N ASP C 367 -16.99 3.10 12.73
CA ASP C 367 -17.12 1.66 12.94
C ASP C 367 -18.05 1.36 14.10
N TYR C 368 -17.93 2.15 15.16
CA TYR C 368 -18.81 1.98 16.29
C TYR C 368 -20.26 2.34 15.92
N TRP C 369 -20.45 3.46 15.23
CA TRP C 369 -21.79 3.86 14.86
C TRP C 369 -22.47 2.77 14.07
N HIS C 370 -21.73 2.13 13.18
CA HIS C 370 -22.25 1.01 12.39
C HIS C 370 -22.71 -0.12 13.31
N ASN C 371 -21.88 -0.46 14.28
CA ASN C 371 -22.26 -1.47 15.26
C ASN C 371 -23.59 -1.08 15.91
N LEU C 372 -23.70 0.18 16.33
CA LEU C 372 -24.92 0.65 17.00
C LEU C 372 -26.17 0.60 16.11
N VAL C 373 -26.17 1.31 15.00
CA VAL C 373 -27.38 1.46 14.19
C VAL C 373 -27.81 0.13 13.56
N ALA C 374 -26.87 -0.78 13.33
CA ALA C 374 -27.22 -2.11 12.86
C ALA C 374 -28.07 -2.80 13.93
N ASP C 375 -27.62 -2.71 15.17
CA ASP C 375 -28.32 -3.31 16.31
C ASP C 375 -29.71 -2.70 16.51
N LEU C 376 -29.80 -1.38 16.37
CA LEU C 376 -31.08 -0.68 16.51
C LEU C 376 -32.05 -1.05 15.38
N PHE C 377 -31.50 -1.51 14.26
CA PHE C 377 -32.30 -1.90 13.10
C PHE C 377 -32.92 -3.29 13.30
N TYR C 378 -32.24 -4.13 14.07
CA TYR C 378 -32.70 -5.51 14.28
C TYR C 378 -33.24 -5.77 15.69
N GLU C 379 -32.60 -5.20 16.71
CA GLU C 379 -32.96 -5.53 18.09
C GLU C 379 -34.25 -4.85 18.56
N PRO C 380 -35.23 -5.63 19.05
CA PRO C 380 -36.49 -5.01 19.48
C PRO C 380 -36.36 -4.04 20.64
N LEU C 381 -37.14 -2.96 20.58
CA LEU C 381 -37.34 -2.04 21.69
C LEU C 381 -36.11 -1.20 22.06
N LYS C 382 -35.14 -1.09 21.15
CA LYS C 382 -33.90 -0.38 21.44
C LYS C 382 -33.80 1.02 20.81
N LYS C 383 -34.36 1.19 19.62
CA LYS C 383 -34.07 2.40 18.84
C LYS C 383 -34.63 3.69 19.46
N HIS C 384 -35.74 3.58 20.19
CA HIS C 384 -36.31 4.79 20.81
C HIS C 384 -35.34 5.40 21.83
N ILE C 385 -34.50 4.57 22.43
CA ILE C 385 -33.51 5.02 23.42
C ILE C 385 -32.56 6.04 22.82
N TYR C 386 -32.21 5.87 21.56
CA TYR C 386 -31.13 6.61 20.93
C TYR C 386 -31.62 7.64 19.92
N GLU C 387 -32.89 8.04 20.04
CA GLU C 387 -33.51 8.91 19.04
C GLU C 387 -32.75 10.21 18.83
N GLU C 388 -32.39 10.86 19.92
CA GLU C 388 -31.68 12.13 19.84
C GLU C 388 -30.22 11.93 19.43
N ILE C 389 -29.62 10.83 19.84
CA ILE C 389 -28.27 10.51 19.37
C ILE C 389 -28.27 10.28 17.85
N CYS C 390 -29.23 9.50 17.37
CA CYS C 390 -29.27 9.15 15.95
C CYS C 390 -29.54 10.38 15.11
N SER C 391 -30.37 11.27 15.63
CA SER C 391 -30.70 12.50 14.94
C SER C 391 -29.46 13.36 14.71
N GLN C 392 -28.66 13.52 15.76
CA GLN C 392 -27.39 14.25 15.64
C GLN C 392 -26.45 13.55 14.68
N LEU C 393 -26.46 12.22 14.71
CA LEU C 393 -25.53 11.43 13.89
C LEU C 393 -25.84 11.60 12.41
N ARG C 394 -27.12 11.71 12.08
CA ARG C 394 -27.52 11.96 10.69
C ARG C 394 -26.85 13.21 10.15
N LEU C 395 -26.90 14.29 10.93
CA LEU C 395 -26.27 15.54 10.51
C LEU C 395 -24.75 15.37 10.37
N VAL C 396 -24.13 14.68 11.33
CA VAL C 396 -22.69 14.49 11.32
C VAL C 396 -22.24 13.73 10.09
N ILE C 397 -22.98 12.67 9.73
CA ILE C 397 -22.58 11.86 8.60
C ILE C 397 -22.85 12.59 7.29
N ILE C 398 -24.03 13.20 7.16
CA ILE C 398 -24.35 13.97 5.97
C ILE C 398 -23.29 15.04 5.72
N GLU C 399 -22.84 15.71 6.78
CA GLU C 399 -21.89 16.82 6.62
C GLU C 399 -20.44 16.39 6.40
N ASN C 400 -20.11 15.12 6.64
CA ASN C 400 -18.75 14.62 6.42
C ASN C 400 -18.71 13.52 5.35
N MET C 401 -19.73 13.47 4.49
CA MET C 401 -19.75 12.50 3.40
C MET C 401 -18.57 12.73 2.48
N VAL C 402 -17.87 11.66 2.11
CA VAL C 402 -16.73 11.76 1.20
C VAL C 402 -17.14 11.33 -0.20
N ARG C 403 -16.30 11.66 -1.17
CA ARG C 403 -16.55 11.38 -2.57
C ARG C 403 -16.77 9.89 -2.83
N PRO C 404 -17.90 9.53 -3.46
CA PRO C 404 -18.13 8.13 -3.82
C PRO C 404 -17.30 7.71 -5.04
N GLU C 405 -17.05 6.42 -5.18
CA GLU C 405 -16.14 5.92 -6.21
C GLU C 405 -14.74 6.46 -5.94
N THR C 427 -11.83 8.17 0.29
CA THR C 427 -11.58 6.93 -0.45
C THR C 427 -12.88 6.18 -0.70
N ILE C 428 -12.78 5.11 -1.49
CA ILE C 428 -13.93 4.26 -1.79
C ILE C 428 -14.45 3.57 -0.53
N GLN C 429 -13.54 3.14 0.33
CA GLN C 429 -13.90 2.33 1.47
C GLN C 429 -14.70 3.13 2.49
N LEU C 430 -14.29 4.37 2.73
CA LEU C 430 -14.94 5.19 3.74
C LEU C 430 -16.34 5.60 3.28
N TYR C 431 -16.52 5.83 1.98
CA TYR C 431 -17.83 6.21 1.47
C TYR C 431 -18.84 5.11 1.69
N LYS C 432 -18.45 3.87 1.37
CA LYS C 432 -19.33 2.72 1.54
C LYS C 432 -19.72 2.53 2.99
N SER C 433 -18.80 2.80 3.90
CA SER C 433 -19.08 2.68 5.32
C SER C 433 -20.03 3.77 5.76
N GLU C 434 -19.83 4.97 5.23
CA GLU C 434 -20.75 6.06 5.52
C GLU C 434 -22.14 5.76 4.98
N ARG C 435 -22.21 5.25 3.75
CA ARG C 435 -23.47 4.90 3.12
C ARG C 435 -24.25 3.90 3.96
N GLU C 436 -23.56 2.87 4.44
CA GLU C 436 -24.21 1.83 5.24
C GLU C 436 -24.83 2.38 6.52
N VAL C 437 -24.07 3.19 7.25
CA VAL C 437 -24.59 3.79 8.48
C VAL C 437 -25.77 4.71 8.16
N LEU C 438 -25.65 5.52 7.11
CA LEU C 438 -26.69 6.49 6.80
C LEU C 438 -27.97 5.82 6.28
N VAL C 439 -27.82 4.67 5.62
CA VAL C 439 -28.97 3.89 5.16
C VAL C 439 -29.74 3.30 6.35
N TYR C 440 -29.00 2.75 7.30
CA TYR C 440 -29.59 2.32 8.57
C TYR C 440 -30.32 3.47 9.28
N LEU C 441 -29.67 4.62 9.40
CA LEU C 441 -30.26 5.78 10.06
C LEU C 441 -31.52 6.28 9.35
N THR C 442 -31.56 6.10 8.04
CA THR C 442 -32.73 6.50 7.27
C THR C 442 -33.90 5.56 7.52
N HIS C 443 -33.63 4.26 7.66
CA HIS C 443 -34.67 3.29 7.98
C HIS C 443 -35.21 3.56 9.37
N LEU C 444 -34.32 3.92 10.29
CA LEU C 444 -34.72 4.13 11.69
C LEU C 444 -35.63 5.35 11.81
N ASN C 445 -35.46 6.32 10.94
CA ASN C 445 -36.39 7.44 10.85
C ASN C 445 -36.30 8.20 9.52
N VAL C 446 -37.07 7.76 8.54
CA VAL C 446 -37.07 8.36 7.21
C VAL C 446 -37.45 9.85 7.26
N ILE C 447 -38.45 10.18 8.06
CA ILE C 447 -38.95 11.54 8.11
C ILE C 447 -37.86 12.52 8.56
N ASP C 448 -37.11 12.15 9.60
CA ASP C 448 -36.04 13.03 10.12
C ASP C 448 -34.90 13.18 9.11
N THR C 449 -34.57 12.11 8.40
CA THR C 449 -33.50 12.17 7.41
C THR C 449 -33.88 13.11 6.28
N GLU C 450 -35.09 12.96 5.78
CA GLU C 450 -35.55 13.80 4.68
C GLU C 450 -35.50 15.26 5.09
N GLU C 451 -35.98 15.56 6.29
CA GLU C 451 -36.08 16.93 6.77
C GLU C 451 -34.70 17.58 6.84
N ILE C 452 -33.72 16.86 7.37
CA ILE C 452 -32.36 17.38 7.49
C ILE C 452 -31.77 17.70 6.13
N MET C 453 -32.05 16.86 5.14
CA MET C 453 -31.47 17.05 3.81
C MET C 453 -32.10 18.23 3.09
N ILE C 454 -33.43 18.36 3.18
CA ILE C 454 -34.12 19.50 2.57
C ILE C 454 -33.70 20.82 3.22
N SER C 455 -33.64 20.83 4.55
CA SER C 455 -33.13 21.98 5.31
C SER C 455 -31.72 22.35 4.85
N LYS C 456 -30.86 21.36 4.79
CA LYS C 456 -29.51 21.55 4.31
C LYS C 456 -29.51 22.21 2.92
N LEU C 457 -30.37 21.71 2.05
CA LEU C 457 -30.44 22.17 0.68
C LEU C 457 -30.88 23.64 0.59
N ALA C 458 -31.73 24.06 1.53
CA ALA C 458 -32.21 25.44 1.54
C ALA C 458 -31.07 26.40 1.90
N ARG C 459 -30.17 25.95 2.75
CA ARG C 459 -29.04 26.77 3.17
C ARG C 459 -27.93 26.78 2.12
N GLN C 460 -28.14 26.04 1.03
CA GLN C 460 -27.27 26.12 -0.13
C GLN C 460 -27.85 27.15 -1.09
N ILE C 461 -29.17 27.24 -1.11
CA ILE C 461 -29.86 28.18 -1.98
C ILE C 461 -29.79 29.61 -1.43
N ASP C 462 -29.95 29.78 -0.12
CA ASP C 462 -29.87 31.12 0.46
C ASP C 462 -28.41 31.51 0.71
N GLY C 463 -27.48 30.63 0.33
CA GLY C 463 -26.06 30.93 0.32
C GLY C 463 -25.35 30.95 1.66
N SER C 464 -26.09 30.69 2.74
CA SER C 464 -25.53 30.73 4.10
C SER C 464 -24.56 29.59 4.38
N GLU C 465 -24.60 28.56 3.55
CA GLU C 465 -23.67 27.42 3.66
C GLU C 465 -23.19 27.00 2.27
N TRP C 466 -23.28 27.91 1.31
CA TRP C 466 -22.90 27.62 -0.07
C TRP C 466 -21.39 27.55 -0.28
N SER C 467 -20.96 26.41 -0.82
CA SER C 467 -19.61 26.25 -1.32
C SER C 467 -19.58 25.00 -2.18
N TRP C 468 -18.52 24.87 -2.97
CA TRP C 468 -18.36 23.70 -3.83
C TRP C 468 -18.29 22.44 -2.98
N HIS C 469 -17.59 22.52 -1.87
CA HIS C 469 -17.46 21.37 -0.98
C HIS C 469 -18.80 20.99 -0.35
N ASN C 470 -19.55 21.99 0.09
CA ASN C 470 -20.79 21.74 0.81
C ASN C 470 -21.91 21.24 -0.10
N ILE C 471 -21.95 21.69 -1.34
CA ILE C 471 -22.98 21.20 -2.27
C ILE C 471 -22.66 19.79 -2.74
N ASN C 472 -21.37 19.51 -2.95
CA ASN C 472 -20.92 18.17 -3.33
C ASN C 472 -21.22 17.15 -2.25
N THR C 473 -20.88 17.51 -1.01
CA THR C 473 -21.10 16.64 0.13
C THR C 473 -22.58 16.31 0.31
N LEU C 474 -23.43 17.32 0.20
CA LEU C 474 -24.86 17.13 0.37
C LEU C 474 -25.39 16.22 -0.73
N SER C 475 -24.90 16.40 -1.95
CA SER C 475 -25.39 15.64 -3.08
C SER C 475 -25.03 14.15 -2.96
N TRP C 476 -23.78 13.87 -2.58
CA TRP C 476 -23.35 12.50 -2.29
C TRP C 476 -24.23 11.88 -1.21
N ALA C 477 -24.52 12.66 -0.17
CA ALA C 477 -25.37 12.18 0.92
C ALA C 477 -26.75 11.85 0.41
N ILE C 478 -27.34 12.76 -0.36
CA ILE C 478 -28.67 12.54 -0.91
C ILE C 478 -28.66 11.31 -1.84
N GLY C 479 -27.58 11.12 -2.56
CA GLY C 479 -27.49 10.00 -3.48
C GLY C 479 -27.32 8.69 -2.74
N SER C 480 -26.73 8.73 -1.55
CA SER C 480 -26.32 7.51 -0.87
C SER C 480 -27.47 6.72 -0.24
N ILE C 481 -28.59 7.39 0.05
CA ILE C 481 -29.72 6.73 0.72
C ILE C 481 -30.77 6.20 -0.25
N SER C 482 -30.44 6.21 -1.54
CA SER C 482 -31.33 5.68 -2.56
C SER C 482 -31.75 4.25 -2.26
N GLY C 483 -33.05 3.99 -2.25
CA GLY C 483 -33.58 2.67 -2.00
C GLY C 483 -34.14 2.52 -0.60
N THR C 484 -33.95 3.53 0.24
CA THR C 484 -34.40 3.45 1.62
C THR C 484 -35.82 3.96 1.81
N MET C 485 -36.26 4.85 0.94
CA MET C 485 -37.59 5.44 1.02
C MET C 485 -38.60 4.60 0.26
N SER C 486 -39.87 4.78 0.55
CA SER C 486 -40.92 4.22 -0.29
C SER C 486 -40.86 4.90 -1.64
N GLU C 487 -41.43 4.26 -2.66
CA GLU C 487 -41.35 4.78 -4.02
C GLU C 487 -42.12 6.09 -4.13
N ASP C 488 -43.23 6.20 -3.40
CA ASP C 488 -44.00 7.44 -3.38
C ASP C 488 -43.25 8.55 -2.65
N THR C 489 -42.67 8.24 -1.49
CA THR C 489 -41.92 9.24 -0.75
C THR C 489 -40.68 9.65 -1.54
N GLU C 490 -40.01 8.66 -2.12
CA GLU C 490 -38.85 8.89 -2.96
C GLU C 490 -39.17 9.79 -4.14
N LYS C 491 -40.34 9.59 -4.73
CA LYS C 491 -40.76 10.37 -5.88
C LYS C 491 -40.89 11.85 -5.50
N ARG C 492 -41.62 12.12 -4.43
CA ARG C 492 -41.79 13.48 -3.92
C ARG C 492 -40.44 14.07 -3.55
N PHE C 493 -39.59 13.25 -2.93
CA PHE C 493 -38.28 13.69 -2.51
C PHE C 493 -37.39 14.04 -3.71
N VAL C 494 -37.29 13.12 -4.66
CA VAL C 494 -36.44 13.36 -5.80
C VAL C 494 -36.89 14.64 -6.52
N VAL C 495 -38.19 14.79 -6.73
CA VAL C 495 -38.74 15.97 -7.39
C VAL C 495 -38.31 17.25 -6.66
N THR C 496 -38.48 17.30 -5.35
CA THR C 496 -38.09 18.48 -4.57
C THR C 496 -36.60 18.79 -4.72
N VAL C 497 -35.77 17.76 -4.62
CA VAL C 497 -34.33 17.97 -4.69
C VAL C 497 -33.88 18.47 -6.06
N ILE C 498 -34.31 17.82 -7.13
CA ILE C 498 -33.90 18.21 -8.48
C ILE C 498 -34.43 19.61 -8.81
N LYS C 499 -35.65 19.89 -8.39
CA LYS C 499 -36.27 21.18 -8.62
C LYS C 499 -35.42 22.26 -7.94
N ASP C 500 -35.07 22.01 -6.68
CA ASP C 500 -34.28 22.95 -5.89
C ASP C 500 -32.87 23.09 -6.46
N LEU C 501 -32.26 21.97 -6.84
CA LEU C 501 -30.92 22.00 -7.42
C LEU C 501 -30.90 22.70 -8.79
N LEU C 502 -31.92 22.49 -9.60
CA LEU C 502 -32.02 23.17 -10.89
C LEU C 502 -32.08 24.68 -10.67
N GLY C 503 -32.87 25.11 -9.69
CA GLY C 503 -32.97 26.52 -9.36
C GLY C 503 -31.63 27.07 -8.91
N LEU C 504 -30.88 26.24 -8.18
CA LEU C 504 -29.55 26.63 -7.71
C LEU C 504 -28.59 26.81 -8.88
N CYS C 505 -28.72 25.94 -9.88
CA CYS C 505 -27.85 26.01 -11.05
C CYS C 505 -28.08 27.28 -11.86
N GLU C 506 -29.34 27.65 -12.05
CA GLU C 506 -29.67 28.88 -12.77
C GLU C 506 -29.22 30.11 -11.98
N GLN C 507 -29.31 30.01 -10.65
CA GLN C 507 -28.95 31.12 -9.76
C GLN C 507 -27.47 31.51 -9.93
N LYS C 508 -26.60 30.52 -10.11
CA LYS C 508 -25.16 30.77 -10.15
C LYS C 508 -24.69 31.24 -11.52
N ARG C 509 -23.73 32.17 -11.51
CA ARG C 509 -23.11 32.67 -12.75
C ARG C 509 -21.75 32.03 -12.94
N GLY C 510 -21.26 32.07 -14.18
CA GLY C 510 -19.96 31.50 -14.49
C GLY C 510 -19.99 29.99 -14.65
N LYS C 511 -19.26 29.49 -15.64
CA LYS C 511 -19.28 28.07 -15.94
C LYS C 511 -18.73 27.24 -14.79
N ASP C 512 -17.86 27.84 -13.98
CA ASP C 512 -17.27 27.11 -12.86
C ASP C 512 -18.35 26.68 -11.86
N ASN C 513 -19.17 27.63 -11.42
CA ASN C 513 -20.24 27.32 -10.48
C ASN C 513 -21.28 26.39 -11.10
N LYS C 514 -21.67 26.68 -12.34
CA LYS C 514 -22.69 25.90 -13.03
C LYS C 514 -22.21 24.47 -13.28
N ALA C 515 -20.93 24.29 -13.52
CA ALA C 515 -20.39 22.97 -13.76
C ALA C 515 -20.56 22.10 -12.51
N VAL C 516 -20.28 22.68 -11.35
CA VAL C 516 -20.37 21.94 -10.08
C VAL C 516 -21.81 21.50 -9.80
N VAL C 517 -22.74 22.44 -9.91
CA VAL C 517 -24.15 22.14 -9.62
C VAL C 517 -24.71 21.15 -10.64
N ALA C 518 -24.35 21.35 -11.91
CA ALA C 518 -24.82 20.47 -12.98
C ALA C 518 -24.33 19.04 -12.78
N SER C 519 -23.09 18.89 -12.34
CA SER C 519 -22.53 17.58 -12.06
C SER C 519 -23.28 16.90 -10.91
N ASP C 520 -23.57 17.68 -9.88
CA ASP C 520 -24.27 17.15 -8.70
C ASP C 520 -25.68 16.73 -9.06
N ILE C 521 -26.34 17.53 -9.90
CA ILE C 521 -27.66 17.18 -10.40
C ILE C 521 -27.61 15.86 -11.16
N MET C 522 -26.63 15.71 -12.04
CA MET C 522 -26.51 14.49 -12.81
C MET C 522 -26.13 13.34 -11.90
N TYR C 523 -25.37 13.63 -10.85
CA TYR C 523 -25.01 12.58 -9.91
C TYR C 523 -26.24 12.03 -9.20
N VAL C 524 -27.11 12.92 -8.72
CA VAL C 524 -28.27 12.49 -7.96
C VAL C 524 -29.22 11.66 -8.81
N VAL C 525 -29.54 12.12 -10.02
CA VAL C 525 -30.47 11.37 -10.85
C VAL C 525 -29.88 10.00 -11.15
N GLY C 526 -28.57 9.93 -11.39
CA GLY C 526 -27.92 8.66 -11.66
C GLY C 526 -28.02 7.69 -10.49
N GLN C 527 -28.27 8.22 -9.29
CA GLN C 527 -28.37 7.37 -8.10
C GLN C 527 -29.78 6.88 -7.86
N TYR C 528 -30.75 7.39 -8.63
CA TYR C 528 -32.16 7.04 -8.43
C TYR C 528 -32.78 6.41 -9.66
N PRO C 529 -32.26 5.24 -10.07
CA PRO C 529 -32.74 4.57 -11.27
C PRO C 529 -34.21 4.15 -11.16
N ARG C 530 -34.66 3.80 -9.97
CA ARG C 530 -36.06 3.44 -9.76
C ARG C 530 -36.97 4.57 -10.23
N PHE C 531 -36.58 5.80 -9.93
CA PHE C 531 -37.33 6.98 -10.34
C PHE C 531 -37.30 7.13 -11.86
N LEU C 532 -36.11 7.02 -12.43
CA LEU C 532 -35.94 7.14 -13.87
C LEU C 532 -36.74 6.09 -14.63
N LYS C 533 -36.74 4.86 -14.12
CA LYS C 533 -37.42 3.76 -14.79
C LYS C 533 -38.93 3.96 -14.85
N ALA C 534 -39.49 4.62 -13.84
CA ALA C 534 -40.93 4.81 -13.76
C ALA C 534 -41.41 6.02 -14.55
N HIS C 535 -40.48 6.85 -15.02
CA HIS C 535 -40.85 8.12 -15.67
C HIS C 535 -40.02 8.34 -16.92
N TRP C 536 -40.45 7.72 -18.00
CA TRP C 536 -39.66 7.68 -19.24
C TRP C 536 -39.36 9.05 -19.79
N ASN C 537 -40.40 9.87 -19.89
CA ASN C 537 -40.24 11.20 -20.46
C ASN C 537 -39.13 11.96 -19.76
N PHE C 538 -39.06 11.81 -18.44
CA PHE C 538 -38.02 12.45 -17.66
C PHE C 538 -36.66 11.82 -17.94
N LEU C 539 -36.61 10.49 -17.99
CA LEU C 539 -35.37 9.78 -18.28
C LEU C 539 -34.84 10.23 -19.64
N ARG C 540 -35.74 10.34 -20.61
CA ARG C 540 -35.36 10.74 -21.95
C ARG C 540 -34.78 12.16 -21.93
N THR C 541 -35.43 13.04 -21.17
CA THR C 541 -34.96 14.42 -21.03
C THR C 541 -33.56 14.43 -20.42
N VAL C 542 -33.35 13.58 -19.42
CA VAL C 542 -32.06 13.51 -18.76
C VAL C 542 -30.98 13.10 -19.78
N ILE C 543 -31.27 12.08 -20.58
CA ILE C 543 -30.31 11.56 -21.54
C ILE C 543 -30.02 12.59 -22.63
N LEU C 544 -31.07 13.22 -23.15
CA LEU C 544 -30.88 14.25 -24.17
C LEU C 544 -30.04 15.39 -23.62
N LYS C 545 -30.16 15.65 -22.32
CA LYS C 545 -29.40 16.72 -21.70
C LYS C 545 -27.93 16.35 -21.65
N LEU C 546 -27.65 15.11 -21.28
CA LEU C 546 -26.29 14.58 -21.28
C LEU C 546 -25.66 14.69 -22.66
N PHE C 547 -26.43 14.38 -23.69
CA PHE C 547 -25.93 14.51 -25.06
C PHE C 547 -25.53 15.96 -25.35
N GLU C 548 -26.31 16.93 -24.86
CA GLU C 548 -25.96 18.34 -25.00
C GLU C 548 -24.66 18.67 -24.29
N PHE C 549 -24.47 18.10 -23.10
CA PHE C 549 -23.27 18.37 -22.32
C PHE C 549 -22.03 17.77 -22.98
N MET C 550 -22.22 16.80 -23.88
CA MET C 550 -21.10 16.17 -24.57
C MET C 550 -20.47 17.11 -25.60
N HIS C 551 -21.05 18.31 -25.74
CA HIS C 551 -20.51 19.33 -26.63
C HIS C 551 -19.88 20.46 -25.82
N GLU C 552 -20.04 20.41 -24.50
CA GLU C 552 -19.52 21.45 -23.63
C GLU C 552 -18.03 21.24 -23.39
N THR C 553 -17.23 22.25 -23.75
CA THR C 553 -15.77 22.14 -23.71
C THR C 553 -15.18 22.45 -22.33
N HIS C 554 -16.01 22.85 -21.38
CA HIS C 554 -15.53 23.16 -20.04
C HIS C 554 -14.96 21.91 -19.38
N GLU C 555 -13.85 22.09 -18.66
CA GLU C 555 -13.11 20.97 -18.08
C GLU C 555 -13.96 20.11 -17.17
N GLY C 556 -14.06 18.83 -17.51
CA GLY C 556 -14.75 17.85 -16.67
C GLY C 556 -16.16 17.50 -17.13
N VAL C 557 -16.79 18.41 -17.86
CA VAL C 557 -18.21 18.25 -18.21
C VAL C 557 -18.44 17.05 -19.12
N GLN C 558 -17.65 16.94 -20.18
CA GLN C 558 -17.79 15.83 -21.12
C GLN C 558 -17.56 14.49 -20.43
N ASP C 559 -16.52 14.42 -19.59
CA ASP C 559 -16.24 13.21 -18.81
C ASP C 559 -17.44 12.89 -17.93
N MET C 560 -17.95 13.89 -17.25
CA MET C 560 -19.09 13.71 -16.35
C MET C 560 -20.30 13.23 -17.15
N ALA C 561 -20.50 13.80 -18.33
CA ALA C 561 -21.66 13.46 -19.14
C ALA C 561 -21.59 11.99 -19.57
N CYS C 562 -20.42 11.55 -20.00
CA CYS C 562 -20.26 10.17 -20.47
C CYS C 562 -20.38 9.19 -19.31
N ASP C 563 -19.77 9.51 -18.18
CA ASP C 563 -19.80 8.61 -17.02
C ASP C 563 -21.23 8.44 -16.51
N THR C 564 -22.02 9.52 -16.52
CA THR C 564 -23.40 9.45 -16.08
C THR C 564 -24.23 8.66 -17.08
N PHE C 565 -23.90 8.82 -18.36
CA PHE C 565 -24.64 8.14 -19.41
C PHE C 565 -24.53 6.62 -19.21
N ILE C 566 -23.31 6.09 -19.18
CA ILE C 566 -23.13 4.65 -19.07
C ILE C 566 -23.67 4.12 -17.73
N LYS C 567 -23.55 4.93 -16.69
CA LYS C 567 -24.05 4.55 -15.36
C LYS C 567 -25.57 4.40 -15.35
N ILE C 568 -26.29 5.34 -15.98
CA ILE C 568 -27.74 5.25 -16.08
C ILE C 568 -28.15 4.06 -16.96
N VAL C 569 -27.41 3.86 -18.04
CA VAL C 569 -27.66 2.75 -18.97
C VAL C 569 -27.54 1.39 -18.28
N GLN C 570 -26.49 1.22 -17.48
CA GLN C 570 -26.28 -0.04 -16.77
C GLN C 570 -27.52 -0.42 -15.94
N LYS C 571 -28.17 0.59 -15.37
CA LYS C 571 -29.31 0.38 -14.48
C LYS C 571 -30.67 0.44 -15.16
N CYS C 572 -30.76 1.07 -16.33
CA CYS C 572 -32.04 1.33 -16.97
C CYS C 572 -32.11 0.83 -18.40
N LYS C 573 -31.13 0.03 -18.80
CA LYS C 573 -30.98 -0.44 -20.18
C LYS C 573 -32.27 -0.94 -20.81
N TYR C 574 -33.10 -1.63 -20.01
CA TYR C 574 -34.34 -2.21 -20.54
C TYR C 574 -35.24 -1.14 -21.15
N HIS C 575 -35.16 0.08 -20.63
CA HIS C 575 -36.06 1.14 -21.10
C HIS C 575 -35.54 1.82 -22.37
N PHE C 576 -34.37 1.39 -22.83
CA PHE C 576 -33.77 1.89 -24.07
C PHE C 576 -34.02 0.93 -25.22
N VAL C 577 -34.26 -0.34 -24.89
CA VAL C 577 -34.35 -1.40 -25.90
C VAL C 577 -35.79 -1.66 -26.31
N ILE C 578 -36.73 -1.41 -25.39
CA ILE C 578 -38.15 -1.58 -25.70
C ILE C 578 -38.70 -0.29 -26.27
N GLN C 579 -39.77 -0.43 -27.05
CA GLN C 579 -40.48 0.71 -27.60
C GLN C 579 -41.41 1.29 -26.55
N GLN C 580 -41.11 2.51 -26.10
CA GLN C 580 -41.90 3.17 -25.08
C GLN C 580 -43.23 3.65 -25.65
N PRO C 581 -44.28 3.70 -24.82
CA PRO C 581 -45.53 4.32 -25.27
C PRO C 581 -45.30 5.73 -25.78
N ARG C 582 -46.04 6.13 -26.81
CA ARG C 582 -45.92 7.47 -27.41
C ARG C 582 -44.59 7.67 -28.15
N GLU C 583 -43.86 6.57 -28.36
CA GLU C 583 -42.64 6.60 -29.16
C GLU C 583 -42.79 5.69 -30.38
N SER C 584 -42.16 6.07 -31.48
CA SER C 584 -42.26 5.29 -32.72
C SER C 584 -41.22 4.19 -32.79
N GLU C 585 -40.23 4.23 -31.91
CA GLU C 585 -39.16 3.23 -31.91
C GLU C 585 -38.41 3.16 -30.59
N PRO C 586 -37.74 2.03 -30.32
CA PRO C 586 -36.86 1.95 -29.16
C PRO C 586 -35.82 3.07 -29.19
N PHE C 587 -35.58 3.70 -28.05
CA PHE C 587 -34.71 4.87 -28.00
C PHE C 587 -33.27 4.54 -28.41
N ILE C 588 -32.89 3.27 -28.36
CA ILE C 588 -31.56 2.84 -28.78
C ILE C 588 -31.36 3.11 -30.26
N GLN C 589 -32.43 3.03 -31.05
CA GLN C 589 -32.34 3.33 -32.47
C GLN C 589 -32.07 4.82 -32.66
N THR C 590 -32.71 5.64 -31.84
CA THR C 590 -32.53 7.08 -31.93
C THR C 590 -31.11 7.48 -31.57
N ILE C 591 -30.53 6.83 -30.57
CA ILE C 591 -29.18 7.13 -30.14
C ILE C 591 -28.19 6.78 -31.26
N ILE C 592 -28.44 5.67 -31.95
CA ILE C 592 -27.51 5.19 -32.97
C ILE C 592 -27.58 6.09 -34.21
N ARG C 593 -28.81 6.46 -34.61
CA ARG C 593 -29.02 7.32 -35.78
C ARG C 593 -28.20 8.59 -35.70
N ASP C 594 -28.08 9.15 -34.49
CA ASP C 594 -27.50 10.47 -34.31
C ASP C 594 -26.13 10.42 -33.64
N ILE C 595 -25.53 9.24 -33.59
CA ILE C 595 -24.32 9.02 -32.81
C ILE C 595 -23.13 9.86 -33.28
N GLN C 596 -23.03 10.10 -34.58
CA GLN C 596 -21.91 10.91 -35.10
C GLN C 596 -21.99 12.33 -34.55
N LYS C 597 -23.19 12.89 -34.58
CA LYS C 597 -23.43 14.24 -34.09
C LYS C 597 -23.18 14.32 -32.59
N THR C 598 -23.71 13.36 -31.84
CA THR C 598 -23.60 13.36 -30.39
C THR C 598 -22.15 13.34 -29.89
N THR C 599 -21.33 12.52 -30.53
CA THR C 599 -19.95 12.28 -30.07
C THR C 599 -18.91 13.11 -30.81
N ALA C 600 -19.35 14.02 -31.67
CA ALA C 600 -18.46 14.78 -32.55
C ALA C 600 -17.35 15.52 -31.81
N ASP C 601 -17.66 16.03 -30.61
CA ASP C 601 -16.72 16.86 -29.87
C ASP C 601 -16.00 16.10 -28.76
N LEU C 602 -16.26 14.80 -28.67
CA LEU C 602 -15.64 13.98 -27.65
C LEU C 602 -14.25 13.50 -28.06
N GLN C 603 -13.41 13.26 -27.05
CA GLN C 603 -12.11 12.63 -27.25
C GLN C 603 -12.32 11.13 -27.48
N PRO C 604 -11.33 10.45 -28.07
CA PRO C 604 -11.45 9.02 -28.39
C PRO C 604 -11.90 8.14 -27.21
N GLN C 605 -11.28 8.32 -26.05
CA GLN C 605 -11.65 7.53 -24.85
C GLN C 605 -13.14 7.66 -24.53
N GLN C 606 -13.65 8.88 -24.65
CA GLN C 606 -15.03 9.17 -24.30
C GLN C 606 -16.01 8.58 -25.33
N VAL C 607 -15.59 8.54 -26.59
CA VAL C 607 -16.38 7.92 -27.65
C VAL C 607 -16.51 6.42 -27.36
N HIS C 608 -15.43 5.82 -26.89
CA HIS C 608 -15.43 4.38 -26.63
C HIS C 608 -16.42 4.06 -25.52
N THR C 609 -16.41 4.88 -24.48
CA THR C 609 -17.37 4.75 -23.38
C THR C 609 -18.80 4.82 -23.90
N PHE C 610 -19.05 5.73 -24.85
CA PHE C 610 -20.38 5.90 -25.42
C PHE C 610 -20.81 4.63 -26.15
N TYR C 611 -19.93 4.12 -27.01
CA TYR C 611 -20.19 2.89 -27.75
C TYR C 611 -20.35 1.70 -26.80
N LYS C 612 -19.51 1.60 -25.77
CA LYS C 612 -19.67 0.57 -24.74
C LYS C 612 -21.07 0.63 -24.11
N ALA C 613 -21.52 1.85 -23.81
CA ALA C 613 -22.83 2.03 -23.21
C ALA C 613 -23.91 1.53 -24.18
N CYS C 614 -23.71 1.79 -25.47
CA CYS C 614 -24.68 1.32 -26.46
C CYS C 614 -24.70 -0.22 -26.52
N GLY C 615 -23.53 -0.84 -26.40
CA GLY C 615 -23.43 -2.29 -26.36
C GLY C 615 -24.18 -2.92 -25.19
N ILE C 616 -24.23 -2.22 -24.05
CA ILE C 616 -24.99 -2.70 -22.90
C ILE C 616 -26.46 -2.82 -23.26
N ILE C 617 -26.97 -1.78 -23.93
CA ILE C 617 -28.37 -1.74 -24.31
C ILE C 617 -28.66 -2.82 -25.34
N ILE C 618 -27.81 -2.91 -26.36
CA ILE C 618 -28.05 -3.82 -27.45
C ILE C 618 -28.12 -5.28 -26.97
N SER C 619 -27.37 -5.61 -25.93
CA SER C 619 -27.37 -6.96 -25.39
C SER C 619 -28.65 -7.35 -24.65
N GLU C 620 -29.48 -6.35 -24.32
CA GLU C 620 -30.78 -6.62 -23.72
C GLU C 620 -31.78 -7.11 -24.77
N GLU C 621 -31.58 -6.72 -26.02
CA GLU C 621 -32.39 -7.20 -27.12
C GLU C 621 -32.09 -8.67 -27.35
N ARG C 622 -33.07 -9.54 -27.10
CA ARG C 622 -32.81 -10.98 -27.21
C ARG C 622 -33.39 -11.61 -28.48
N SER C 623 -34.07 -10.82 -29.29
CA SER C 623 -34.30 -11.20 -30.68
C SER C 623 -32.94 -11.11 -31.38
N VAL C 624 -32.43 -12.25 -31.85
CA VAL C 624 -31.10 -12.28 -32.46
C VAL C 624 -31.01 -11.40 -33.71
N ALA C 625 -32.02 -11.48 -34.57
CA ALA C 625 -32.00 -10.72 -35.81
C ALA C 625 -31.96 -9.23 -35.53
N GLU C 626 -32.74 -8.80 -34.55
CA GLU C 626 -32.79 -7.39 -34.19
C GLU C 626 -31.49 -6.96 -33.50
N ARG C 627 -30.98 -7.79 -32.60
CA ARG C 627 -29.74 -7.48 -31.90
C ARG C 627 -28.58 -7.32 -32.86
N ASN C 628 -28.47 -8.24 -33.82
CA ASN C 628 -27.41 -8.15 -34.83
C ASN C 628 -27.56 -6.93 -35.75
N ARG C 629 -28.79 -6.57 -36.07
CA ARG C 629 -29.03 -5.37 -36.86
C ARG C 629 -28.58 -4.13 -36.10
N LEU C 630 -28.98 -4.02 -34.84
CA LEU C 630 -28.54 -2.92 -33.98
C LEU C 630 -27.01 -2.86 -33.90
N LEU C 631 -26.39 -4.02 -33.73
CA LEU C 631 -24.95 -4.10 -33.67
C LEU C 631 -24.31 -3.59 -34.96
N SER C 632 -24.88 -4.00 -36.09
CA SER C 632 -24.41 -3.54 -37.40
C SER C 632 -24.50 -2.04 -37.55
N ASP C 633 -25.61 -1.47 -37.08
CA ASP C 633 -25.86 -0.05 -37.21
C ASP C 633 -24.94 0.74 -36.28
N LEU C 634 -24.68 0.20 -35.08
CA LEU C 634 -23.82 0.86 -34.11
C LEU C 634 -22.40 0.96 -34.63
N MET C 635 -21.95 -0.12 -35.27
CA MET C 635 -20.58 -0.22 -35.76
C MET C 635 -20.41 0.33 -37.17
N GLN C 636 -21.43 1.03 -37.67
CA GLN C 636 -21.42 1.52 -39.05
C GLN C 636 -20.23 2.44 -39.31
N LEU C 637 -20.00 3.41 -38.44
CA LEU C 637 -18.92 4.38 -38.65
C LEU C 637 -17.53 3.76 -38.56
N PRO C 638 -17.23 3.02 -37.46
CA PRO C 638 -15.94 2.34 -37.40
C PRO C 638 -15.71 1.31 -38.51
N ASN C 639 -16.76 0.63 -38.95
CA ASN C 639 -16.62 -0.37 -40.01
C ASN C 639 -16.32 0.27 -41.35
N MET C 640 -16.94 1.42 -41.62
CA MET C 640 -16.65 2.13 -42.86
C MET C 640 -15.22 2.65 -42.86
N ALA C 641 -14.80 3.24 -41.74
CA ALA C 641 -13.43 3.71 -41.57
C ALA C 641 -12.47 2.55 -41.71
N TRP C 642 -12.85 1.42 -41.14
CA TRP C 642 -12.08 0.19 -41.23
C TRP C 642 -11.92 -0.28 -42.68
N ASP C 643 -13.03 -0.46 -43.39
CA ASP C 643 -13.00 -0.92 -44.77
C ASP C 643 -12.12 -0.03 -45.63
N THR C 644 -12.21 1.28 -45.39
CA THR C 644 -11.42 2.25 -46.11
C THR C 644 -9.94 1.99 -45.87
N ILE C 645 -9.55 1.90 -44.60
CA ILE C 645 -8.15 1.71 -44.26
C ILE C 645 -7.60 0.40 -44.77
N VAL C 646 -8.35 -0.68 -44.59
CA VAL C 646 -7.92 -1.99 -45.07
C VAL C 646 -7.64 -1.94 -46.58
N GLU C 647 -8.42 -1.16 -47.32
CA GLU C 647 -8.20 -1.01 -48.75
C GLU C 647 -6.88 -0.28 -49.05
N GLN C 648 -6.71 0.89 -48.45
CA GLN C 648 -5.54 1.71 -48.75
C GLN C 648 -4.32 1.28 -47.94
N SER C 649 -4.54 0.38 -46.97
CA SER C 649 -3.44 -0.15 -46.17
C SER C 649 -2.71 -1.24 -46.96
N THR C 650 -3.48 -2.07 -47.66
CA THR C 650 -2.91 -3.16 -48.45
C THR C 650 -2.49 -2.68 -49.84
N ALA C 651 -2.67 -1.39 -50.09
CA ALA C 651 -2.28 -0.78 -51.36
C ALA C 651 -0.89 -0.17 -51.25
N ASN C 652 -0.63 0.46 -50.11
CA ASN C 652 0.67 1.06 -49.83
C ASN C 652 1.00 0.98 -48.34
N PRO C 653 1.68 -0.09 -47.92
CA PRO C 653 2.02 -0.30 -46.51
C PRO C 653 2.78 0.87 -45.86
N THR C 654 3.23 1.83 -46.63
CA THR C 654 3.91 2.99 -46.07
C THR C 654 2.95 3.87 -45.27
N LEU C 655 1.66 3.80 -45.61
CA LEU C 655 0.62 4.54 -44.87
C LEU C 655 0.71 4.28 -43.38
N LEU C 656 1.04 3.06 -43.00
CA LEU C 656 1.10 2.69 -41.59
C LEU C 656 2.22 3.42 -40.85
N LEU C 657 3.07 4.13 -41.58
CA LEU C 657 4.10 4.95 -40.95
C LEU C 657 3.52 6.34 -40.66
N ASP C 658 2.43 6.67 -41.33
CA ASP C 658 1.69 7.89 -41.04
C ASP C 658 1.03 7.74 -39.69
N SER C 659 1.48 8.54 -38.74
CA SER C 659 0.99 8.50 -37.37
C SER C 659 -0.53 8.64 -37.31
N GLU C 660 -1.10 9.37 -38.26
CA GLU C 660 -2.54 9.58 -38.26
C GLU C 660 -3.31 8.31 -38.59
N THR C 661 -2.83 7.57 -39.59
CA THR C 661 -3.46 6.31 -39.96
C THR C 661 -3.34 5.28 -38.83
N VAL C 662 -2.20 5.28 -38.15
CA VAL C 662 -1.97 4.37 -37.04
C VAL C 662 -2.97 4.67 -35.92
N LYS C 663 -3.16 5.95 -35.63
CA LYS C 663 -4.08 6.37 -34.58
C LYS C 663 -5.53 6.05 -34.92
N ILE C 664 -5.93 6.33 -36.16
CA ILE C 664 -7.24 5.96 -36.62
C ILE C 664 -7.48 4.46 -36.43
N ILE C 665 -6.51 3.64 -36.82
CA ILE C 665 -6.65 2.19 -36.71
C ILE C 665 -6.78 1.74 -35.25
N ALA C 666 -5.90 2.24 -34.38
CA ALA C 666 -5.97 1.89 -32.97
C ALA C 666 -7.35 2.21 -32.40
N ASN C 667 -7.86 3.40 -32.71
CA ASN C 667 -9.14 3.81 -32.18
C ASN C 667 -10.31 2.95 -32.72
N ILE C 668 -10.21 2.48 -33.96
CA ILE C 668 -11.25 1.60 -34.50
C ILE C 668 -11.25 0.32 -33.69
N ILE C 669 -10.06 -0.24 -33.48
N ILE C 669 -10.07 -0.26 -33.50
CA ILE C 669 -9.95 -1.50 -32.75
CA ILE C 669 -9.97 -1.51 -32.75
C ILE C 669 -10.42 -1.32 -31.30
C ILE C 669 -10.44 -1.31 -31.31
N LYS C 670 -10.03 -0.20 -30.70
CA LYS C 670 -10.48 0.13 -29.34
C LYS C 670 -11.99 0.25 -29.27
N THR C 671 -12.61 0.75 -30.34
CA THR C 671 -14.07 0.84 -30.34
C THR C 671 -14.66 -0.57 -30.31
N ASN C 672 -14.05 -1.49 -31.06
CA ASN C 672 -14.52 -2.88 -31.06
C ASN C 672 -14.32 -3.54 -29.69
N VAL C 673 -13.21 -3.25 -29.02
CA VAL C 673 -12.97 -3.79 -27.68
C VAL C 673 -14.02 -3.25 -26.71
N ALA C 674 -14.33 -1.97 -26.80
CA ALA C 674 -15.31 -1.37 -25.91
C ALA C 674 -16.66 -2.07 -26.04
N VAL C 675 -17.14 -2.22 -27.27
CA VAL C 675 -18.43 -2.85 -27.51
C VAL C 675 -18.39 -4.33 -27.15
N CYS C 676 -17.28 -5.01 -27.46
CA CYS C 676 -17.16 -6.42 -27.14
C CYS C 676 -17.13 -6.63 -25.62
N THR C 677 -16.64 -5.63 -24.90
CA THR C 677 -16.56 -5.74 -23.45
C THR C 677 -17.96 -5.83 -22.88
N SER C 678 -18.89 -5.09 -23.49
CA SER C 678 -20.30 -5.05 -23.08
C SER C 678 -21.11 -6.23 -23.58
N MET C 679 -20.83 -6.66 -24.80
CA MET C 679 -21.69 -7.63 -25.46
C MET C 679 -21.20 -9.06 -25.34
N GLY C 680 -19.91 -9.24 -25.06
CA GLY C 680 -19.34 -10.57 -24.93
C GLY C 680 -19.70 -11.51 -26.07
N ALA C 681 -20.42 -12.58 -25.74
CA ALA C 681 -20.79 -13.62 -26.70
C ALA C 681 -21.56 -13.05 -27.88
N ASP C 682 -22.35 -12.02 -27.62
CA ASP C 682 -23.17 -11.43 -28.66
C ASP C 682 -22.34 -10.66 -29.68
N PHE C 683 -21.09 -10.35 -29.37
CA PHE C 683 -20.29 -9.51 -30.25
C PHE C 683 -19.80 -10.28 -31.47
N TYR C 684 -20.01 -11.59 -31.49
CA TYR C 684 -19.39 -12.46 -32.46
C TYR C 684 -19.61 -12.07 -33.94
N PRO C 685 -20.84 -11.70 -34.33
CA PRO C 685 -21.03 -11.33 -35.74
C PRO C 685 -20.14 -10.16 -36.16
N GLN C 686 -19.94 -9.19 -35.25
CA GLN C 686 -19.09 -8.04 -35.55
C GLN C 686 -17.63 -8.47 -35.64
N LEU C 687 -17.21 -9.38 -34.78
CA LEU C 687 -15.85 -9.90 -34.84
C LEU C 687 -15.63 -10.53 -36.20
N GLY C 688 -16.63 -11.28 -36.66
CA GLY C 688 -16.53 -11.96 -37.94
C GLY C 688 -16.40 -11.00 -39.10
N HIS C 689 -16.95 -9.81 -38.95
CA HIS C 689 -16.88 -8.81 -40.01
C HIS C 689 -15.43 -8.40 -40.28
N ILE C 690 -14.62 -8.30 -39.22
CA ILE C 690 -13.29 -7.72 -39.34
C ILE C 690 -12.16 -8.75 -39.15
N TYR C 691 -12.52 -9.95 -38.69
CA TYR C 691 -11.52 -10.88 -38.11
C TYR C 691 -10.34 -11.18 -39.03
N TYR C 692 -10.61 -11.60 -40.25
CA TYR C 692 -9.54 -12.06 -41.13
C TYR C 692 -8.65 -10.90 -41.60
N ASN C 693 -9.26 -9.77 -41.92
CA ASN C 693 -8.50 -8.59 -42.30
C ASN C 693 -7.72 -8.04 -41.11
N MET C 694 -8.25 -8.22 -39.92
CA MET C 694 -7.60 -7.73 -38.71
C MET C 694 -6.31 -8.50 -38.46
N LEU C 695 -6.33 -9.81 -38.69
CA LEU C 695 -5.14 -10.62 -38.47
C LEU C 695 -4.13 -10.35 -39.58
N GLN C 696 -4.61 -10.06 -40.78
CA GLN C 696 -3.71 -9.64 -41.85
C GLN C 696 -3.05 -8.30 -41.49
N LEU C 697 -3.83 -7.39 -40.93
CA LEU C 697 -3.28 -6.13 -40.46
C LEU C 697 -2.21 -6.38 -39.40
N TYR C 698 -2.50 -7.31 -38.49
CA TYR C 698 -1.54 -7.71 -37.46
C TYR C 698 -0.19 -8.11 -38.06
N ARG C 699 -0.23 -8.90 -39.12
CA ARG C 699 1.01 -9.34 -39.79
C ARG C 699 1.74 -8.17 -40.46
N ALA C 700 0.98 -7.29 -41.11
CA ALA C 700 1.56 -6.16 -41.81
C ALA C 700 2.26 -5.22 -40.82
N VAL C 701 1.59 -4.94 -39.72
CA VAL C 701 2.15 -4.11 -38.66
C VAL C 701 3.41 -4.75 -38.08
N SER C 702 3.36 -6.06 -37.88
CA SER C 702 4.48 -6.81 -37.33
C SER C 702 5.72 -6.66 -38.19
N SER C 703 5.53 -6.72 -39.51
CA SER C 703 6.65 -6.57 -40.43
C SER C 703 7.28 -5.19 -40.31
N MET C 704 6.45 -4.16 -40.20
CA MET C 704 6.94 -2.79 -40.11
C MET C 704 7.75 -2.55 -38.83
N ILE C 705 7.27 -3.09 -37.72
CA ILE C 705 8.02 -3.03 -36.48
C ILE C 705 9.39 -3.69 -36.64
N SER C 706 9.40 -4.90 -37.19
CA SER C 706 10.66 -5.61 -37.48
C SER C 706 11.56 -4.79 -38.39
N ALA C 707 10.98 -4.21 -39.45
CA ALA C 707 11.77 -3.44 -40.41
C ALA C 707 12.39 -2.22 -39.76
N GLN C 708 11.62 -1.58 -38.88
CA GLN C 708 12.06 -0.38 -38.18
C GLN C 708 13.21 -0.69 -37.21
N VAL C 709 13.09 -1.80 -36.47
CA VAL C 709 14.13 -2.22 -35.54
C VAL C 709 15.41 -2.59 -36.29
N ALA C 710 15.26 -3.19 -37.45
CA ALA C 710 16.41 -3.53 -38.28
C ALA C 710 17.14 -2.26 -38.76
N ALA C 711 16.38 -1.24 -39.14
CA ALA C 711 16.96 -0.03 -39.74
C ALA C 711 17.45 1.00 -38.72
N GLU C 712 16.88 0.98 -37.51
CA GLU C 712 17.19 2.00 -36.50
C GLU C 712 17.81 1.40 -35.23
N GLY C 713 17.72 0.09 -35.07
CA GLY C 713 18.20 -0.58 -33.87
C GLY C 713 17.09 -0.71 -32.82
N LEU C 714 17.44 -1.26 -31.66
CA LEU C 714 16.47 -1.42 -30.57
C LEU C 714 15.79 -0.13 -30.15
N ILE C 715 16.50 1.00 -30.28
CA ILE C 715 15.96 2.29 -29.87
C ILE C 715 14.64 2.58 -30.56
N ALA C 716 14.45 1.97 -31.73
CA ALA C 716 13.21 2.09 -32.48
C ALA C 716 11.96 1.75 -31.67
N THR C 717 12.09 0.81 -30.72
CA THR C 717 10.95 0.39 -29.90
C THR C 717 10.47 1.49 -28.97
N LYS C 718 11.30 2.51 -28.79
CA LYS C 718 10.96 3.66 -27.95
C LYS C 718 10.30 4.80 -28.73
N THR C 719 10.40 4.77 -30.05
CA THR C 719 9.88 5.84 -30.90
C THR C 719 8.36 5.85 -30.93
N PRO C 720 7.76 7.03 -31.13
CA PRO C 720 6.30 7.11 -31.21
C PRO C 720 5.72 6.23 -32.31
N LYS C 721 6.40 6.18 -33.46
CA LYS C 721 5.95 5.38 -34.60
C LYS C 721 5.76 3.91 -34.24
N VAL C 722 6.81 3.30 -33.68
CA VAL C 722 6.74 1.89 -33.33
C VAL C 722 5.78 1.66 -32.14
N ARG C 723 5.78 2.56 -31.17
CA ARG C 723 4.85 2.42 -30.05
C ARG C 723 3.41 2.49 -30.58
N GLY C 724 3.17 3.34 -31.58
CA GLY C 724 1.87 3.38 -32.24
C GLY C 724 1.52 2.05 -32.90
N LEU C 725 2.51 1.46 -33.58
CA LEU C 725 2.29 0.20 -34.29
C LEU C 725 2.03 -0.95 -33.32
N ARG C 726 2.72 -0.93 -32.20
CA ARG C 726 2.56 -1.99 -31.20
C ARG C 726 1.22 -1.86 -30.48
N THR C 727 0.71 -0.64 -30.39
CA THR C 727 -0.61 -0.43 -29.83
C THR C 727 -1.67 -1.16 -30.67
N ILE C 728 -1.56 -1.08 -31.99
CA ILE C 728 -2.48 -1.81 -32.87
C ILE C 728 -2.43 -3.30 -32.51
N LYS C 729 -1.24 -3.88 -32.49
CA LYS C 729 -1.10 -5.29 -32.16
C LYS C 729 -1.69 -5.63 -30.79
N LYS C 730 -1.41 -4.80 -29.79
CA LYS C 730 -1.89 -5.05 -28.44
C LYS C 730 -3.41 -4.97 -28.37
N GLU C 731 -4.01 -4.00 -29.05
CA GLU C 731 -5.47 -3.88 -29.04
C GLU C 731 -6.13 -5.03 -29.78
N ILE C 732 -5.54 -5.46 -30.90
CA ILE C 732 -6.04 -6.64 -31.61
C ILE C 732 -6.04 -7.87 -30.70
N LEU C 733 -4.96 -8.05 -29.94
CA LEU C 733 -4.86 -9.18 -29.02
C LEU C 733 -5.87 -9.06 -27.89
N LYS C 734 -6.07 -7.83 -27.41
CA LYS C 734 -7.02 -7.56 -26.34
C LYS C 734 -8.44 -7.86 -26.80
N LEU C 735 -8.76 -7.48 -28.03
CA LEU C 735 -10.08 -7.74 -28.60
C LEU C 735 -10.37 -9.24 -28.63
N VAL C 736 -9.40 -10.02 -29.13
CA VAL C 736 -9.58 -11.45 -29.28
C VAL C 736 -9.71 -12.11 -27.91
N GLU C 737 -8.87 -11.66 -26.99
CA GLU C 737 -8.88 -12.16 -25.61
C GLU C 737 -10.21 -11.89 -24.96
N THR C 738 -10.72 -10.69 -25.20
CA THR C 738 -11.96 -10.24 -24.57
C THR C 738 -13.13 -11.06 -25.06
N TYR C 739 -13.12 -11.41 -26.34
CA TYR C 739 -14.22 -12.17 -26.89
C TYR C 739 -14.17 -13.63 -26.43
N ILE C 740 -12.99 -14.23 -26.56
CA ILE C 740 -12.85 -15.65 -26.25
C ILE C 740 -13.15 -15.89 -24.77
N SER C 741 -12.75 -14.96 -23.91
CA SER C 741 -12.99 -15.13 -22.49
C SER C 741 -14.48 -15.15 -22.16
N LYS C 742 -15.32 -14.66 -23.08
CA LYS C 742 -16.76 -14.54 -22.83
C LYS C 742 -17.61 -15.39 -23.78
N ALA C 743 -16.95 -16.05 -24.72
CA ALA C 743 -17.65 -16.82 -25.74
C ALA C 743 -18.46 -17.99 -25.18
N ARG C 744 -19.66 -18.19 -25.73
CA ARG C 744 -20.51 -19.32 -25.34
C ARG C 744 -20.42 -20.46 -26.36
N ASN C 745 -20.07 -20.12 -27.60
CA ASN C 745 -19.92 -21.11 -28.66
C ASN C 745 -18.45 -21.41 -28.89
N LEU C 746 -17.97 -22.46 -28.23
CA LEU C 746 -16.55 -22.79 -28.25
C LEU C 746 -16.19 -23.58 -29.50
N ASP C 747 -17.17 -24.23 -30.12
CA ASP C 747 -16.94 -24.90 -31.40
C ASP C 747 -16.41 -23.88 -32.40
N ASP C 748 -17.07 -22.73 -32.48
CA ASP C 748 -16.66 -21.67 -33.40
C ASP C 748 -15.30 -21.10 -33.04
N VAL C 749 -15.05 -20.94 -31.74
CA VAL C 749 -13.76 -20.42 -31.29
C VAL C 749 -12.66 -21.33 -31.82
N VAL C 750 -12.85 -22.63 -31.62
CA VAL C 750 -11.83 -23.59 -31.99
C VAL C 750 -11.68 -23.67 -33.50
N LYS C 751 -12.80 -23.77 -34.20
CA LYS C 751 -12.78 -24.12 -35.63
C LYS C 751 -12.67 -22.92 -36.56
N VAL C 752 -12.91 -21.72 -36.05
CA VAL C 752 -12.86 -20.51 -36.86
C VAL C 752 -11.80 -19.51 -36.39
N LEU C 753 -11.70 -19.30 -35.09
CA LEU C 753 -10.82 -18.26 -34.56
C LEU C 753 -9.38 -18.72 -34.28
N VAL C 754 -9.20 -19.90 -33.69
CA VAL C 754 -7.92 -20.23 -33.07
C VAL C 754 -6.78 -20.41 -34.07
N GLU C 755 -7.00 -21.20 -35.12
N GLU C 755 -7.00 -21.20 -35.12
CA GLU C 755 -5.91 -21.51 -36.04
CA GLU C 755 -5.91 -21.52 -36.04
C GLU C 755 -5.37 -20.26 -36.73
C GLU C 755 -5.37 -20.26 -36.74
N PRO C 756 -6.25 -19.40 -37.28
CA PRO C 756 -5.76 -18.15 -37.83
C PRO C 756 -4.99 -17.32 -36.80
N LEU C 757 -5.50 -17.29 -35.56
CA LEU C 757 -4.85 -16.51 -34.50
C LEU C 757 -3.43 -17.01 -34.24
N LEU C 758 -3.29 -18.31 -34.07
CA LEU C 758 -2.00 -18.88 -33.70
C LEU C 758 -1.01 -18.65 -34.84
N ASN C 759 -1.48 -18.80 -36.08
N ASN C 759 -1.48 -18.80 -36.08
CA ASN C 759 -0.59 -18.61 -37.21
CA ASN C 759 -0.60 -18.62 -37.22
C ASN C 759 -0.19 -17.16 -37.38
C ASN C 759 -0.14 -17.16 -37.31
N ALA C 760 -1.01 -16.24 -36.89
CA ALA C 760 -0.72 -14.82 -36.96
C ALA C 760 0.26 -14.36 -35.89
N VAL C 761 0.21 -14.94 -34.70
CA VAL C 761 0.94 -14.39 -33.54
C VAL C 761 2.15 -15.18 -33.04
N LEU C 762 2.15 -16.50 -33.21
CA LEU C 762 3.16 -17.34 -32.54
C LEU C 762 4.55 -17.21 -33.16
N GLU C 763 4.65 -17.41 -34.47
CA GLU C 763 5.94 -17.32 -35.14
C GLU C 763 6.50 -15.90 -35.03
N ASP C 764 5.63 -14.90 -35.18
CA ASP C 764 6.04 -13.51 -35.05
C ASP C 764 6.69 -13.25 -33.69
N TYR C 765 6.08 -13.79 -32.63
CA TYR C 765 6.62 -13.67 -31.28
C TYR C 765 7.99 -14.33 -31.19
N MET C 766 8.06 -15.59 -31.63
CA MET C 766 9.28 -16.38 -31.50
C MET C 766 10.46 -15.73 -32.21
N ASN C 767 10.21 -15.15 -33.39
CA ASN C 767 11.30 -14.76 -34.27
C ASN C 767 11.62 -13.27 -34.22
N ASN C 768 10.99 -12.58 -33.28
CA ASN C 768 11.35 -11.21 -32.96
C ASN C 768 12.42 -11.19 -31.89
N VAL C 769 13.24 -10.15 -31.87
CA VAL C 769 14.23 -10.01 -30.81
C VAL C 769 13.47 -9.74 -29.51
N PRO C 770 14.05 -10.11 -28.36
CA PRO C 770 13.35 -9.97 -27.07
C PRO C 770 12.66 -8.62 -26.82
N ASP C 771 13.29 -7.50 -27.16
CA ASP C 771 12.71 -6.18 -26.90
C ASP C 771 11.50 -5.86 -27.77
N ALA C 772 11.25 -6.68 -28.79
CA ALA C 772 10.13 -6.45 -29.70
C ALA C 772 8.97 -7.40 -29.45
N ARG C 773 9.15 -8.34 -28.54
CA ARG C 773 8.09 -9.31 -28.23
C ARG C 773 7.04 -8.72 -27.30
N ASP C 774 5.77 -8.86 -27.67
CA ASP C 774 4.68 -8.34 -26.85
C ASP C 774 4.25 -9.36 -25.81
N ALA C 775 4.34 -8.99 -24.54
CA ALA C 775 3.91 -9.85 -23.45
C ALA C 775 2.42 -10.18 -23.53
N GLU C 776 1.66 -9.29 -24.19
CA GLU C 776 0.23 -9.49 -24.42
C GLU C 776 -0.07 -10.80 -25.18
N VAL C 777 0.88 -11.23 -26.00
CA VAL C 777 0.71 -12.50 -26.72
C VAL C 777 0.56 -13.62 -25.71
N LEU C 778 1.39 -13.61 -24.67
CA LEU C 778 1.32 -14.63 -23.63
C LEU C 778 -0.05 -14.56 -22.94
N ASN C 779 -0.48 -13.35 -22.60
CA ASN C 779 -1.76 -13.12 -21.94
C ASN C 779 -2.92 -13.62 -22.80
N CYS C 780 -2.85 -13.35 -24.09
CA CYS C 780 -3.90 -13.80 -25.00
C CYS C 780 -3.92 -15.33 -25.03
N MET C 781 -2.74 -15.94 -25.11
CA MET C 781 -2.64 -17.39 -25.18
C MET C 781 -3.17 -18.04 -23.91
N THR C 782 -3.02 -17.36 -22.78
CA THR C 782 -3.48 -17.92 -21.52
C THR C 782 -5.00 -18.05 -21.56
N THR C 783 -5.67 -17.05 -22.13
CA THR C 783 -7.11 -17.10 -22.24
C THR C 783 -7.53 -18.19 -23.22
N VAL C 784 -6.81 -18.32 -24.33
CA VAL C 784 -7.16 -19.35 -25.30
C VAL C 784 -7.10 -20.73 -24.63
N VAL C 785 -6.01 -21.03 -23.94
CA VAL C 785 -5.89 -22.32 -23.27
C VAL C 785 -6.96 -22.49 -22.20
N GLU C 786 -7.25 -21.44 -21.46
CA GLU C 786 -8.24 -21.50 -20.39
C GLU C 786 -9.63 -21.96 -20.87
N LYS C 787 -10.11 -21.40 -21.97
CA LYS C 787 -11.47 -21.63 -22.41
C LYS C 787 -11.61 -22.83 -23.34
N VAL C 788 -10.62 -23.04 -24.21
CA VAL C 788 -10.73 -24.10 -25.20
C VAL C 788 -9.48 -25.00 -25.24
N GLY C 789 -8.62 -24.88 -24.23
CA GLY C 789 -7.38 -25.66 -24.21
C GLY C 789 -7.64 -27.15 -24.33
N HIS C 790 -8.65 -27.64 -23.60
CA HIS C 790 -8.99 -29.06 -23.61
C HIS C 790 -9.36 -29.58 -25.01
N MET C 791 -9.57 -28.67 -25.96
CA MET C 791 -10.07 -29.04 -27.29
C MET C 791 -9.03 -28.86 -28.39
N ILE C 792 -7.86 -28.34 -28.04
CA ILE C 792 -6.81 -28.09 -29.03
C ILE C 792 -5.43 -28.52 -28.54
N PRO C 793 -5.28 -29.80 -28.18
CA PRO C 793 -3.99 -30.29 -27.69
C PRO C 793 -2.84 -30.00 -28.66
N GLN C 794 -3.07 -30.11 -29.97
CA GLN C 794 -2.02 -29.80 -30.92
C GLN C 794 -1.69 -28.32 -30.84
N GLY C 795 -2.71 -27.50 -30.63
CA GLY C 795 -2.55 -26.07 -30.51
C GLY C 795 -1.73 -25.66 -29.31
N VAL C 796 -1.94 -26.34 -28.19
CA VAL C 796 -1.22 -26.03 -26.97
C VAL C 796 0.27 -26.36 -27.14
N ILE C 797 0.56 -27.51 -27.73
CA ILE C 797 1.93 -27.88 -28.05
C ILE C 797 2.60 -26.81 -28.90
N LEU C 798 1.86 -26.29 -29.88
CA LEU C 798 2.37 -25.27 -30.77
C LEU C 798 2.68 -23.97 -30.01
N ILE C 799 1.81 -23.64 -29.06
CA ILE C 799 2.03 -22.48 -28.20
C ILE C 799 3.31 -22.64 -27.39
N LEU C 800 3.47 -23.78 -26.74
CA LEU C 800 4.67 -24.02 -25.94
C LEU C 800 5.94 -23.91 -26.77
N GLN C 801 5.92 -24.54 -27.95
CA GLN C 801 7.11 -24.54 -28.80
C GLN C 801 7.52 -23.11 -29.15
N SER C 802 6.53 -22.27 -29.44
CA SER C 802 6.81 -20.94 -29.94
C SER C 802 7.18 -19.94 -28.83
N VAL C 803 6.71 -20.15 -27.60
CA VAL C 803 6.96 -19.18 -26.54
C VAL C 803 7.74 -19.67 -25.32
N PHE C 804 7.83 -20.98 -25.10
CA PHE C 804 8.43 -21.48 -23.86
C PHE C 804 9.91 -21.16 -23.72
N GLU C 805 10.76 -21.74 -24.57
CA GLU C 805 12.20 -21.53 -24.41
C GLU C 805 12.62 -20.07 -24.62
N CYS C 806 12.11 -19.40 -25.64
CA CYS C 806 12.59 -18.05 -25.92
C CYS C 806 12.15 -17.09 -24.81
N THR C 807 10.97 -17.30 -24.23
CA THR C 807 10.57 -16.46 -23.10
C THR C 807 11.37 -16.77 -21.83
N LEU C 808 11.62 -18.04 -21.56
CA LEU C 808 12.42 -18.43 -20.40
C LEU C 808 13.82 -17.80 -20.46
N ASP C 809 14.41 -17.76 -21.65
CA ASP C 809 15.74 -17.20 -21.79
C ASP C 809 15.75 -15.70 -21.52
N MET C 810 14.61 -15.05 -21.74
CA MET C 810 14.50 -13.62 -21.45
C MET C 810 14.53 -13.37 -19.95
N ILE C 811 13.98 -14.29 -19.17
CA ILE C 811 13.68 -14.00 -17.77
C ILE C 811 14.50 -14.78 -16.76
N ASN C 812 15.48 -15.56 -17.22
CA ASN C 812 16.23 -16.43 -16.32
C ASN C 812 17.65 -15.99 -16.04
N LYS C 813 17.96 -14.71 -16.27
CA LYS C 813 19.28 -14.16 -15.99
C LYS C 813 19.24 -13.27 -14.75
N ASP C 814 18.07 -12.76 -14.42
CA ASP C 814 17.86 -12.02 -13.18
C ASP C 814 16.38 -11.99 -12.86
N PHE C 815 16.02 -11.26 -11.81
CA PHE C 815 14.62 -11.18 -11.39
C PHE C 815 13.93 -9.88 -11.86
N THR C 816 14.66 -9.03 -12.58
CA THR C 816 14.19 -7.67 -12.88
C THR C 816 13.68 -7.48 -14.32
N GLU C 817 14.47 -7.91 -15.30
CA GLU C 817 14.15 -7.66 -16.70
C GLU C 817 12.84 -8.30 -17.15
N TYR C 818 12.15 -7.61 -18.06
CA TYR C 818 10.92 -8.09 -18.69
C TYR C 818 9.88 -8.51 -17.65
N PRO C 819 9.52 -7.58 -16.75
CA PRO C 819 8.61 -7.90 -15.64
C PRO C 819 7.26 -8.42 -16.11
N GLU C 820 6.75 -7.89 -17.22
CA GLU C 820 5.45 -8.30 -17.69
C GLU C 820 5.51 -9.70 -18.29
N HIS C 821 6.53 -9.96 -19.11
CA HIS C 821 6.73 -11.29 -19.70
C HIS C 821 6.85 -12.33 -18.60
N ARG C 822 7.57 -11.96 -17.55
CA ARG C 822 7.76 -12.79 -16.38
C ARG C 822 6.43 -13.27 -15.79
N VAL C 823 5.56 -12.31 -15.50
CA VAL C 823 4.27 -12.60 -14.88
C VAL C 823 3.38 -13.42 -15.81
N GLU C 824 3.28 -13.01 -17.07
CA GLU C 824 2.38 -13.69 -18.00
C GLU C 824 2.88 -15.10 -18.32
N PHE C 825 4.19 -15.25 -18.34
CA PHE C 825 4.83 -16.54 -18.62
C PHE C 825 4.35 -17.62 -17.66
N TYR C 826 4.33 -17.31 -16.37
CA TYR C 826 4.01 -18.33 -15.39
C TYR C 826 2.51 -18.53 -15.31
N LYS C 827 1.75 -17.49 -15.60
CA LYS C 827 0.30 -17.64 -15.75
C LYS C 827 -0.01 -18.59 -16.90
N LEU C 828 0.73 -18.47 -18.00
CA LEU C 828 0.51 -19.34 -19.14
C LEU C 828 0.88 -20.79 -18.79
N LEU C 829 2.04 -21.00 -18.18
CA LEU C 829 2.44 -22.35 -17.78
C LEU C 829 1.45 -22.96 -16.80
N LYS C 830 0.97 -22.14 -15.87
CA LYS C 830 -0.01 -22.56 -14.89
C LYS C 830 -1.26 -23.14 -15.56
N VAL C 831 -1.87 -22.38 -16.48
CA VAL C 831 -3.10 -22.85 -17.10
C VAL C 831 -2.84 -24.05 -18.01
N ILE C 832 -1.68 -24.10 -18.66
CA ILE C 832 -1.35 -25.26 -19.47
C ILE C 832 -1.20 -26.51 -18.60
N ASN C 833 -0.58 -26.35 -17.43
CA ASN C 833 -0.40 -27.46 -16.52
C ASN C 833 -1.75 -27.90 -15.95
N GLU C 834 -2.73 -27.00 -15.92
CA GLU C 834 -4.06 -27.36 -15.42
C GLU C 834 -4.92 -28.02 -16.49
N LYS C 835 -4.95 -27.42 -17.68
CA LYS C 835 -5.96 -27.76 -18.70
C LYS C 835 -5.44 -28.69 -19.78
N SER C 836 -4.12 -28.75 -19.93
N SER C 836 -4.13 -28.75 -19.97
CA SER C 836 -3.53 -29.53 -21.01
CA SER C 836 -3.56 -29.57 -21.02
C SER C 836 -2.17 -30.07 -20.62
C SER C 836 -2.18 -30.09 -20.63
N PHE C 837 -2.13 -30.84 -19.54
CA PHE C 837 -0.87 -31.38 -19.04
C PHE C 837 -0.20 -32.27 -20.07
N ALA C 838 -0.99 -32.86 -20.95
CA ALA C 838 -0.46 -33.73 -22.01
C ALA C 838 0.65 -33.05 -22.79
N ALA C 839 0.60 -31.72 -22.87
CA ALA C 839 1.54 -30.96 -23.68
C ALA C 839 2.96 -31.01 -23.10
N PHE C 840 3.07 -31.08 -21.77
CA PHE C 840 4.37 -31.20 -21.14
C PHE C 840 4.93 -32.62 -21.28
N LEU C 841 4.03 -33.59 -21.43
CA LEU C 841 4.45 -34.98 -21.65
C LEU C 841 5.11 -35.14 -23.01
N GLU C 842 4.70 -34.34 -23.98
CA GLU C 842 5.28 -34.39 -25.33
C GLU C 842 6.64 -33.70 -25.39
N LEU C 843 6.95 -32.86 -24.41
CA LEU C 843 8.22 -32.15 -24.42
C LEU C 843 9.41 -33.11 -24.48
N PRO C 844 10.42 -32.80 -25.32
CA PRO C 844 11.65 -33.59 -25.24
C PRO C 844 12.26 -33.50 -23.84
N PRO C 845 12.90 -34.57 -23.36
CA PRO C 845 13.46 -34.61 -22.00
C PRO C 845 14.21 -33.36 -21.60
N ALA C 846 14.94 -32.76 -22.54
CA ALA C 846 15.74 -31.58 -22.24
C ALA C 846 14.83 -30.39 -21.96
N ALA C 847 13.70 -30.33 -22.67
CA ALA C 847 12.75 -29.25 -22.54
C ALA C 847 11.92 -29.40 -21.27
N PHE C 848 11.60 -30.64 -20.91
CA PHE C 848 10.90 -30.89 -19.67
C PHE C 848 11.79 -30.53 -18.50
N LYS C 849 13.10 -30.70 -18.66
CA LYS C 849 14.04 -30.32 -17.63
C LYS C 849 14.02 -28.80 -17.44
N LEU C 850 13.94 -28.05 -18.53
CA LEU C 850 13.86 -26.59 -18.45
C LEU C 850 12.58 -26.18 -17.75
N PHE C 851 11.51 -26.94 -18.00
CA PHE C 851 10.23 -26.68 -17.36
C PHE C 851 10.38 -26.76 -15.85
N VAL C 852 11.09 -27.78 -15.38
CA VAL C 852 11.29 -27.93 -13.95
C VAL C 852 12.16 -26.79 -13.40
N ASP C 853 13.25 -26.49 -14.11
CA ASP C 853 14.12 -25.35 -13.78
C ASP C 853 13.33 -24.05 -13.67
N ALA C 854 12.35 -23.88 -14.54
CA ALA C 854 11.56 -22.66 -14.60
C ALA C 854 10.66 -22.53 -13.38
N ILE C 855 10.08 -23.64 -12.97
CA ILE C 855 9.22 -23.67 -11.79
C ILE C 855 10.02 -23.29 -10.54
N CYS C 856 11.18 -23.93 -10.35
CA CYS C 856 12.04 -23.61 -9.21
C CYS C 856 12.51 -22.16 -9.25
N TRP C 857 12.89 -21.70 -10.43
CA TRP C 857 13.23 -20.29 -10.63
C TRP C 857 12.08 -19.38 -10.14
N ALA C 858 10.85 -19.79 -10.37
CA ALA C 858 9.71 -19.02 -9.87
C ALA C 858 9.67 -18.97 -8.33
N PHE C 859 10.01 -20.08 -7.65
CA PHE C 859 10.11 -20.11 -6.18
C PHE C 859 10.95 -19.00 -5.60
N LYS C 860 12.06 -18.71 -6.29
CA LYS C 860 13.07 -17.80 -5.78
C LYS C 860 12.75 -16.33 -6.00
N HIS C 861 11.62 -16.04 -6.64
CA HIS C 861 11.21 -14.66 -6.84
C HIS C 861 10.64 -14.08 -5.56
N ASN C 862 10.92 -12.81 -5.30
CA ASN C 862 10.27 -12.05 -4.26
C ASN C 862 8.95 -11.51 -4.80
N ASN C 863 8.94 -11.26 -6.10
CA ASN C 863 7.74 -10.85 -6.81
C ASN C 863 6.61 -11.82 -6.51
N ARG C 864 5.57 -11.30 -5.85
CA ARG C 864 4.48 -12.11 -5.37
C ARG C 864 3.71 -12.75 -6.53
N ASP C 865 3.57 -12.01 -7.63
CA ASP C 865 2.85 -12.51 -8.78
C ASP C 865 3.50 -13.83 -9.23
N VAL C 866 4.82 -13.80 -9.40
CA VAL C 866 5.55 -14.96 -9.90
C VAL C 866 5.65 -16.10 -8.88
N GLU C 867 5.96 -15.76 -7.64
CA GLU C 867 6.19 -16.73 -6.57
C GLU C 867 4.98 -17.66 -6.32
N VAL C 868 3.81 -17.06 -6.18
CA VAL C 868 2.60 -17.82 -5.90
C VAL C 868 2.29 -18.81 -7.03
N ASN C 869 2.43 -18.36 -8.27
CA ASN C 869 2.19 -19.24 -9.41
C ASN C 869 3.24 -20.33 -9.50
N GLY C 870 4.47 -19.99 -9.15
CA GLY C 870 5.55 -20.96 -9.14
C GLY C 870 5.25 -22.11 -8.20
N LEU C 871 4.76 -21.79 -7.00
CA LEU C 871 4.47 -22.80 -5.99
C LEU C 871 3.24 -23.61 -6.39
N GLN C 872 2.25 -22.94 -6.98
CA GLN C 872 1.04 -23.62 -7.43
C GLN C 872 1.34 -24.60 -8.55
N ILE C 873 2.18 -24.19 -9.50
CA ILE C 873 2.53 -25.05 -10.62
C ILE C 873 3.21 -26.31 -10.08
N ALA C 874 4.15 -26.10 -9.17
CA ALA C 874 4.87 -27.20 -8.55
C ALA C 874 3.89 -28.18 -7.92
N LEU C 875 2.94 -27.64 -7.15
CA LEU C 875 1.93 -28.45 -6.48
C LEU C 875 1.05 -29.19 -7.49
N ASP C 876 0.52 -28.46 -8.48
CA ASP C 876 -0.31 -29.05 -9.54
C ASP C 876 0.46 -30.10 -10.36
N LEU C 877 1.75 -29.85 -10.59
CA LEU C 877 2.58 -30.78 -11.34
C LEU C 877 2.75 -32.12 -10.61
N VAL C 878 3.04 -32.05 -9.31
CA VAL C 878 3.15 -33.26 -8.50
C VAL C 878 1.86 -34.07 -8.56
N LYS C 879 0.74 -33.38 -8.44
CA LYS C 879 -0.55 -34.03 -8.51
C LYS C 879 -0.78 -34.65 -9.88
N ASN C 880 -0.43 -33.92 -10.94
CA ASN C 880 -0.54 -34.46 -12.30
C ASN C 880 0.26 -35.76 -12.43
N ILE C 881 1.52 -35.73 -11.97
CA ILE C 881 2.37 -36.92 -11.98
C ILE C 881 1.75 -38.06 -11.15
N GLU C 882 1.19 -37.72 -10.00
CA GLU C 882 0.59 -38.71 -9.12
C GLU C 882 -0.57 -39.44 -9.80
N ARG C 883 -1.40 -38.68 -10.50
CA ARG C 883 -2.58 -39.23 -11.15
C ARG C 883 -2.22 -40.24 -12.26
N MET C 884 -1.00 -40.16 -12.76
CA MET C 884 -0.56 -41.05 -13.82
C MET C 884 -0.41 -42.49 -13.34
N GLY C 885 -0.25 -42.64 -12.03
CA GLY C 885 -0.10 -43.94 -11.42
C GLY C 885 1.30 -44.48 -11.64
N ASN C 886 1.45 -45.79 -11.49
CA ASN C 886 2.74 -46.44 -11.63
C ASN C 886 3.08 -46.69 -13.10
N VAL C 887 3.53 -45.64 -13.77
CA VAL C 887 3.93 -45.73 -15.18
C VAL C 887 5.33 -45.16 -15.35
N PRO C 888 6.01 -45.50 -16.46
CA PRO C 888 7.40 -45.09 -16.71
C PRO C 888 7.68 -43.59 -16.59
N PHE C 889 6.78 -42.76 -17.08
CA PHE C 889 7.01 -41.32 -17.02
C PHE C 889 6.95 -40.81 -15.58
N ALA C 890 6.05 -41.37 -14.78
CA ALA C 890 5.90 -40.95 -13.39
C ALA C 890 7.07 -41.44 -12.57
N ASN C 891 7.50 -42.67 -12.85
CA ASN C 891 8.65 -43.23 -12.15
C ASN C 891 9.91 -42.43 -12.45
N GLU C 892 10.13 -42.12 -13.72
CA GLU C 892 11.31 -41.36 -14.11
C GLU C 892 11.26 -39.96 -13.53
N PHE C 893 10.07 -39.38 -13.46
CA PHE C 893 9.92 -38.03 -12.94
C PHE C 893 10.43 -37.95 -11.50
N HIS C 894 10.08 -38.96 -10.70
CA HIS C 894 10.48 -38.94 -9.30
C HIS C 894 11.97 -39.20 -9.15
N LYS C 895 12.49 -40.13 -9.96
CA LYS C 895 13.92 -40.38 -9.96
C LYS C 895 14.70 -39.12 -10.30
N ASN C 896 14.21 -38.35 -11.27
CA ASN C 896 14.93 -37.18 -11.75
C ASN C 896 14.73 -35.93 -10.91
N TYR C 897 13.52 -35.72 -10.39
CA TYR C 897 13.16 -34.39 -9.92
C TYR C 897 12.56 -34.33 -8.51
N PHE C 898 12.27 -35.47 -7.89
CA PHE C 898 11.65 -35.45 -6.56
C PHE C 898 12.52 -34.72 -5.54
N PHE C 899 13.78 -35.11 -5.42
CA PHE C 899 14.66 -34.48 -4.43
C PHE C 899 15.06 -33.06 -4.85
N ILE C 900 14.93 -32.75 -6.12
CA ILE C 900 15.14 -31.38 -6.57
C ILE C 900 14.03 -30.51 -6.00
N PHE C 901 12.79 -30.99 -6.05
CA PHE C 901 11.68 -30.20 -5.54
C PHE C 901 11.71 -30.11 -4.02
N VAL C 902 12.08 -31.21 -3.38
CA VAL C 902 12.17 -31.21 -1.92
C VAL C 902 13.22 -30.21 -1.45
N SER C 903 14.41 -30.29 -2.02
CA SER C 903 15.50 -29.43 -1.56
C SER C 903 15.32 -27.97 -1.97
N GLU C 904 14.76 -27.71 -3.16
CA GLU C 904 14.52 -26.33 -3.56
C GLU C 904 13.44 -25.70 -2.69
N THR C 905 12.44 -26.49 -2.33
CA THR C 905 11.39 -25.97 -1.47
C THR C 905 11.96 -25.67 -0.07
N PHE C 906 12.84 -26.54 0.42
CA PHE C 906 13.47 -26.33 1.72
C PHE C 906 14.32 -25.07 1.70
N PHE C 907 15.04 -24.86 0.61
CA PHE C 907 15.90 -23.70 0.48
C PHE C 907 15.15 -22.37 0.66
N VAL C 908 14.03 -22.21 -0.02
CA VAL C 908 13.27 -20.95 0.11
C VAL C 908 12.55 -20.88 1.46
N LEU C 909 12.19 -22.03 2.02
CA LEU C 909 11.60 -22.08 3.35
C LEU C 909 12.54 -21.53 4.43
N THR C 910 13.83 -21.77 4.26
CA THR C 910 14.80 -21.52 5.33
C THR C 910 15.75 -20.36 5.08
N ASP C 911 15.65 -19.67 3.96
CA ASP C 911 16.68 -18.65 3.64
C ASP C 911 16.31 -17.24 4.11
N SER C 912 15.13 -17.10 4.72
CA SER C 912 14.67 -15.83 5.27
C SER C 912 14.40 -14.72 4.25
N ASP C 913 14.37 -15.06 2.96
CA ASP C 913 14.11 -14.07 1.93
C ASP C 913 12.82 -14.39 1.17
N HIS C 914 12.07 -15.40 1.63
CA HIS C 914 10.81 -15.78 0.97
C HIS C 914 9.71 -16.10 1.97
N LYS C 915 9.63 -15.30 3.02
CA LYS C 915 8.69 -15.53 4.10
C LYS C 915 7.25 -15.35 3.64
N SER C 916 7.03 -14.56 2.60
CA SER C 916 5.68 -14.33 2.09
C SER C 916 5.08 -15.62 1.51
N GLY C 917 5.93 -16.57 1.14
CA GLY C 917 5.46 -17.81 0.55
C GLY C 917 5.41 -18.98 1.51
N PHE C 918 5.50 -18.71 2.80
CA PHE C 918 5.67 -19.77 3.79
C PHE C 918 4.57 -20.85 3.72
N SER C 919 3.32 -20.42 3.65
CA SER C 919 2.19 -21.35 3.65
C SER C 919 2.18 -22.30 2.45
N LYS C 920 2.44 -21.77 1.26
CA LYS C 920 2.40 -22.60 0.06
C LYS C 920 3.65 -23.45 -0.06
N GLN C 921 4.77 -22.99 0.49
CA GLN C 921 5.97 -23.81 0.60
C GLN C 921 5.70 -24.98 1.51
N ALA C 922 5.05 -24.69 2.63
CA ALA C 922 4.73 -25.72 3.61
C ALA C 922 3.81 -26.76 2.97
N LEU C 923 2.80 -26.29 2.26
CA LEU C 923 1.85 -27.17 1.60
C LEU C 923 2.54 -28.09 0.59
N LEU C 924 3.39 -27.49 -0.24
CA LEU C 924 4.13 -28.27 -1.23
C LEU C 924 5.04 -29.30 -0.57
N LEU C 925 5.71 -28.88 0.50
CA LEU C 925 6.65 -29.78 1.17
C LEU C 925 5.87 -30.93 1.78
N MET C 926 4.74 -30.61 2.39
CA MET C 926 3.94 -31.64 3.04
C MET C 926 3.46 -32.66 2.00
N LYS C 927 3.07 -32.18 0.82
CA LYS C 927 2.63 -33.06 -0.25
C LYS C 927 3.75 -33.99 -0.69
N LEU C 928 4.95 -33.46 -0.86
CA LEU C 928 6.10 -34.25 -1.28
C LEU C 928 6.47 -35.34 -0.27
N ILE C 929 6.50 -34.98 1.00
CA ILE C 929 6.82 -35.94 2.06
C ILE C 929 5.73 -37.01 2.19
N SER C 930 4.47 -36.61 2.02
CA SER C 930 3.37 -37.56 2.18
C SER C 930 3.42 -38.63 1.09
N LEU C 931 3.88 -38.27 -0.11
CA LEU C 931 4.02 -39.24 -1.21
C LEU C 931 4.87 -40.44 -0.81
N VAL C 932 5.89 -40.21 0.02
CA VAL C 932 6.79 -41.27 0.41
C VAL C 932 6.21 -42.09 1.55
N TYR C 933 5.61 -41.43 2.53
CA TYR C 933 5.05 -42.14 3.67
C TYR C 933 3.67 -42.72 3.38
N ASP C 934 3.26 -42.66 2.11
CA ASP C 934 2.07 -43.35 1.64
C ASP C 934 2.44 -44.34 0.53
N ASN C 935 3.73 -44.47 0.27
CA ASN C 935 4.23 -45.34 -0.80
C ASN C 935 3.55 -45.07 -2.14
N LYS C 936 3.34 -43.79 -2.45
CA LYS C 936 2.82 -43.38 -3.75
C LYS C 936 3.91 -43.38 -4.81
N ILE C 937 5.16 -43.52 -4.37
CA ILE C 937 6.30 -43.63 -5.28
C ILE C 937 6.79 -45.06 -5.30
N SER C 938 6.52 -45.75 -6.41
CA SER C 938 6.74 -47.19 -6.51
C SER C 938 8.22 -47.57 -6.58
N VAL C 939 8.97 -46.85 -7.41
CA VAL C 939 10.38 -47.15 -7.61
C VAL C 939 11.25 -46.56 -6.50
N PRO C 940 12.43 -47.13 -6.27
CA PRO C 940 13.36 -46.52 -5.31
C PRO C 940 13.90 -45.18 -5.80
N LEU C 941 14.01 -44.22 -4.88
CA LEU C 941 14.48 -42.88 -5.20
C LEU C 941 15.99 -42.77 -5.15
N TYR C 942 16.64 -43.85 -4.73
CA TYR C 942 18.08 -43.88 -4.55
C TYR C 942 18.77 -44.72 -5.63
N GLN C 943 20.09 -44.67 -5.66
CA GLN C 943 20.89 -45.54 -6.52
C GLN C 943 21.10 -46.88 -5.84
N GLU C 944 21.06 -47.97 -6.61
CA GLU C 944 21.20 -49.31 -6.04
C GLU C 944 22.56 -49.48 -5.36
N ALA C 945 23.49 -48.58 -5.67
CA ALA C 945 24.82 -48.60 -5.08
C ALA C 945 24.88 -47.92 -3.71
N GLU C 946 24.22 -46.78 -3.58
CA GLU C 946 24.38 -45.94 -2.39
C GLU C 946 23.59 -46.39 -1.17
N VAL C 947 22.77 -47.43 -1.31
CA VAL C 947 21.98 -47.93 -0.19
C VAL C 947 21.65 -49.40 -0.39
N PRO C 948 21.53 -50.15 0.72
CA PRO C 948 21.24 -51.59 0.62
C PRO C 948 19.92 -51.89 -0.09
N GLN C 949 19.85 -53.07 -0.69
CA GLN C 949 18.67 -53.49 -1.44
C GLN C 949 17.49 -53.67 -0.48
N GLY C 950 16.31 -53.20 -0.89
CA GLY C 950 15.10 -53.35 -0.11
C GLY C 950 14.85 -52.24 0.88
N THR C 951 15.73 -51.24 0.90
CA THR C 951 15.53 -50.07 1.76
C THR C 951 14.32 -49.29 1.29
N SER C 952 13.46 -48.91 2.23
CA SER C 952 12.29 -48.11 1.90
C SER C 952 12.67 -46.68 1.54
N ASN C 953 11.90 -46.06 0.66
CA ASN C 953 12.09 -44.66 0.34
C ASN C 953 11.94 -43.80 1.58
N GLN C 954 11.17 -44.28 2.54
CA GLN C 954 10.94 -43.56 3.79
C GLN C 954 12.24 -43.40 4.57
N VAL C 955 12.99 -44.49 4.67
CA VAL C 955 14.29 -44.49 5.32
C VAL C 955 15.26 -43.64 4.54
N TYR C 956 15.30 -43.83 3.22
CA TYR C 956 16.21 -43.05 2.40
C TYR C 956 15.89 -41.56 2.44
N LEU C 957 14.61 -41.20 2.49
CA LEU C 957 14.19 -39.80 2.58
C LEU C 957 14.74 -39.13 3.85
N SER C 958 14.67 -39.84 4.97
CA SER C 958 15.17 -39.31 6.23
C SER C 958 16.68 -39.14 6.20
N GLN C 959 17.36 -40.06 5.53
CA GLN C 959 18.81 -39.97 5.37
C GLN C 959 19.19 -38.79 4.50
N TYR C 960 18.54 -38.69 3.35
CA TYR C 960 18.83 -37.61 2.42
C TYR C 960 18.62 -36.26 3.10
N LEU C 961 17.52 -36.13 3.82
CA LEU C 961 17.19 -34.86 4.45
C LEU C 961 18.11 -34.54 5.62
N ALA C 962 18.47 -35.55 6.41
CA ALA C 962 19.38 -35.35 7.53
C ALA C 962 20.73 -34.85 7.02
N ASN C 963 21.23 -35.48 5.96
CA ASN C 963 22.49 -35.08 5.37
C ASN C 963 22.40 -33.67 4.76
N MET C 964 21.28 -33.38 4.10
CA MET C 964 21.05 -32.09 3.46
C MET C 964 21.06 -30.95 4.48
N LEU C 965 20.31 -31.15 5.56
CA LEU C 965 20.22 -30.13 6.62
C LEU C 965 21.54 -30.00 7.39
N SER C 966 22.24 -31.10 7.56
CA SER C 966 23.51 -31.08 8.27
C SER C 966 24.56 -30.24 7.53
N ASN C 967 24.57 -30.35 6.20
CA ASN C 967 25.52 -29.59 5.40
C ASN C 967 25.08 -28.14 5.24
N ALA C 968 23.77 -27.93 5.19
CA ALA C 968 23.22 -26.59 5.02
C ALA C 968 23.25 -25.79 6.34
N PHE C 969 23.07 -26.49 7.46
CA PHE C 969 23.02 -25.88 8.78
C PHE C 969 23.96 -26.63 9.73
N PRO C 970 25.28 -26.46 9.53
CA PRO C 970 26.25 -27.30 10.23
C PRO C 970 26.30 -27.07 11.73
N HIS C 971 25.68 -26.00 12.20
CA HIS C 971 25.75 -25.68 13.64
C HIS C 971 24.65 -26.39 14.42
N LEU C 972 23.77 -27.10 13.71
CA LEU C 972 22.76 -27.93 14.36
C LEU C 972 23.36 -29.25 14.78
N THR C 973 22.92 -29.79 15.92
CA THR C 973 23.33 -31.12 16.33
C THR C 973 22.57 -32.16 15.53
N SER C 974 23.16 -33.32 15.39
CA SER C 974 22.53 -34.44 14.70
C SER C 974 21.18 -34.75 15.34
N GLU C 975 21.12 -34.58 16.66
CA GLU C 975 19.92 -34.88 17.43
C GLU C 975 18.78 -33.93 17.08
N GLN C 976 19.08 -32.64 16.95
CA GLN C 976 18.10 -31.65 16.51
C GLN C 976 17.49 -32.01 15.16
N ILE C 977 18.36 -32.23 14.18
CA ILE C 977 17.95 -32.61 12.84
C ILE C 977 17.07 -33.85 12.86
N ALA C 978 17.50 -34.88 13.59
CA ALA C 978 16.76 -36.14 13.64
C ALA C 978 15.39 -35.96 14.28
N SER C 979 15.29 -35.14 15.32
CA SER C 979 14.03 -34.89 16.00
C SER C 979 13.10 -34.03 15.16
N PHE C 980 13.67 -33.04 14.50
CA PHE C 980 12.90 -32.22 13.56
C PHE C 980 12.24 -33.08 12.48
N LEU C 981 13.04 -33.93 11.83
CA LEU C 981 12.54 -34.72 10.70
C LEU C 981 11.55 -35.78 11.17
N SER C 982 11.80 -36.34 12.35
CA SER C 982 10.89 -37.30 12.94
C SER C 982 9.52 -36.67 13.13
N ALA C 983 9.49 -35.51 13.75
CA ALA C 983 8.26 -34.77 13.96
C ALA C 983 7.62 -34.39 12.64
N LEU C 984 8.41 -33.77 11.78
CA LEU C 984 7.91 -33.26 10.51
C LEU C 984 7.22 -34.34 9.67
N THR C 985 7.87 -35.49 9.50
CA THR C 985 7.34 -36.54 8.64
C THR C 985 6.09 -37.18 9.25
N LYS C 986 6.10 -37.37 10.56
CA LYS C 986 4.96 -37.96 11.23
C LYS C 986 3.74 -37.03 11.27
N GLN C 987 3.96 -35.75 10.99
CA GLN C 987 2.90 -34.74 11.03
C GLN C 987 2.47 -34.34 9.62
N CYS C 988 2.85 -35.12 8.62
CA CYS C 988 2.66 -34.72 7.23
C CYS C 988 1.21 -34.87 6.73
N LYS C 989 0.29 -35.23 7.62
CA LYS C 989 -1.14 -35.24 7.32
C LYS C 989 -1.88 -34.13 8.09
N ASP C 990 -1.13 -33.23 8.70
CA ASP C 990 -1.68 -32.20 9.58
C ASP C 990 -0.98 -30.87 9.31
N LEU C 991 -1.57 -30.07 8.42
CA LEU C 991 -0.91 -28.88 7.88
C LEU C 991 -0.61 -27.82 8.94
N VAL C 992 -1.56 -27.57 9.83
CA VAL C 992 -1.36 -26.57 10.88
C VAL C 992 -0.23 -26.98 11.81
N VAL C 993 -0.15 -28.27 12.16
CA VAL C 993 0.88 -28.75 13.07
C VAL C 993 2.24 -28.79 12.37
N PHE C 994 2.25 -29.37 11.16
CA PHE C 994 3.39 -29.37 10.25
C PHE C 994 4.00 -27.96 10.14
N LYS C 995 3.15 -26.97 9.85
CA LYS C 995 3.62 -25.60 9.72
C LYS C 995 4.25 -25.13 11.02
N GLY C 996 3.69 -25.56 12.14
CA GLY C 996 4.23 -25.18 13.44
C GLY C 996 5.64 -25.71 13.63
N THR C 997 5.85 -26.95 13.20
CA THR C 997 7.15 -27.58 13.34
C THR C 997 8.18 -26.88 12.44
N LEU C 998 7.77 -26.47 11.24
CA LEU C 998 8.64 -25.69 10.39
C LEU C 998 9.02 -24.38 11.05
N ARG C 999 8.06 -23.70 11.69
N ARG C 999 8.06 -23.71 11.68
CA ARG C 999 8.34 -22.43 12.37
CA ARG C 999 8.31 -22.45 12.37
C ARG C 999 9.33 -22.63 13.52
C ARG C 999 9.33 -22.65 13.49
N ASP C 1000 9.15 -23.72 14.26
CA ASP C 1000 10.06 -24.05 15.35
C ASP C 1000 11.47 -24.24 14.79
N PHE C 1001 11.56 -24.94 13.65
CA PHE C 1001 12.85 -25.16 12.99
C PHE C 1001 13.48 -23.85 12.55
N LEU C 1002 12.69 -22.93 12.02
CA LEU C 1002 13.22 -21.63 11.58
C LEU C 1002 13.75 -20.81 12.74
N VAL C 1003 13.17 -21.00 13.92
CA VAL C 1003 13.69 -20.37 15.13
C VAL C 1003 15.05 -20.97 15.51
N GLN C 1004 15.11 -22.30 15.54
CA GLN C 1004 16.30 -22.97 16.06
C GLN C 1004 17.53 -22.78 15.18
N ILE C 1005 17.34 -22.67 13.87
CA ILE C 1005 18.50 -22.44 13.00
C ILE C 1005 19.12 -21.06 13.22
N LYS C 1006 18.42 -20.17 13.91
CA LYS C 1006 18.92 -18.82 14.14
C LYS C 1006 19.88 -18.79 15.33
N GLU C 1007 19.95 -19.90 16.06
CA GLU C 1007 20.77 -19.94 17.27
C GLU C 1007 21.53 -21.25 17.38
N VAL C 1008 22.30 -21.36 18.45
CA VAL C 1008 23.06 -22.55 18.77
C VAL C 1008 22.50 -23.22 20.03
N GLY C 1009 22.37 -24.54 19.97
CA GLY C 1009 22.01 -25.32 21.14
C GLY C 1009 20.52 -25.42 21.37
N GLY C 1010 19.74 -25.36 20.30
CA GLY C 1010 18.29 -25.48 20.42
C GLY C 1010 17.92 -26.83 20.99
N ASP C 1011 16.82 -26.89 21.73
CA ASP C 1011 16.39 -28.11 22.40
C ASP C 1011 15.67 -29.05 21.43
N PRO C 1012 16.23 -30.24 21.19
CA PRO C 1012 15.55 -31.15 20.26
C PRO C 1012 14.19 -31.64 20.75
N THR C 1013 13.91 -31.58 22.05
CA THR C 1013 12.63 -32.03 22.56
C THR C 1013 11.50 -31.04 22.20
N ASP C 1014 11.85 -29.82 21.82
CA ASP C 1014 10.86 -28.83 21.37
C ASP C 1014 9.97 -29.42 20.29
N TYR C 1015 10.53 -30.28 19.46
CA TYR C 1015 9.78 -30.83 18.33
C TYR C 1015 8.75 -31.89 18.75
N LEU C 1016 8.72 -32.22 20.04
CA LEU C 1016 7.66 -33.08 20.58
C LEU C 1016 6.46 -32.29 21.07
N PHE C 1017 6.41 -30.99 20.77
CA PHE C 1017 5.38 -30.12 21.33
C PHE C 1017 3.98 -30.59 20.97
N ALA C 1018 3.74 -30.85 19.69
CA ALA C 1018 2.42 -31.29 19.24
C ALA C 1018 2.20 -32.76 19.60
N GLY D 5 -47.47 14.64 -13.72
CA GLY D 5 -48.07 15.88 -13.27
C GLY D 5 -47.03 16.95 -13.02
N LYS D 6 -46.48 16.96 -11.81
CA LYS D 6 -45.38 17.87 -11.46
C LYS D 6 -44.06 17.32 -11.96
N ILE D 7 -44.09 16.10 -12.49
CA ILE D 7 -42.89 15.47 -13.08
C ILE D 7 -42.66 15.94 -14.50
N GLU D 8 -43.73 16.23 -15.22
CA GLU D 8 -43.62 16.78 -16.56
C GLU D 8 -43.06 18.21 -16.48
N GLU D 9 -43.44 18.92 -15.42
CA GLU D 9 -42.89 20.24 -15.15
C GLU D 9 -41.42 20.14 -14.79
N LEU D 10 -41.07 19.12 -14.03
CA LEU D 10 -39.68 18.86 -13.68
C LEU D 10 -38.84 18.60 -14.94
N ALA D 11 -39.38 17.82 -15.88
CA ALA D 11 -38.71 17.56 -17.14
C ALA D 11 -38.52 18.85 -17.93
N GLN D 12 -39.57 19.65 -18.06
CA GLN D 12 -39.48 20.93 -18.75
C GLN D 12 -38.41 21.79 -18.11
N ASN D 13 -38.38 21.77 -16.77
CA ASN D 13 -37.43 22.53 -15.98
C ASN D 13 -36.00 22.08 -16.23
N PHE D 14 -35.82 20.76 -16.37
CA PHE D 14 -34.51 20.16 -16.59
C PHE D 14 -33.92 20.58 -17.96
N GLU D 15 -34.79 20.71 -18.97
CA GLU D 15 -34.38 21.09 -20.32
C GLU D 15 -33.77 22.49 -20.40
N THR D 16 -34.19 23.38 -19.50
CA THR D 16 -33.77 24.77 -19.54
C THR D 16 -32.38 24.98 -18.95
N GLU D 18 -28.65 25.18 -18.86
CA GLU D 18 -27.54 25.31 -19.80
C GLU D 18 -26.41 26.12 -19.18
N PHE D 19 -25.26 26.15 -19.84
CA PHE D 19 -24.06 26.77 -19.26
C PHE D 19 -23.97 28.28 -19.53
N SER D 20 -24.47 28.72 -20.68
CA SER D 20 -24.46 30.15 -21.02
C SER D 20 -25.86 30.59 -21.45
#